data_1X37
#
_entry.id   1X37
#
_entity_poly.entity_id   1
_entity_poly.type   'polypeptide(L)'
_entity_poly.pdbx_seq_one_letter_code
;MAGYTEIEKLEIVKDHLLPKQIKEHGLKKSNLQLRDQAILDIIRYYTREAGVRSLERQLAAICRKAAKAIVAEERKRITV
TEKNLQDFIGKRIFRYGQAETEDQVGVVTGLAYTTVLRHHHHHH
;
_entity_poly.pdbx_strand_id   A
#
# COMPACT_ATOMS: atom_id res chain seq x y z
N ALA A 2 10.03 -22.13 -1.10
CA ALA A 2 9.25 -21.79 -2.31
C ALA A 2 7.89 -22.48 -2.27
N GLY A 3 6.85 -21.75 -1.95
CA GLY A 3 5.49 -22.36 -1.89
C GLY A 3 4.47 -21.30 -1.47
N TYR A 4 4.49 -20.17 -2.11
CA TYR A 4 3.52 -19.09 -1.74
C TYR A 4 2.23 -19.27 -2.55
N THR A 5 1.11 -19.27 -1.90
CA THR A 5 -0.18 -19.44 -2.63
C THR A 5 -0.99 -18.15 -2.54
N GLU A 6 -1.85 -17.90 -3.48
CA GLU A 6 -2.67 -16.66 -3.44
C GLU A 6 -3.29 -16.49 -2.04
N ILE A 7 -3.73 -17.58 -1.46
CA ILE A 7 -4.35 -17.48 -0.11
C ILE A 7 -3.34 -16.90 0.89
N GLU A 8 -2.22 -17.54 1.06
CA GLU A 8 -1.21 -17.01 2.03
C GLU A 8 -1.02 -15.51 1.80
N LYS A 9 -0.62 -15.12 0.62
CA LYS A 9 -0.42 -13.67 0.34
C LYS A 9 -1.67 -12.90 0.75
N LEU A 10 -2.83 -13.44 0.52
CA LEU A 10 -4.08 -12.73 0.90
C LEU A 10 -4.14 -12.59 2.41
N GLU A 11 -3.83 -13.62 3.14
CA GLU A 11 -3.88 -13.55 4.62
C GLU A 11 -2.96 -12.43 5.12
N ILE A 12 -1.70 -12.49 4.79
CA ILE A 12 -0.75 -11.43 5.24
C ILE A 12 -1.12 -10.09 4.59
N VAL A 13 -1.04 -10.02 3.30
CA VAL A 13 -1.36 -8.74 2.59
C VAL A 13 -2.57 -8.06 3.24
N LYS A 14 -3.53 -8.81 3.67
CA LYS A 14 -4.73 -8.17 4.30
C LYS A 14 -4.47 -7.79 5.76
N ASP A 15 -3.77 -8.62 6.49
CA ASP A 15 -3.52 -8.29 7.93
C ASP A 15 -2.36 -7.30 8.09
N HIS A 16 -1.21 -7.63 7.56
CA HIS A 16 -0.02 -6.74 7.71
C HIS A 16 -0.30 -5.30 7.25
N LEU A 17 -1.05 -5.11 6.20
CA LEU A 17 -1.30 -3.72 5.73
C LEU A 17 -1.59 -2.78 6.90
N LEU A 18 -2.29 -3.22 7.92
CA LEU A 18 -2.61 -2.30 9.04
C LEU A 18 -1.44 -2.16 10.03
N PRO A 19 -0.96 -3.23 10.61
CA PRO A 19 0.17 -3.16 11.59
C PRO A 19 1.50 -2.81 10.93
N LYS A 20 1.86 -3.50 9.88
CA LYS A 20 3.15 -3.19 9.20
C LYS A 20 3.23 -1.69 8.88
N GLN A 21 2.59 -1.27 7.83
CA GLN A 21 2.63 0.17 7.45
C GLN A 21 2.52 1.05 8.70
N ILE A 22 1.54 0.82 9.52
CA ILE A 22 1.36 1.66 10.75
C ILE A 22 2.67 1.71 11.53
N LYS A 23 3.39 0.62 11.62
CA LYS A 23 4.66 0.63 12.40
C LYS A 23 5.74 1.44 11.68
N GLU A 24 6.38 0.86 10.70
CA GLU A 24 7.44 1.62 9.96
C GLU A 24 6.98 3.05 9.78
N HIS A 25 5.73 3.25 9.48
CA HIS A 25 5.20 4.63 9.30
C HIS A 25 4.90 5.23 10.67
N GLY A 26 4.40 4.43 11.56
CA GLY A 26 4.08 4.92 12.93
C GLY A 26 5.17 5.89 13.40
N LEU A 27 6.41 5.61 13.07
CA LEU A 27 7.51 6.51 13.50
C LEU A 27 7.01 7.96 13.48
N LYS A 28 6.25 8.34 12.48
CA LYS A 28 5.73 9.72 12.42
C LYS A 28 4.29 9.72 12.92
N LYS A 29 3.78 10.86 13.32
CA LYS A 29 2.37 10.89 13.81
C LYS A 29 1.51 9.99 12.93
N SER A 30 0.60 9.25 13.52
CA SER A 30 -0.27 8.35 12.71
C SER A 30 -0.53 8.98 11.34
N ASN A 31 0.25 8.65 10.37
CA ASN A 31 0.06 9.24 9.02
C ASN A 31 -0.25 8.14 8.00
N LEU A 32 -1.32 7.41 8.20
CA LEU A 32 -1.66 6.32 7.23
C LEU A 32 -3.13 5.94 7.37
N GLN A 33 -3.90 6.09 6.32
CA GLN A 33 -5.34 5.72 6.38
C GLN A 33 -5.76 5.19 5.01
N LEU A 34 -5.30 4.03 4.64
CA LEU A 34 -5.66 3.47 3.31
C LEU A 34 -6.91 2.60 3.44
N ARG A 35 -7.39 2.09 2.34
CA ARG A 35 -8.61 1.24 2.38
C ARG A 35 -8.26 -0.15 1.81
N ASP A 36 -9.12 -1.11 2.01
CA ASP A 36 -8.84 -2.47 1.50
C ASP A 36 -8.93 -2.47 -0.03
N GLN A 37 -9.97 -1.88 -0.57
CA GLN A 37 -10.13 -1.83 -2.05
C GLN A 37 -8.80 -1.41 -2.69
N ALA A 38 -8.11 -0.48 -2.09
CA ALA A 38 -6.81 -0.02 -2.68
C ALA A 38 -5.82 -1.18 -2.70
N ILE A 39 -5.36 -1.61 -1.56
CA ILE A 39 -4.37 -2.73 -1.52
C ILE A 39 -4.74 -3.79 -2.57
N LEU A 40 -6.00 -4.10 -2.71
CA LEU A 40 -6.41 -5.13 -3.70
C LEU A 40 -6.30 -4.56 -5.11
N ASP A 41 -6.67 -3.32 -5.29
CA ASP A 41 -6.59 -2.70 -6.64
C ASP A 41 -5.13 -2.63 -7.09
N ILE A 42 -4.32 -1.88 -6.38
CA ILE A 42 -2.89 -1.78 -6.78
C ILE A 42 -2.35 -3.17 -7.16
N ILE A 43 -2.16 -4.03 -6.20
CA ILE A 43 -1.64 -5.39 -6.51
C ILE A 43 -2.38 -5.98 -7.72
N ARG A 44 -3.67 -5.77 -7.79
CA ARG A 44 -4.46 -6.33 -8.93
C ARG A 44 -3.93 -5.75 -10.25
N TYR A 45 -3.59 -4.49 -10.27
CA TYR A 45 -3.09 -3.88 -11.53
C TYR A 45 -1.63 -4.30 -11.75
N TYR A 46 -0.86 -4.36 -10.70
CA TYR A 46 0.58 -4.74 -10.85
C TYR A 46 0.69 -6.27 -10.80
N THR A 47 0.26 -6.88 -9.72
CA THR A 47 0.37 -8.36 -9.63
C THR A 47 1.78 -8.79 -10.05
N ARG A 48 2.66 -7.84 -10.25
CA ARG A 48 4.05 -8.18 -10.66
C ARG A 48 4.92 -8.34 -9.42
N GLU A 49 5.59 -9.46 -9.27
CA GLU A 49 6.45 -9.66 -8.07
C GLU A 49 7.02 -11.07 -8.07
N ALA A 50 7.99 -11.32 -7.24
CA ALA A 50 8.60 -12.68 -7.16
C ALA A 50 8.56 -13.15 -5.71
N GLY A 51 7.54 -12.79 -4.99
CA GLY A 51 7.43 -13.21 -3.56
C GLY A 51 6.67 -12.14 -2.79
N VAL A 52 6.10 -12.49 -1.67
CA VAL A 52 5.33 -11.48 -0.88
C VAL A 52 6.27 -10.36 -0.42
N ARG A 53 7.44 -10.71 0.04
CA ARG A 53 8.39 -9.65 0.51
C ARG A 53 8.31 -8.45 -0.43
N SER A 54 8.47 -8.67 -1.71
CA SER A 54 8.40 -7.54 -2.67
C SER A 54 7.02 -6.91 -2.61
N LEU A 55 6.00 -7.72 -2.71
CA LEU A 55 4.61 -7.17 -2.64
C LEU A 55 4.54 -6.20 -1.46
N GLU A 56 4.75 -6.68 -0.27
CA GLU A 56 4.71 -5.78 0.91
C GLU A 56 5.53 -4.53 0.60
N ARG A 57 6.64 -4.69 -0.05
CA ARG A 57 7.50 -3.52 -0.38
C ARG A 57 6.72 -2.57 -1.29
N GLN A 58 5.97 -3.09 -2.22
CA GLN A 58 5.18 -2.21 -3.12
C GLN A 58 4.18 -1.42 -2.27
N LEU A 59 3.46 -2.09 -1.42
CA LEU A 59 2.47 -1.38 -0.56
C LEU A 59 3.20 -0.36 0.30
N ALA A 60 4.23 -0.77 0.99
CA ALA A 60 4.99 0.20 1.83
C ALA A 60 5.44 1.36 0.94
N ALA A 61 5.82 1.07 -0.27
CA ALA A 61 6.27 2.15 -1.19
C ALA A 61 5.16 3.21 -1.33
N ILE A 62 3.98 2.80 -1.69
CA ILE A 62 2.87 3.79 -1.84
C ILE A 62 2.57 4.41 -0.48
N CYS A 63 2.50 3.60 0.54
CA CYS A 63 2.19 4.14 1.90
C CYS A 63 3.18 5.25 2.25
N ARG A 64 4.41 4.92 2.51
CA ARG A 64 5.41 5.98 2.86
C ARG A 64 5.46 7.03 1.75
N LYS A 65 5.56 6.62 0.51
CA LYS A 65 5.59 7.62 -0.59
C LYS A 65 4.58 8.69 -0.24
N ALA A 66 3.47 8.29 0.30
CA ALA A 66 2.43 9.27 0.71
C ALA A 66 2.91 9.98 1.98
N ALA A 67 3.55 9.27 2.87
CA ALA A 67 4.05 9.90 4.12
C ALA A 67 4.96 11.08 3.76
N LYS A 68 5.80 10.90 2.77
CA LYS A 68 6.71 12.02 2.37
C LYS A 68 5.89 13.28 2.12
N ALA A 69 4.75 13.13 1.51
CA ALA A 69 3.89 14.31 1.23
C ALA A 69 3.57 15.04 2.53
N ILE A 70 4.08 14.55 3.63
CA ILE A 70 3.81 15.22 4.94
C ILE A 70 3.97 16.73 4.78
N VAL A 71 4.50 17.17 3.67
CA VAL A 71 4.69 18.63 3.46
C VAL A 71 3.43 19.21 2.82
N ALA A 72 2.29 18.66 3.12
CA ALA A 72 1.02 19.20 2.52
C ALA A 72 0.56 20.41 3.33
N GLU A 73 -0.64 20.86 3.09
CA GLU A 73 -1.14 22.05 3.84
C GLU A 73 -1.23 21.71 5.33
N GLU A 74 -2.15 20.85 5.69
CA GLU A 74 -2.28 20.48 7.13
C GLU A 74 -3.21 19.26 7.26
N ARG A 75 -3.61 18.69 6.16
CA ARG A 75 -4.50 17.50 6.22
C ARG A 75 -3.78 16.35 6.92
N LYS A 76 -4.16 16.04 8.12
CA LYS A 76 -3.49 14.93 8.85
C LYS A 76 -4.02 13.59 8.35
N ARG A 77 -3.38 12.52 8.69
CA ARG A 77 -3.85 11.18 8.24
C ARG A 77 -3.96 11.16 6.71
N ILE A 78 -3.04 10.52 6.04
CA ILE A 78 -3.11 10.47 4.56
C ILE A 78 -4.09 9.38 4.13
N THR A 79 -5.14 9.75 3.45
CA THR A 79 -6.14 8.73 3.02
C THR A 79 -5.72 8.16 1.67
N VAL A 80 -5.56 6.86 1.58
CA VAL A 80 -5.16 6.25 0.29
C VAL A 80 -6.33 5.41 -0.25
N THR A 81 -7.41 6.04 -0.61
CA THR A 81 -8.57 5.30 -1.14
C THR A 81 -8.19 4.68 -2.49
N GLU A 82 -9.15 4.17 -3.21
CA GLU A 82 -8.84 3.56 -4.53
C GLU A 82 -8.48 4.67 -5.52
N LYS A 83 -8.95 5.86 -5.28
CA LYS A 83 -8.63 6.99 -6.20
C LYS A 83 -7.22 7.50 -5.90
N ASN A 84 -7.01 8.03 -4.73
CA ASN A 84 -5.65 8.53 -4.37
C ASN A 84 -4.62 7.49 -4.78
N LEU A 85 -4.91 6.23 -4.60
CA LEU A 85 -3.94 5.16 -4.97
C LEU A 85 -3.28 5.52 -6.31
N GLN A 86 -4.05 6.04 -7.24
CA GLN A 86 -3.46 6.41 -8.56
C GLN A 86 -2.57 7.64 -8.39
N ASP A 87 -3.07 8.67 -7.77
CA ASP A 87 -2.24 9.89 -7.58
C ASP A 87 -0.89 9.51 -6.99
N PHE A 88 -0.88 8.63 -6.03
CA PHE A 88 0.41 8.21 -5.41
C PHE A 88 1.21 7.37 -6.41
N ILE A 89 0.67 6.26 -6.82
CA ILE A 89 1.39 5.38 -7.79
C ILE A 89 1.63 6.16 -9.09
N GLY A 90 0.60 6.74 -9.65
CA GLY A 90 0.78 7.50 -10.91
C GLY A 90 1.28 6.57 -12.01
N LYS A 91 0.47 6.31 -13.00
CA LYS A 91 0.91 5.40 -14.10
C LYS A 91 0.73 3.95 -13.65
N ARG A 92 0.61 3.04 -14.58
CA ARG A 92 0.44 1.61 -14.20
C ARG A 92 1.19 0.72 -15.19
N ILE A 93 0.89 -0.56 -15.19
CA ILE A 93 1.58 -1.47 -16.13
C ILE A 93 0.55 -2.11 -17.07
N PHE A 94 -0.39 -2.83 -16.54
CA PHE A 94 -1.43 -3.46 -17.39
C PHE A 94 -2.55 -2.44 -17.66
N ARG A 95 -2.77 -2.09 -18.89
CA ARG A 95 -3.85 -1.10 -19.21
C ARG A 95 -5.15 -1.86 -19.52
N TYR A 96 -5.98 -2.03 -18.53
CA TYR A 96 -7.27 -2.75 -18.77
C TYR A 96 -7.00 -4.02 -19.60
N ALA A 2 9.17 -21.35 0.36
CA ALA A 2 9.00 -21.77 -1.06
C ALA A 2 7.63 -22.41 -1.24
N GLY A 3 6.58 -21.64 -1.16
CA GLY A 3 5.21 -22.20 -1.33
C GLY A 3 4.17 -21.16 -0.93
N TYR A 4 4.17 -20.03 -1.58
CA TYR A 4 3.17 -18.97 -1.23
C TYR A 4 1.84 -19.29 -1.91
N THR A 5 0.92 -19.87 -1.18
CA THR A 5 -0.40 -20.21 -1.77
C THR A 5 -1.28 -18.96 -1.80
N GLU A 6 -2.20 -18.89 -2.73
CA GLU A 6 -3.08 -17.69 -2.81
C GLU A 6 -3.65 -17.38 -1.42
N ILE A 7 -4.07 -18.39 -0.70
CA ILE A 7 -4.63 -18.15 0.66
C ILE A 7 -3.57 -17.46 1.53
N GLU A 8 -2.41 -18.06 1.67
CA GLU A 8 -1.35 -17.44 2.52
C GLU A 8 -1.22 -15.96 2.16
N LYS A 9 -0.84 -15.66 0.95
CA LYS A 9 -0.68 -14.23 0.55
C LYS A 9 -1.91 -13.43 0.98
N LEU A 10 -3.08 -13.99 0.85
CA LEU A 10 -4.31 -13.25 1.24
C LEU A 10 -4.31 -13.01 2.76
N GLU A 11 -4.00 -14.03 3.52
CA GLU A 11 -4.00 -13.88 5.01
C GLU A 11 -3.04 -12.75 5.41
N ILE A 12 -1.81 -12.80 4.94
CA ILE A 12 -0.84 -11.75 5.32
C ILE A 12 -1.17 -10.44 4.60
N VAL A 13 -1.08 -10.42 3.29
CA VAL A 13 -1.37 -9.16 2.54
C VAL A 13 -2.57 -8.43 3.14
N LYS A 14 -3.57 -9.14 3.57
CA LYS A 14 -4.76 -8.44 4.15
C LYS A 14 -4.54 -8.07 5.63
N ASP A 15 -3.91 -8.91 6.39
CA ASP A 15 -3.72 -8.60 7.85
C ASP A 15 -2.52 -7.67 8.07
N HIS A 16 -1.40 -7.94 7.44
CA HIS A 16 -0.18 -7.12 7.66
C HIS A 16 -0.37 -5.67 7.19
N LEU A 17 -1.03 -5.45 6.10
CA LEU A 17 -1.19 -4.04 5.58
C LEU A 17 -1.40 -3.06 6.75
N LEU A 18 -2.13 -3.44 7.77
CA LEU A 18 -2.38 -2.49 8.89
C LEU A 18 -1.08 -2.22 9.67
N PRO A 19 -0.56 -3.19 10.39
CA PRO A 19 0.69 -3.01 11.20
C PRO A 19 1.94 -2.79 10.34
N LYS A 20 2.10 -3.53 9.28
CA LYS A 20 3.31 -3.35 8.43
C LYS A 20 3.52 -1.86 8.13
N GLN A 21 2.49 -1.19 7.67
CA GLN A 21 2.62 0.26 7.35
C GLN A 21 2.52 1.10 8.63
N ILE A 22 1.46 0.92 9.37
CA ILE A 22 1.28 1.72 10.63
C ILE A 22 2.56 1.70 11.47
N LYS A 23 3.25 0.59 11.53
CA LYS A 23 4.47 0.54 12.38
C LYS A 23 5.57 1.43 11.79
N GLU A 24 6.28 0.95 10.79
CA GLU A 24 7.36 1.77 10.18
C GLU A 24 6.88 3.21 10.04
N HIS A 25 5.64 3.38 9.69
CA HIS A 25 5.08 4.75 9.55
C HIS A 25 4.73 5.27 10.95
N GLY A 26 4.21 4.41 11.78
CA GLY A 26 3.83 4.80 13.17
C GLY A 26 4.87 5.76 13.75
N LEU A 27 6.13 5.55 13.46
CA LEU A 27 7.19 6.44 14.01
C LEU A 27 6.67 7.88 14.04
N LYS A 28 5.94 8.29 13.03
CA LYS A 28 5.37 9.66 13.02
C LYS A 28 3.91 9.57 13.48
N LYS A 29 3.32 10.67 13.85
CA LYS A 29 1.90 10.61 14.31
C LYS A 29 1.08 9.77 13.31
N SER A 30 -0.04 9.25 13.73
CA SER A 30 -0.87 8.43 12.80
C SER A 30 -0.98 9.16 11.46
N ASN A 31 -0.08 8.87 10.55
CA ASN A 31 -0.11 9.56 9.22
C ASN A 31 -0.40 8.56 8.10
N LEU A 32 -1.40 7.74 8.26
CA LEU A 32 -1.72 6.75 7.18
C LEU A 32 -3.15 6.24 7.36
N GLN A 33 -3.91 6.20 6.29
CA GLN A 33 -5.31 5.71 6.39
C GLN A 33 -5.70 5.05 5.06
N LEU A 34 -5.20 3.87 4.81
CA LEU A 34 -5.53 3.18 3.53
C LEU A 34 -6.74 2.26 3.73
N ARG A 35 -7.23 1.68 2.68
CA ARG A 35 -8.41 0.77 2.79
C ARG A 35 -8.08 -0.56 2.10
N ASP A 36 -8.82 -1.59 2.41
CA ASP A 36 -8.56 -2.91 1.77
C ASP A 36 -8.72 -2.78 0.26
N GLN A 37 -9.79 -2.18 -0.19
CA GLN A 37 -10.01 -2.03 -1.65
C GLN A 37 -8.78 -1.37 -2.29
N ALA A 38 -8.22 -0.38 -1.63
CA ALA A 38 -7.02 0.29 -2.20
C ALA A 38 -5.95 -0.75 -2.53
N ILE A 39 -5.37 -1.37 -1.54
CA ILE A 39 -4.32 -2.39 -1.80
C ILE A 39 -4.86 -3.40 -2.82
N LEU A 40 -6.02 -3.94 -2.58
CA LEU A 40 -6.60 -4.93 -3.54
C LEU A 40 -6.47 -4.39 -4.96
N ASP A 41 -6.71 -3.12 -5.15
CA ASP A 41 -6.60 -2.53 -6.51
C ASP A 41 -5.15 -2.58 -6.99
N ILE A 42 -4.24 -2.07 -6.20
CA ILE A 42 -2.80 -2.10 -6.61
C ILE A 42 -2.46 -3.47 -7.18
N ILE A 43 -2.28 -4.45 -6.33
CA ILE A 43 -1.95 -5.82 -6.83
C ILE A 43 -2.77 -6.13 -8.09
N ARG A 44 -4.00 -5.72 -8.12
CA ARG A 44 -4.85 -5.99 -9.32
C ARG A 44 -4.15 -5.47 -10.58
N TYR A 45 -3.67 -4.25 -10.56
CA TYR A 45 -2.99 -3.71 -11.76
C TYR A 45 -1.55 -4.23 -11.82
N TYR A 46 -0.87 -4.26 -10.71
CA TYR A 46 0.53 -4.75 -10.71
C TYR A 46 0.56 -6.27 -10.92
N THR A 47 -0.17 -6.99 -10.12
CA THR A 47 -0.18 -8.47 -10.27
C THR A 47 1.26 -8.98 -10.29
N ARG A 48 2.21 -8.13 -9.99
CA ARG A 48 3.64 -8.56 -9.99
C ARG A 48 3.93 -9.32 -8.69
N GLU A 49 4.33 -10.56 -8.80
CA GLU A 49 4.62 -11.36 -7.57
C GLU A 49 6.11 -11.25 -7.24
N ALA A 50 6.90 -12.23 -7.63
CA ALA A 50 8.35 -12.17 -7.34
C ALA A 50 8.56 -12.09 -5.82
N GLY A 51 8.21 -13.14 -5.11
CA GLY A 51 8.38 -13.13 -3.63
C GLY A 51 7.38 -12.15 -3.01
N VAL A 52 6.57 -12.62 -2.09
CA VAL A 52 5.57 -11.72 -1.46
C VAL A 52 6.28 -10.49 -0.89
N ARG A 53 7.43 -10.68 -0.30
CA ARG A 53 8.18 -9.52 0.28
C ARG A 53 8.16 -8.36 -0.72
N SER A 54 8.31 -8.65 -1.98
CA SER A 54 8.31 -7.56 -3.00
C SER A 54 6.96 -6.85 -2.96
N LEU A 55 5.89 -7.58 -3.10
CA LEU A 55 4.55 -6.93 -3.06
C LEU A 55 4.48 -6.03 -1.83
N GLU A 56 4.76 -6.57 -0.67
CA GLU A 56 4.73 -5.75 0.56
C GLU A 56 5.60 -4.52 0.36
N ARG A 57 6.72 -4.67 -0.30
CA ARG A 57 7.61 -3.49 -0.54
C ARG A 57 6.86 -2.46 -1.37
N GLN A 58 6.10 -2.89 -2.33
CA GLN A 58 5.35 -1.93 -3.19
C GLN A 58 4.34 -1.17 -2.33
N LEU A 59 3.62 -1.86 -1.48
CA LEU A 59 2.62 -1.18 -0.60
C LEU A 59 3.36 -0.29 0.39
N ALA A 60 4.45 -0.77 0.92
CA ALA A 60 5.22 0.06 1.89
C ALA A 60 5.72 1.31 1.15
N ALA A 61 6.11 1.14 -0.08
CA ALA A 61 6.62 2.29 -0.88
C ALA A 61 5.52 3.35 -1.05
N ILE A 62 4.38 2.99 -1.57
CA ILE A 62 3.30 4.00 -1.77
C ILE A 62 2.89 4.58 -0.41
N CYS A 63 2.78 3.74 0.60
CA CYS A 63 2.38 4.24 1.94
C CYS A 63 3.34 5.33 2.41
N ARG A 64 4.55 4.98 2.73
CA ARG A 64 5.52 6.01 3.20
C ARG A 64 5.64 7.11 2.16
N LYS A 65 5.78 6.75 0.90
CA LYS A 65 5.88 7.80 -0.15
C LYS A 65 4.83 8.87 0.17
N ALA A 66 3.69 8.43 0.59
CA ALA A 66 2.61 9.39 0.97
C ALA A 66 3.00 10.08 2.27
N ALA A 67 3.60 9.35 3.19
CA ALA A 67 4.01 9.97 4.47
C ALA A 67 4.94 11.16 4.19
N LYS A 68 5.86 10.99 3.28
CA LYS A 68 6.80 12.11 2.95
C LYS A 68 6.04 13.22 2.22
N ALA A 69 5.15 12.85 1.35
CA ALA A 69 4.37 13.87 0.59
C ALA A 69 3.34 14.52 1.52
N ILE A 70 3.55 14.38 2.82
CA ILE A 70 2.60 14.97 3.79
C ILE A 70 2.15 16.36 3.32
N VAL A 71 2.94 16.99 2.49
CA VAL A 71 2.57 18.35 1.99
C VAL A 71 1.29 18.24 1.16
N ALA A 72 0.70 17.08 1.09
CA ALA A 72 -0.54 16.91 0.29
C ALA A 72 -1.61 17.87 0.82
N GLU A 73 -2.86 17.60 0.52
CA GLU A 73 -3.95 18.49 0.99
C GLU A 73 -3.85 18.65 2.51
N GLU A 74 -4.28 17.67 3.26
CA GLU A 74 -4.21 17.77 4.74
C GLU A 74 -2.82 17.36 5.22
N ARG A 75 -2.25 18.09 6.14
CA ARG A 75 -0.89 17.74 6.65
C ARG A 75 -1.03 16.74 7.80
N LYS A 76 -2.01 15.89 7.74
CA LYS A 76 -2.20 14.89 8.84
C LYS A 76 -3.23 13.85 8.41
N ARG A 77 -3.11 12.64 8.89
CA ARG A 77 -4.08 11.58 8.50
C ARG A 77 -4.21 11.55 6.98
N ILE A 78 -3.30 10.90 6.31
CA ILE A 78 -3.37 10.83 4.82
C ILE A 78 -4.17 9.60 4.39
N THR A 79 -5.25 9.80 3.68
CA THR A 79 -6.07 8.64 3.24
C THR A 79 -5.55 8.14 1.89
N VAL A 80 -5.60 6.85 1.66
CA VAL A 80 -5.10 6.30 0.36
C VAL A 80 -6.22 5.49 -0.31
N THR A 81 -7.07 6.14 -1.05
CA THR A 81 -8.17 5.42 -1.75
C THR A 81 -7.73 5.05 -3.17
N GLU A 82 -8.58 4.42 -3.93
CA GLU A 82 -8.20 4.05 -5.33
C GLU A 82 -7.93 5.32 -6.13
N LYS A 83 -8.49 6.43 -5.71
CA LYS A 83 -8.26 7.70 -6.46
C LYS A 83 -6.88 8.26 -6.07
N ASN A 84 -6.70 8.61 -4.83
CA ASN A 84 -5.39 9.14 -4.39
C ASN A 84 -4.27 8.26 -4.94
N LEU A 85 -4.49 6.97 -4.97
CA LEU A 85 -3.45 6.04 -5.50
C LEU A 85 -2.78 6.66 -6.73
N GLN A 86 -3.55 7.23 -7.61
CA GLN A 86 -2.96 7.86 -8.82
C GLN A 86 -2.02 8.98 -8.40
N ASP A 87 -2.39 9.73 -7.39
CA ASP A 87 -1.51 10.84 -6.92
C ASP A 87 -0.18 10.27 -6.41
N PHE A 88 -0.23 9.16 -5.72
CA PHE A 88 1.03 8.56 -5.20
C PHE A 88 1.74 7.81 -6.33
N ILE A 89 1.20 6.69 -6.73
CA ILE A 89 1.83 5.91 -7.83
C ILE A 89 1.75 6.72 -9.13
N GLY A 90 0.57 7.11 -9.53
CA GLY A 90 0.42 7.90 -10.79
C GLY A 90 1.30 7.30 -11.88
N LYS A 91 1.47 6.00 -11.88
CA LYS A 91 2.32 5.36 -12.92
C LYS A 91 2.13 3.84 -12.86
N ARG A 92 1.13 3.33 -13.52
CA ARG A 92 0.90 1.85 -13.50
C ARG A 92 1.73 1.19 -14.60
N ILE A 93 1.53 -0.08 -14.84
CA ILE A 93 2.30 -0.79 -15.90
C ILE A 93 1.35 -1.66 -16.72
N PHE A 94 0.42 -2.32 -16.07
CA PHE A 94 -0.53 -3.19 -16.82
C PHE A 94 -1.69 -2.34 -17.34
N ARG A 95 -1.46 -1.58 -18.37
CA ARG A 95 -2.55 -0.73 -18.93
C ARG A 95 -3.31 -1.50 -20.01
N TYR A 96 -4.08 -2.48 -19.62
CA TYR A 96 -4.85 -3.28 -20.62
C TYR A 96 -6.08 -2.47 -21.05
N ALA A 2 6.83 -22.90 1.34
CA ALA A 2 7.14 -23.78 0.18
C ALA A 2 5.96 -23.79 -0.79
N GLY A 3 5.07 -22.84 -0.67
CA GLY A 3 3.90 -22.80 -1.58
C GLY A 3 3.04 -21.57 -1.25
N TYR A 4 3.33 -20.46 -1.85
CA TYR A 4 2.54 -19.23 -1.58
C TYR A 4 1.19 -19.33 -2.27
N THR A 5 0.17 -19.73 -1.56
CA THR A 5 -1.18 -19.85 -2.18
C THR A 5 -1.83 -18.47 -2.26
N GLU A 6 -2.59 -18.22 -3.29
CA GLU A 6 -3.25 -16.88 -3.42
C GLU A 6 -3.90 -16.50 -2.10
N ILE A 7 -4.53 -17.43 -1.44
CA ILE A 7 -5.19 -17.12 -0.14
C ILE A 7 -4.15 -16.60 0.86
N GLU A 8 -3.05 -17.30 0.99
CA GLU A 8 -2.00 -16.85 1.95
C GLU A 8 -1.66 -15.38 1.68
N LYS A 9 -1.22 -15.07 0.50
CA LYS A 9 -0.87 -13.65 0.17
C LYS A 9 -2.02 -12.73 0.58
N LEU A 10 -3.23 -13.10 0.29
CA LEU A 10 -4.38 -12.22 0.65
C LEU A 10 -4.45 -12.09 2.18
N GLU A 11 -4.30 -13.18 2.88
CA GLU A 11 -4.36 -13.12 4.37
C GLU A 11 -3.32 -12.13 4.90
N ILE A 12 -2.07 -12.33 4.59
CA ILE A 12 -1.01 -11.41 5.08
C ILE A 12 -1.17 -10.03 4.43
N VAL A 13 -1.01 -9.96 3.14
CA VAL A 13 -1.13 -8.64 2.44
C VAL A 13 -2.26 -7.81 3.05
N LYS A 14 -3.35 -8.41 3.40
CA LYS A 14 -4.47 -7.61 3.98
C LYS A 14 -4.22 -7.35 5.46
N ASP A 15 -3.92 -8.38 6.22
CA ASP A 15 -3.69 -8.19 7.68
C ASP A 15 -2.40 -7.41 7.92
N HIS A 16 -1.28 -8.01 7.64
CA HIS A 16 0.02 -7.32 7.87
C HIS A 16 -0.06 -5.84 7.48
N LEU A 17 -0.73 -5.55 6.41
CA LEU A 17 -0.85 -4.14 5.95
C LEU A 17 -1.03 -3.18 7.14
N LEU A 18 -1.79 -3.57 8.13
CA LEU A 18 -2.02 -2.66 9.29
C LEU A 18 -0.72 -2.46 10.08
N PRO A 19 -0.22 -3.48 10.75
CA PRO A 19 1.02 -3.37 11.57
C PRO A 19 2.26 -3.01 10.73
N LYS A 20 2.45 -3.68 9.62
CA LYS A 20 3.64 -3.37 8.77
C LYS A 20 3.77 -1.87 8.54
N GLN A 21 2.88 -1.30 7.77
CA GLN A 21 2.94 0.16 7.50
C GLN A 21 2.87 0.96 8.80
N ILE A 22 1.88 0.70 9.61
CA ILE A 22 1.75 1.46 10.90
C ILE A 22 3.11 1.52 11.60
N LYS A 23 3.88 0.47 11.57
CA LYS A 23 5.20 0.51 12.29
C LYS A 23 6.17 1.48 11.60
N GLU A 24 6.80 1.06 10.55
CA GLU A 24 7.76 1.95 9.83
C GLU A 24 7.17 3.36 9.74
N HIS A 25 5.89 3.43 9.51
CA HIS A 25 5.22 4.76 9.41
C HIS A 25 4.94 5.27 10.82
N GLY A 26 4.56 4.39 11.71
CA GLY A 26 4.28 4.78 13.12
C GLY A 26 5.30 5.81 13.58
N LEU A 27 6.53 5.67 13.17
CA LEU A 27 7.58 6.65 13.60
C LEU A 27 6.98 8.05 13.67
N LYS A 28 6.12 8.40 12.74
CA LYS A 28 5.47 9.74 12.77
C LYS A 28 4.04 9.56 13.27
N LYS A 29 3.36 10.64 13.58
CA LYS A 29 1.96 10.53 14.07
C LYS A 29 1.19 9.55 13.18
N SER A 30 0.15 8.93 13.71
CA SER A 30 -0.64 7.97 12.88
C SER A 30 -0.92 8.61 11.51
N ASN A 31 -0.08 8.35 10.55
CA ASN A 31 -0.27 8.95 9.19
C ASN A 31 -0.61 7.86 8.18
N LEU A 32 -1.67 7.13 8.39
CA LEU A 32 -2.03 6.06 7.43
C LEU A 32 -3.50 5.66 7.59
N GLN A 33 -4.27 5.75 6.55
CA GLN A 33 -5.71 5.36 6.64
C GLN A 33 -6.18 4.82 5.29
N LEU A 34 -5.81 3.60 4.97
CA LEU A 34 -6.22 3.02 3.66
C LEU A 34 -7.41 2.07 3.86
N ARG A 35 -7.96 1.59 2.78
CA ARG A 35 -9.12 0.65 2.87
C ARG A 35 -8.74 -0.69 2.24
N ASP A 36 -9.69 -1.58 2.09
CA ASP A 36 -9.39 -2.91 1.49
C ASP A 36 -9.32 -2.78 -0.03
N GLN A 37 -10.34 -2.21 -0.64
CA GLN A 37 -10.33 -2.05 -2.12
C GLN A 37 -8.99 -1.52 -2.58
N ALA A 38 -8.41 -0.60 -1.85
CA ALA A 38 -7.08 -0.04 -2.27
C ALA A 38 -6.04 -1.17 -2.33
N ILE A 39 -5.77 -1.79 -1.22
CA ILE A 39 -4.75 -2.89 -1.20
C ILE A 39 -5.01 -3.85 -2.37
N LEU A 40 -6.24 -4.12 -2.67
CA LEU A 40 -6.55 -5.06 -3.78
C LEU A 40 -6.28 -4.39 -5.14
N ASP A 41 -6.60 -3.13 -5.25
CA ASP A 41 -6.37 -2.41 -6.55
C ASP A 41 -4.88 -2.38 -6.89
N ILE A 42 -4.06 -1.92 -5.99
CA ILE A 42 -2.60 -1.84 -6.30
C ILE A 42 -2.07 -3.23 -6.69
N ILE A 43 -2.16 -4.19 -5.81
CA ILE A 43 -1.65 -5.56 -6.13
C ILE A 43 -2.34 -6.08 -7.39
N ARG A 44 -3.61 -5.83 -7.53
CA ARG A 44 -4.34 -6.32 -8.74
C ARG A 44 -3.78 -5.67 -10.01
N TYR A 45 -3.45 -4.41 -9.94
CA TYR A 45 -2.92 -3.72 -11.15
C TYR A 45 -1.50 -4.20 -11.43
N TYR A 46 -0.72 -4.38 -10.40
CA TYR A 46 0.69 -4.83 -10.60
C TYR A 46 0.77 -6.35 -10.62
N THR A 47 0.58 -6.99 -9.50
CA THR A 47 0.66 -8.48 -9.48
C THR A 47 1.96 -8.90 -10.18
N ARG A 48 2.85 -7.97 -10.41
CA ARG A 48 4.14 -8.31 -11.09
C ARG A 48 5.24 -8.53 -10.03
N GLU A 49 5.52 -9.75 -9.70
CA GLU A 49 6.58 -10.02 -8.69
C GLU A 49 6.73 -11.54 -8.50
N ALA A 50 7.67 -11.94 -7.68
CA ALA A 50 7.87 -13.40 -7.44
C ALA A 50 8.28 -13.62 -5.99
N GLY A 51 7.50 -13.13 -5.06
CA GLY A 51 7.84 -13.30 -3.63
C GLY A 51 7.02 -12.32 -2.78
N VAL A 52 6.73 -12.66 -1.57
CA VAL A 52 5.92 -11.75 -0.71
C VAL A 52 6.77 -10.56 -0.27
N ARG A 53 8.00 -10.80 0.10
CA ARG A 53 8.87 -9.68 0.54
C ARG A 53 8.72 -8.49 -0.41
N SER A 54 8.85 -8.72 -1.69
CA SER A 54 8.71 -7.60 -2.67
C SER A 54 7.32 -6.99 -2.53
N LEU A 55 6.31 -7.80 -2.47
CA LEU A 55 4.93 -7.27 -2.34
C LEU A 55 4.89 -6.30 -1.15
N GLU A 56 5.52 -6.67 -0.06
CA GLU A 56 5.53 -5.79 1.13
C GLU A 56 6.27 -4.50 0.79
N ARG A 57 7.34 -4.59 0.03
CA ARG A 57 8.10 -3.37 -0.34
C ARG A 57 7.24 -2.47 -1.21
N GLN A 58 6.48 -3.05 -2.12
CA GLN A 58 5.62 -2.22 -3.01
C GLN A 58 4.53 -1.55 -2.17
N LEU A 59 3.87 -2.29 -1.32
CA LEU A 59 2.80 -1.70 -0.47
C LEU A 59 3.43 -0.68 0.47
N ALA A 60 4.55 -1.00 1.04
CA ALA A 60 5.21 -0.03 1.95
C ALA A 60 5.58 1.21 1.14
N ALA A 61 5.99 1.01 -0.09
CA ALA A 61 6.38 2.16 -0.96
C ALA A 61 5.20 3.11 -1.15
N ILE A 62 4.06 2.63 -1.57
CA ILE A 62 2.90 3.54 -1.78
C ILE A 62 2.51 4.21 -0.46
N CYS A 63 2.43 3.44 0.60
CA CYS A 63 2.04 4.03 1.91
C CYS A 63 3.02 5.15 2.30
N ARG A 64 4.25 4.82 2.60
CA ARG A 64 5.22 5.88 2.99
C ARG A 64 5.25 6.95 1.90
N LYS A 65 5.29 6.56 0.66
CA LYS A 65 5.29 7.57 -0.43
C LYS A 65 4.23 8.60 -0.07
N ALA A 66 3.13 8.14 0.43
CA ALA A 66 2.05 9.07 0.87
C ALA A 66 2.52 9.82 2.10
N ALA A 67 3.22 9.16 2.99
CA ALA A 67 3.71 9.84 4.22
C ALA A 67 4.61 11.01 3.82
N LYS A 68 5.41 10.84 2.81
CA LYS A 68 6.31 11.94 2.37
C LYS A 68 5.46 13.12 1.88
N ALA A 69 4.40 12.84 1.17
CA ALA A 69 3.54 13.94 0.66
C ALA A 69 3.12 14.85 1.83
N ILE A 70 3.45 14.48 3.04
CA ILE A 70 3.07 15.32 4.21
C ILE A 70 3.44 16.78 3.91
N VAL A 71 4.29 17.01 2.95
CA VAL A 71 4.69 18.41 2.61
C VAL A 71 3.61 19.04 1.73
N ALA A 72 2.74 18.24 1.19
CA ALA A 72 1.66 18.79 0.31
C ALA A 72 0.50 19.28 1.18
N GLU A 73 -0.61 19.59 0.57
CA GLU A 73 -1.79 20.07 1.37
C GLU A 73 -2.69 18.88 1.71
N GLU A 74 -2.19 17.95 2.49
CA GLU A 74 -3.03 16.78 2.87
C GLU A 74 -2.39 16.05 4.06
N ARG A 75 -2.36 16.70 5.20
CA ARG A 75 -1.76 16.04 6.40
C ARG A 75 -2.88 15.52 7.31
N LYS A 76 -2.52 14.96 8.44
CA LYS A 76 -3.55 14.44 9.37
C LYS A 76 -4.13 13.13 8.82
N ARG A 77 -3.56 12.01 9.21
CA ARG A 77 -4.08 10.70 8.72
C ARG A 77 -4.32 10.77 7.20
N ILE A 78 -3.41 10.25 6.42
CA ILE A 78 -3.59 10.28 4.95
C ILE A 78 -4.57 9.18 4.54
N THR A 79 -5.60 9.53 3.82
CA THR A 79 -6.61 8.51 3.39
C THR A 79 -6.27 8.01 1.99
N VAL A 80 -6.17 6.72 1.82
CA VAL A 80 -5.85 6.16 0.47
C VAL A 80 -7.15 5.73 -0.21
N THR A 81 -7.13 5.54 -1.50
CA THR A 81 -8.36 5.12 -2.22
C THR A 81 -7.99 4.64 -3.62
N GLU A 82 -8.76 3.73 -4.17
CA GLU A 82 -8.46 3.22 -5.54
C GLU A 82 -8.08 4.38 -6.47
N LYS A 83 -8.78 5.47 -6.39
CA LYS A 83 -8.46 6.63 -7.27
C LYS A 83 -7.26 7.38 -6.71
N ASN A 84 -7.06 7.33 -5.42
CA ASN A 84 -5.90 8.04 -4.82
C ASN A 84 -4.59 7.41 -5.30
N LEU A 85 -4.56 6.10 -5.43
CA LEU A 85 -3.32 5.43 -5.89
C LEU A 85 -2.73 6.19 -7.07
N GLN A 86 -3.56 6.57 -8.01
CA GLN A 86 -3.04 7.32 -9.20
C GLN A 86 -2.31 8.57 -8.72
N ASP A 87 -2.83 9.23 -7.72
CA ASP A 87 -2.17 10.46 -7.20
C ASP A 87 -0.82 10.11 -6.57
N PHE A 88 -0.74 9.01 -5.87
CA PHE A 88 0.56 8.65 -5.23
C PHE A 88 1.51 8.10 -6.28
N ILE A 89 1.16 7.01 -6.91
CA ILE A 89 2.05 6.40 -7.94
C ILE A 89 1.88 7.17 -9.27
N GLY A 90 0.68 7.33 -9.73
CA GLY A 90 0.46 8.05 -11.01
C GLY A 90 1.23 7.35 -12.13
N LYS A 91 1.09 6.06 -12.24
CA LYS A 91 1.81 5.30 -13.31
C LYS A 91 1.31 3.85 -13.32
N ARG A 92 0.58 3.48 -14.33
CA ARG A 92 0.05 2.08 -14.40
C ARG A 92 0.77 1.30 -15.51
N ILE A 93 0.71 -0.01 -15.45
CA ILE A 93 1.37 -0.83 -16.52
C ILE A 93 0.33 -1.75 -17.14
N PHE A 94 -0.35 -2.52 -16.35
CA PHE A 94 -1.39 -3.45 -16.91
C PHE A 94 -2.58 -2.62 -17.40
N ARG A 95 -2.63 -2.37 -18.68
CA ARG A 95 -3.76 -1.56 -19.24
C ARG A 95 -4.92 -2.50 -19.61
N TYR A 96 -5.56 -3.09 -18.64
CA TYR A 96 -6.69 -4.01 -18.94
C TYR A 96 -6.21 -5.12 -19.88
N ALA A 2 8.51 -20.77 3.11
CA ALA A 2 9.29 -21.17 1.91
C ALA A 2 8.35 -21.69 0.83
N GLY A 3 7.23 -21.03 0.64
CA GLY A 3 6.28 -21.49 -0.40
C GLY A 3 4.90 -20.88 -0.13
N TYR A 4 4.75 -19.61 -0.38
CA TYR A 4 3.44 -18.94 -0.15
C TYR A 4 2.55 -19.13 -1.37
N THR A 5 1.25 -19.18 -1.16
CA THR A 5 0.32 -19.36 -2.32
C THR A 5 -0.66 -18.18 -2.37
N GLU A 6 -1.56 -18.18 -3.31
CA GLU A 6 -2.53 -17.06 -3.41
C GLU A 6 -3.13 -16.79 -2.02
N ILE A 7 -3.77 -17.76 -1.43
CA ILE A 7 -4.37 -17.56 -0.09
C ILE A 7 -3.37 -16.86 0.82
N GLU A 8 -2.21 -17.43 1.00
CA GLU A 8 -1.19 -16.79 1.89
C GLU A 8 -1.10 -15.30 1.56
N LYS A 9 -0.75 -14.96 0.35
CA LYS A 9 -0.64 -13.52 -0.02
C LYS A 9 -1.87 -12.77 0.51
N LEU A 10 -3.03 -13.35 0.43
CA LEU A 10 -4.25 -12.65 0.92
C LEU A 10 -4.20 -12.52 2.44
N GLU A 11 -3.84 -13.59 3.12
CA GLU A 11 -3.78 -13.53 4.61
C GLU A 11 -2.81 -12.43 5.04
N ILE A 12 -1.63 -12.40 4.49
CA ILE A 12 -0.64 -11.35 4.89
C ILE A 12 -1.03 -10.00 4.27
N VAL A 13 -0.96 -9.89 2.97
CA VAL A 13 -1.31 -8.59 2.31
C VAL A 13 -2.52 -7.94 3.00
N LYS A 14 -3.48 -8.72 3.42
CA LYS A 14 -4.66 -8.12 4.07
C LYS A 14 -4.41 -7.84 5.56
N ASP A 15 -3.72 -8.70 6.25
CA ASP A 15 -3.50 -8.50 7.72
C ASP A 15 -2.34 -7.52 7.99
N HIS A 16 -1.27 -7.59 7.24
CA HIS A 16 -0.10 -6.70 7.52
C HIS A 16 -0.37 -5.24 7.12
N LEU A 17 -1.06 -5.00 6.03
CA LEU A 17 -1.29 -3.59 5.59
C LEU A 17 -1.56 -2.65 6.77
N LEU A 18 -2.26 -3.09 7.77
CA LEU A 18 -2.56 -2.17 8.92
C LEU A 18 -1.32 -1.98 9.82
N PRO A 19 -0.90 -3.01 10.52
CA PRO A 19 0.26 -2.92 11.45
C PRO A 19 1.58 -2.58 10.74
N LYS A 20 1.89 -3.30 9.69
CA LYS A 20 3.17 -3.04 8.97
C LYS A 20 3.31 -1.54 8.68
N GLN A 21 2.39 -0.99 7.94
CA GLN A 21 2.46 0.47 7.62
C GLN A 21 2.33 1.30 8.90
N ILE A 22 1.29 1.11 9.64
CA ILE A 22 1.10 1.89 10.90
C ILE A 22 2.42 1.95 11.69
N LYS A 23 3.17 0.89 11.72
CA LYS A 23 4.43 0.90 12.51
C LYS A 23 5.48 1.81 11.85
N GLU A 24 6.17 1.32 10.85
CA GLU A 24 7.20 2.15 10.17
C GLU A 24 6.66 3.56 9.97
N HIS A 25 5.41 3.68 9.63
CA HIS A 25 4.80 5.02 9.43
C HIS A 25 4.42 5.61 10.79
N GLY A 26 3.94 4.78 11.68
CA GLY A 26 3.55 5.27 13.04
C GLY A 26 4.57 6.29 13.53
N LEU A 27 5.83 6.07 13.25
CA LEU A 27 6.89 7.02 13.71
C LEU A 27 6.35 8.46 13.63
N LYS A 28 5.62 8.77 12.60
CA LYS A 28 5.05 10.15 12.47
C LYS A 28 3.59 10.10 12.94
N LYS A 29 2.97 11.24 13.10
CA LYS A 29 1.55 11.25 13.55
C LYS A 29 0.75 10.23 12.73
N SER A 30 -0.34 9.74 13.26
CA SER A 30 -1.16 8.76 12.51
C SER A 30 -1.35 9.24 11.07
N ASN A 31 -0.46 8.85 10.18
CA ASN A 31 -0.58 9.29 8.76
C ASN A 31 -0.90 8.11 7.86
N LEU A 32 -2.03 7.48 8.07
CA LEU A 32 -2.40 6.32 7.21
C LEU A 32 -3.91 6.06 7.32
N GLN A 33 -4.60 6.07 6.22
CA GLN A 33 -6.07 5.81 6.26
C GLN A 33 -6.47 5.04 5.00
N LEU A 34 -5.97 3.84 4.86
CA LEU A 34 -6.31 3.03 3.65
C LEU A 34 -7.43 2.04 4.00
N ARG A 35 -7.97 1.39 3.01
CA ARG A 35 -9.06 0.41 3.26
C ARG A 35 -8.77 -0.88 2.48
N ASP A 36 -9.33 -1.98 2.91
CA ASP A 36 -9.09 -3.27 2.19
C ASP A 36 -9.25 -3.04 0.68
N GLN A 37 -10.33 -2.44 0.27
CA GLN A 37 -10.55 -2.19 -1.18
C GLN A 37 -9.34 -1.46 -1.76
N ALA A 38 -8.80 -0.52 -1.03
CA ALA A 38 -7.61 0.22 -1.53
C ALA A 38 -6.51 -0.76 -1.93
N ILE A 39 -5.85 -1.33 -0.96
CA ILE A 39 -4.75 -2.30 -1.27
C ILE A 39 -5.18 -3.22 -2.42
N LEU A 40 -6.40 -3.67 -2.42
CA LEU A 40 -6.88 -4.56 -3.52
C LEU A 40 -6.64 -3.86 -4.85
N ASP A 41 -7.05 -2.63 -4.97
CA ASP A 41 -6.84 -1.89 -6.24
C ASP A 41 -5.35 -1.77 -6.55
N ILE A 42 -4.56 -1.53 -5.54
CA ILE A 42 -3.09 -1.39 -5.77
C ILE A 42 -2.55 -2.65 -6.45
N ILE A 43 -2.58 -3.77 -5.77
CA ILE A 43 -2.06 -5.02 -6.37
C ILE A 43 -2.83 -5.34 -7.66
N ARG A 44 -4.12 -5.18 -7.65
CA ARG A 44 -4.92 -5.50 -8.87
C ARG A 44 -4.41 -4.67 -10.05
N TYR A 45 -4.06 -3.44 -9.82
CA TYR A 45 -3.56 -2.57 -10.93
C TYR A 45 -2.27 -3.16 -11.51
N TYR A 46 -1.42 -3.67 -10.67
CA TYR A 46 -0.13 -4.25 -11.18
C TYR A 46 0.43 -5.25 -10.15
N THR A 47 -0.31 -6.28 -9.87
CA THR A 47 0.16 -7.29 -8.89
C THR A 47 1.50 -7.87 -9.35
N ARG A 48 1.84 -7.66 -10.58
CA ARG A 48 3.13 -8.20 -11.13
C ARG A 48 4.21 -8.23 -10.03
N GLU A 49 4.82 -9.36 -9.82
CA GLU A 49 5.87 -9.45 -8.76
C GLU A 49 6.54 -10.83 -8.84
N ALA A 50 7.47 -11.09 -7.97
CA ALA A 50 8.17 -12.42 -7.99
C ALA A 50 8.54 -12.82 -6.57
N GLY A 51 7.68 -12.57 -5.63
CA GLY A 51 7.98 -12.95 -4.21
C GLY A 51 7.20 -12.03 -3.27
N VAL A 52 6.60 -12.58 -2.25
CA VAL A 52 5.83 -11.74 -1.30
C VAL A 52 6.73 -10.61 -0.77
N ARG A 53 7.96 -10.93 -0.46
CA ARG A 53 8.88 -9.88 0.06
C ARG A 53 8.77 -8.63 -0.80
N SER A 54 8.88 -8.78 -2.09
CA SER A 54 8.79 -7.60 -2.98
C SER A 54 7.38 -7.01 -2.92
N LEU A 55 6.38 -7.84 -2.94
CA LEU A 55 4.99 -7.32 -2.84
C LEU A 55 4.91 -6.38 -1.64
N GLU A 56 5.32 -6.86 -0.50
CA GLU A 56 5.30 -6.01 0.72
C GLU A 56 6.10 -4.74 0.44
N ARG A 57 7.20 -4.86 -0.26
CA ARG A 57 8.02 -3.65 -0.55
C ARG A 57 7.19 -2.68 -1.40
N GLN A 58 6.43 -3.18 -2.33
CA GLN A 58 5.61 -2.27 -3.18
C GLN A 58 4.60 -1.53 -2.31
N LEU A 59 3.92 -2.22 -1.43
CA LEU A 59 2.93 -1.53 -0.56
C LEU A 59 3.67 -0.59 0.39
N ALA A 60 4.72 -1.06 1.00
CA ALA A 60 5.48 -0.18 1.92
C ALA A 60 5.94 1.05 1.13
N ALA A 61 6.31 0.86 -0.11
CA ALA A 61 6.78 2.00 -0.94
C ALA A 61 5.64 3.01 -1.16
N ILE A 62 4.55 2.58 -1.73
CA ILE A 62 3.43 3.55 -1.97
C ILE A 62 2.95 4.13 -0.64
N CYS A 63 2.85 3.32 0.38
CA CYS A 63 2.38 3.83 1.69
C CYS A 63 3.27 4.97 2.16
N ARG A 64 4.51 4.69 2.48
CA ARG A 64 5.41 5.79 2.95
C ARG A 64 5.51 6.87 1.88
N LYS A 65 5.67 6.50 0.64
CA LYS A 65 5.74 7.53 -0.44
C LYS A 65 4.65 8.56 -0.15
N ALA A 66 3.51 8.08 0.27
CA ALA A 66 2.39 8.99 0.62
C ALA A 66 2.74 9.71 1.93
N ALA A 67 3.35 9.01 2.85
CA ALA A 67 3.71 9.66 4.15
C ALA A 67 4.63 10.85 3.87
N LYS A 68 5.54 10.71 2.96
CA LYS A 68 6.48 11.84 2.64
C LYS A 68 5.68 13.03 2.09
N ALA A 69 4.70 12.78 1.28
CA ALA A 69 3.90 13.90 0.71
C ALA A 69 3.36 14.78 1.83
N ILE A 70 3.56 14.39 3.07
CA ILE A 70 3.06 15.22 4.20
C ILE A 70 3.51 16.67 3.99
N VAL A 71 4.62 16.87 3.33
CA VAL A 71 5.10 18.27 3.08
C VAL A 71 4.01 19.07 2.38
N ALA A 72 3.01 18.40 1.86
CA ALA A 72 1.91 19.12 1.16
C ALA A 72 1.15 20.00 2.16
N GLU A 73 1.74 21.09 2.58
CA GLU A 73 1.05 21.98 3.55
C GLU A 73 0.76 21.20 4.83
N GLU A 74 1.61 20.27 5.20
CA GLU A 74 1.37 19.48 6.43
C GLU A 74 -0.04 18.89 6.39
N ARG A 75 -0.18 17.72 5.84
CA ARG A 75 -1.54 17.09 5.78
C ARG A 75 -1.80 16.31 7.06
N LYS A 76 -2.78 15.46 7.07
CA LYS A 76 -3.08 14.66 8.28
C LYS A 76 -3.89 13.41 7.89
N ARG A 77 -3.50 12.27 8.37
CA ARG A 77 -4.25 11.03 8.03
C ARG A 77 -4.48 10.98 6.51
N ILE A 78 -3.59 10.37 5.78
CA ILE A 78 -3.76 10.30 4.31
C ILE A 78 -4.74 9.17 3.94
N THR A 79 -5.82 9.51 3.30
CA THR A 79 -6.82 8.46 2.91
C THR A 79 -6.39 7.84 1.59
N VAL A 80 -6.50 6.54 1.47
CA VAL A 80 -6.09 5.85 0.20
C VAL A 80 -7.25 5.02 -0.34
N THR A 81 -7.89 5.49 -1.38
CA THR A 81 -9.04 4.73 -1.97
C THR A 81 -8.58 4.07 -3.28
N GLU A 82 -9.47 3.93 -4.23
CA GLU A 82 -9.08 3.30 -5.52
C GLU A 82 -8.66 4.38 -6.52
N LYS A 83 -8.30 5.54 -6.02
CA LYS A 83 -7.87 6.64 -6.93
C LYS A 83 -6.57 7.25 -6.41
N ASN A 84 -6.33 7.16 -5.13
CA ASN A 84 -5.08 7.70 -4.56
C ASN A 84 -3.91 6.84 -5.00
N LEU A 85 -4.08 5.56 -5.05
CA LEU A 85 -2.96 4.67 -5.46
C LEU A 85 -2.34 5.20 -6.75
N GLN A 86 -3.15 5.67 -7.66
CA GLN A 86 -2.62 6.22 -8.94
C GLN A 86 -1.86 7.52 -8.64
N ASP A 87 -2.38 8.32 -7.76
CA ASP A 87 -1.70 9.61 -7.43
C ASP A 87 -0.29 9.34 -6.89
N PHE A 88 -0.12 8.32 -6.10
CA PHE A 88 1.23 8.02 -5.54
C PHE A 88 2.04 7.28 -6.60
N ILE A 89 1.62 6.11 -6.97
CA ILE A 89 2.36 5.32 -7.98
C ILE A 89 2.13 5.93 -9.37
N GLY A 90 0.89 6.01 -9.80
CA GLY A 90 0.60 6.60 -11.13
C GLY A 90 1.15 5.67 -12.23
N LYS A 91 2.36 5.22 -12.08
CA LYS A 91 2.95 4.32 -13.12
C LYS A 91 2.37 2.90 -12.95
N ARG A 92 1.30 2.61 -13.63
CA ARG A 92 0.69 1.25 -13.52
C ARG A 92 0.90 0.49 -14.84
N ILE A 93 0.61 -0.78 -14.85
CA ILE A 93 0.80 -1.59 -16.10
C ILE A 93 -0.55 -1.98 -16.67
N PHE A 94 -1.23 -2.91 -16.05
CA PHE A 94 -2.55 -3.35 -16.57
C PHE A 94 -3.54 -2.18 -16.51
N ARG A 95 -3.61 -1.40 -17.55
CA ARG A 95 -4.54 -0.24 -17.57
C ARG A 95 -5.82 -0.63 -18.32
N TYR A 96 -6.73 -1.29 -17.66
CA TYR A 96 -7.99 -1.70 -18.34
C TYR A 96 -7.65 -2.42 -19.65
N ALA A 2 8.58 -20.80 5.55
CA ALA A 2 9.60 -20.82 4.46
C ALA A 2 8.93 -21.21 3.14
N GLY A 3 7.73 -20.73 2.91
CA GLY A 3 7.02 -21.07 1.65
C GLY A 3 5.56 -20.64 1.76
N TYR A 4 5.25 -19.44 1.32
CA TYR A 4 3.84 -18.98 1.41
C TYR A 4 3.04 -19.53 0.22
N THR A 5 1.82 -19.10 0.06
CA THR A 5 0.99 -19.59 -1.08
C THR A 5 -0.09 -18.56 -1.39
N GLU A 6 -0.83 -18.77 -2.45
CA GLU A 6 -1.91 -17.80 -2.80
C GLU A 6 -2.74 -17.47 -1.57
N ILE A 7 -3.24 -18.48 -0.90
CA ILE A 7 -4.07 -18.22 0.32
C ILE A 7 -3.25 -17.41 1.32
N GLU A 8 -2.14 -17.94 1.78
CA GLU A 8 -1.31 -17.18 2.76
C GLU A 8 -1.12 -15.75 2.26
N LYS A 9 -0.64 -15.59 1.05
CA LYS A 9 -0.43 -14.23 0.50
C LYS A 9 -1.65 -13.37 0.77
N LEU A 10 -2.83 -13.88 0.57
CA LEU A 10 -4.05 -13.06 0.82
C LEU A 10 -4.18 -12.80 2.32
N GLU A 11 -3.94 -13.79 3.13
CA GLU A 11 -4.06 -13.60 4.60
C GLU A 11 -3.07 -12.52 5.07
N ILE A 12 -1.82 -12.65 4.72
CA ILE A 12 -0.83 -11.63 5.17
C ILE A 12 -1.11 -10.30 4.44
N VAL A 13 -0.93 -10.26 3.15
CA VAL A 13 -1.16 -9.00 2.40
C VAL A 13 -2.40 -8.28 2.95
N LYS A 14 -3.41 -9.01 3.31
CA LYS A 14 -4.64 -8.33 3.84
C LYS A 14 -4.48 -7.96 5.32
N ASP A 15 -3.88 -8.81 6.11
CA ASP A 15 -3.74 -8.49 7.56
C ASP A 15 -2.55 -7.56 7.83
N HIS A 16 -1.39 -7.93 7.37
CA HIS A 16 -0.17 -7.11 7.63
C HIS A 16 -0.34 -5.65 7.17
N LEU A 17 -0.99 -5.42 6.06
CA LEU A 17 -1.14 -4.02 5.57
C LEU A 17 -1.39 -3.02 6.70
N LEU A 18 -2.14 -3.38 7.71
CA LEU A 18 -2.42 -2.40 8.80
C LEU A 18 -1.15 -2.13 9.64
N PRO A 19 -0.64 -3.12 10.34
CA PRO A 19 0.57 -2.96 11.20
C PRO A 19 1.85 -2.65 10.42
N LYS A 20 2.09 -3.34 9.34
CA LYS A 20 3.35 -3.11 8.57
C LYS A 20 3.59 -1.60 8.38
N GLN A 21 2.88 -0.98 7.48
CA GLN A 21 3.09 0.49 7.23
C GLN A 21 2.86 1.28 8.54
N ILE A 22 1.78 1.04 9.22
CA ILE A 22 1.52 1.81 10.48
C ILE A 22 2.77 1.84 11.34
N LYS A 23 3.52 0.77 11.41
CA LYS A 23 4.75 0.77 12.27
C LYS A 23 5.79 1.74 11.70
N GLU A 24 6.52 1.30 10.69
CA GLU A 24 7.56 2.19 10.09
C GLU A 24 7.00 3.60 9.96
N HIS A 25 5.74 3.71 9.61
CA HIS A 25 5.11 5.05 9.48
C HIS A 25 4.72 5.54 10.86
N GLY A 26 4.25 4.65 11.70
CA GLY A 26 3.84 5.03 13.09
C GLY A 26 4.83 6.03 13.67
N LEU A 27 6.10 5.87 13.39
CA LEU A 27 7.11 6.82 13.94
C LEU A 27 6.53 8.24 13.95
N LYS A 28 5.81 8.60 12.91
CA LYS A 28 5.18 9.95 12.87
C LYS A 28 3.70 9.82 13.24
N LYS A 29 3.06 10.91 13.53
CA LYS A 29 1.62 10.83 13.92
C LYS A 29 0.87 9.95 12.92
N SER A 30 -0.25 9.40 13.31
CA SER A 30 -1.03 8.53 12.38
C SER A 30 -1.10 9.19 11.00
N ASN A 31 -0.19 8.84 10.12
CA ASN A 31 -0.18 9.45 8.77
C ASN A 31 -0.56 8.42 7.71
N LEU A 32 -1.64 7.71 7.91
CA LEU A 32 -2.05 6.69 6.90
C LEU A 32 -3.53 6.35 7.08
N GLN A 33 -4.29 6.42 6.02
CA GLN A 33 -5.73 6.07 6.10
C GLN A 33 -6.10 5.27 4.85
N LEU A 34 -5.51 4.11 4.70
CA LEU A 34 -5.78 3.27 3.51
C LEU A 34 -6.84 2.22 3.86
N ARG A 35 -7.62 1.80 2.90
CA ARG A 35 -8.68 0.79 3.16
C ARG A 35 -8.35 -0.49 2.39
N ASP A 36 -8.90 -1.60 2.78
CA ASP A 36 -8.63 -2.88 2.06
C ASP A 36 -8.92 -2.70 0.57
N GLN A 37 -9.98 -2.02 0.25
CA GLN A 37 -10.33 -1.80 -1.19
C GLN A 37 -9.13 -1.22 -1.93
N ALA A 38 -8.46 -0.26 -1.33
CA ALA A 38 -7.29 0.36 -2.01
C ALA A 38 -6.28 -0.72 -2.40
N ILE A 39 -5.58 -1.28 -1.45
CA ILE A 39 -4.57 -2.33 -1.79
C ILE A 39 -5.21 -3.36 -2.73
N LEU A 40 -6.42 -3.76 -2.47
CA LEU A 40 -7.07 -4.76 -3.35
C LEU A 40 -6.88 -4.35 -4.82
N ASP A 41 -7.17 -3.12 -5.14
CA ASP A 41 -7.01 -2.66 -6.54
C ASP A 41 -5.52 -2.61 -6.92
N ILE A 42 -4.67 -2.18 -6.01
CA ILE A 42 -3.22 -2.10 -6.34
C ILE A 42 -2.80 -3.43 -6.98
N ILE A 43 -2.66 -4.46 -6.21
CA ILE A 43 -2.24 -5.78 -6.77
C ILE A 43 -3.11 -6.11 -7.99
N ARG A 44 -4.37 -5.80 -7.93
CA ARG A 44 -5.26 -6.10 -9.09
C ARG A 44 -4.63 -5.59 -10.39
N TYR A 45 -4.05 -4.42 -10.35
CA TYR A 45 -3.42 -3.87 -11.59
C TYR A 45 -2.04 -4.51 -11.78
N TYR A 46 -1.27 -4.61 -10.74
CA TYR A 46 0.09 -5.22 -10.86
C TYR A 46 -0.05 -6.73 -11.02
N THR A 47 -0.64 -7.38 -10.07
CA THR A 47 -0.80 -8.86 -10.16
C THR A 47 0.57 -9.51 -10.22
N ARG A 48 1.62 -8.73 -10.16
CA ARG A 48 2.99 -9.31 -10.22
C ARG A 48 3.32 -9.95 -8.87
N GLU A 49 3.73 -11.20 -8.88
CA GLU A 49 4.06 -11.88 -7.59
C GLU A 49 5.57 -11.79 -7.33
N ALA A 50 6.32 -12.74 -7.84
CA ALA A 50 7.79 -12.69 -7.61
C ALA A 50 8.07 -12.63 -6.11
N GLY A 51 7.39 -13.42 -5.33
CA GLY A 51 7.62 -13.40 -3.86
C GLY A 51 6.83 -12.25 -3.23
N VAL A 52 6.03 -12.54 -2.25
CA VAL A 52 5.23 -11.47 -1.59
C VAL A 52 6.16 -10.36 -1.10
N ARG A 53 7.31 -10.71 -0.60
CA ARG A 53 8.26 -9.68 -0.08
C ARG A 53 8.25 -8.46 -1.02
N SER A 54 8.28 -8.68 -2.30
CA SER A 54 8.27 -7.53 -3.25
C SER A 54 6.93 -6.80 -3.16
N LEU A 55 5.86 -7.50 -3.34
CA LEU A 55 4.52 -6.85 -3.26
C LEU A 55 4.47 -6.02 -1.96
N GLU A 56 4.79 -6.64 -0.86
CA GLU A 56 4.78 -5.90 0.43
C GLU A 56 5.63 -4.65 0.31
N ARG A 57 6.75 -4.74 -0.36
CA ARG A 57 7.62 -3.55 -0.50
C ARG A 57 6.87 -2.47 -1.28
N GLN A 58 6.14 -2.85 -2.29
CA GLN A 58 5.38 -1.85 -3.09
C GLN A 58 4.38 -1.13 -2.18
N LEU A 59 3.62 -1.86 -1.43
CA LEU A 59 2.62 -1.22 -0.52
C LEU A 59 3.37 -0.37 0.52
N ALA A 60 4.38 -0.93 1.13
CA ALA A 60 5.14 -0.13 2.14
C ALA A 60 5.66 1.14 1.46
N ALA A 61 6.06 1.02 0.22
CA ALA A 61 6.60 2.20 -0.52
C ALA A 61 5.49 3.24 -0.73
N ILE A 62 4.40 2.86 -1.33
CA ILE A 62 3.31 3.86 -1.56
C ILE A 62 2.82 4.41 -0.22
N CYS A 63 2.70 3.56 0.77
CA CYS A 63 2.23 4.04 2.10
C CYS A 63 3.15 5.14 2.63
N ARG A 64 4.38 4.81 2.95
CA ARG A 64 5.30 5.86 3.47
C ARG A 64 5.43 6.98 2.45
N LYS A 65 5.62 6.65 1.20
CA LYS A 65 5.73 7.72 0.16
C LYS A 65 4.66 8.76 0.47
N ALA A 66 3.51 8.30 0.87
CA ALA A 66 2.41 9.24 1.22
C ALA A 66 2.75 9.90 2.56
N ALA A 67 3.30 9.14 3.47
CA ALA A 67 3.65 9.73 4.80
C ALA A 67 4.57 10.94 4.61
N LYS A 68 5.51 10.85 3.71
CA LYS A 68 6.43 11.99 3.48
C LYS A 68 5.69 13.09 2.72
N ALA A 69 4.86 12.72 1.78
CA ALA A 69 4.11 13.74 1.00
C ALA A 69 3.36 14.67 1.96
N ILE A 70 3.41 14.41 3.23
CA ILE A 70 2.71 15.29 4.21
C ILE A 70 3.00 16.76 3.90
N VAL A 71 4.17 17.04 3.37
CA VAL A 71 4.51 18.45 3.04
C VAL A 71 3.44 19.03 2.10
N ALA A 72 2.84 18.19 1.30
CA ALA A 72 1.79 18.69 0.36
C ALA A 72 0.56 19.14 1.16
N GLU A 73 0.46 20.40 1.46
CA GLU A 73 -0.71 20.90 2.23
C GLU A 73 -0.76 20.19 3.58
N GLU A 74 -0.53 20.90 4.65
CA GLU A 74 -0.56 20.27 6.00
C GLU A 74 -1.89 19.54 6.19
N ARG A 75 -1.97 18.30 5.79
CA ARG A 75 -3.25 17.53 5.95
C ARG A 75 -3.04 16.41 6.97
N LYS A 76 -3.93 16.27 7.92
CA LYS A 76 -3.78 15.19 8.93
C LYS A 76 -4.39 13.90 8.41
N ARG A 77 -3.72 12.79 8.63
CA ARG A 77 -4.26 11.49 8.14
C ARG A 77 -4.44 11.55 6.62
N ILE A 78 -3.66 10.79 5.89
CA ILE A 78 -3.78 10.81 4.40
C ILE A 78 -4.67 9.65 3.95
N THR A 79 -5.79 9.95 3.34
CA THR A 79 -6.70 8.87 2.87
C THR A 79 -6.18 8.31 1.53
N VAL A 80 -6.19 7.02 1.38
CA VAL A 80 -5.70 6.42 0.10
C VAL A 80 -6.76 5.47 -0.47
N THR A 81 -7.54 5.95 -1.40
CA THR A 81 -8.59 5.08 -2.01
C THR A 81 -8.04 4.42 -3.27
N GLU A 82 -8.77 4.48 -4.36
CA GLU A 82 -8.29 3.86 -5.62
C GLU A 82 -7.79 4.96 -6.56
N LYS A 83 -8.33 6.14 -6.44
CA LYS A 83 -7.89 7.26 -7.33
C LYS A 83 -6.57 7.84 -6.78
N ASN A 84 -6.52 8.10 -5.51
CA ASN A 84 -5.27 8.66 -4.92
C ASN A 84 -4.06 7.85 -5.40
N LEU A 85 -4.21 6.56 -5.50
CA LEU A 85 -3.08 5.70 -5.96
C LEU A 85 -2.36 6.39 -7.12
N GLN A 86 -3.04 6.60 -8.21
CA GLN A 86 -2.39 7.28 -9.37
C GLN A 86 -1.57 8.48 -8.88
N ASP A 87 -2.08 9.20 -7.92
CA ASP A 87 -1.35 10.38 -7.39
C ASP A 87 -0.04 9.92 -6.74
N PHE A 88 -0.06 8.82 -6.03
CA PHE A 88 1.17 8.32 -5.37
C PHE A 88 2.03 7.58 -6.41
N ILE A 89 1.56 6.47 -6.90
CA ILE A 89 2.35 5.70 -7.91
C ILE A 89 2.31 6.44 -9.26
N GLY A 90 1.13 6.73 -9.75
CA GLY A 90 1.03 7.44 -11.05
C GLY A 90 1.71 6.60 -12.15
N LYS A 91 1.36 5.35 -12.25
CA LYS A 91 1.98 4.48 -13.29
C LYS A 91 1.26 3.13 -13.30
N ARG A 92 1.46 2.34 -14.32
CA ARG A 92 0.80 1.00 -14.38
C ARG A 92 1.53 0.11 -15.38
N ILE A 93 1.10 -1.12 -15.51
CA ILE A 93 1.76 -2.06 -16.46
C ILE A 93 0.69 -2.91 -17.16
N PHE A 94 -0.27 -3.39 -16.42
CA PHE A 94 -1.34 -4.22 -17.04
C PHE A 94 -2.51 -3.33 -17.47
N ARG A 95 -2.94 -3.44 -18.71
CA ARG A 95 -4.07 -2.60 -19.19
C ARG A 95 -5.30 -3.49 -19.41
N TYR A 96 -6.13 -3.64 -18.42
CA TYR A 96 -7.34 -4.49 -18.58
C TYR A 96 -6.92 -5.86 -19.11
N ALA A 2 6.09 -23.48 3.80
CA ALA A 2 6.68 -23.06 2.50
C ALA A 2 5.66 -23.28 1.38
N GLY A 3 4.88 -22.28 1.08
CA GLY A 3 3.86 -22.42 0.00
C GLY A 3 2.98 -21.16 -0.03
N TYR A 4 3.33 -20.21 -0.84
CA TYR A 4 2.52 -18.96 -0.92
C TYR A 4 1.28 -19.21 -1.78
N THR A 5 0.13 -19.28 -1.16
CA THR A 5 -1.12 -19.51 -1.94
C THR A 5 -1.86 -18.19 -2.12
N GLU A 6 -2.60 -18.05 -3.18
CA GLU A 6 -3.35 -16.78 -3.43
C GLU A 6 -4.06 -16.36 -2.14
N ILE A 7 -4.72 -17.28 -1.47
CA ILE A 7 -5.43 -16.93 -0.23
C ILE A 7 -4.43 -16.51 0.85
N GLU A 8 -3.32 -17.19 0.95
CA GLU A 8 -2.32 -16.82 1.98
C GLU A 8 -1.87 -15.38 1.74
N LYS A 9 -1.26 -15.12 0.61
CA LYS A 9 -0.80 -13.74 0.32
C LYS A 9 -1.94 -12.74 0.56
N LEU A 10 -3.13 -13.09 0.19
CA LEU A 10 -4.27 -12.15 0.38
C LEU A 10 -4.49 -11.91 1.88
N GLU A 11 -4.51 -12.95 2.66
CA GLU A 11 -4.73 -12.78 4.13
C GLU A 11 -3.66 -11.86 4.71
N ILE A 12 -2.40 -12.21 4.56
CA ILE A 12 -1.33 -11.35 5.13
C ILE A 12 -1.32 -9.99 4.44
N VAL A 13 -1.06 -9.95 3.16
CA VAL A 13 -1.02 -8.65 2.42
C VAL A 13 -2.15 -7.74 2.91
N LYS A 14 -3.30 -8.27 3.20
CA LYS A 14 -4.40 -7.40 3.67
C LYS A 14 -4.26 -7.12 5.18
N ASP A 15 -4.13 -8.15 5.97
CA ASP A 15 -3.99 -7.94 7.44
C ASP A 15 -2.69 -7.21 7.77
N HIS A 16 -1.58 -7.86 7.57
CA HIS A 16 -0.26 -7.23 7.88
C HIS A 16 -0.25 -5.76 7.43
N LEU A 17 -0.83 -5.48 6.31
CA LEU A 17 -0.84 -4.08 5.79
C LEU A 17 -1.07 -3.07 6.95
N LEU A 18 -1.92 -3.41 7.89
CA LEU A 18 -2.20 -2.46 9.00
C LEU A 18 -0.95 -2.26 9.87
N PRO A 19 -0.53 -3.26 10.59
CA PRO A 19 0.68 -3.15 11.49
C PRO A 19 1.97 -2.86 10.72
N LYS A 20 2.20 -3.53 9.63
CA LYS A 20 3.45 -3.29 8.85
C LYS A 20 3.62 -1.79 8.60
N GLN A 21 2.85 -1.23 7.71
CA GLN A 21 2.99 0.23 7.41
C GLN A 21 2.89 1.04 8.71
N ILE A 22 1.84 0.85 9.46
CA ILE A 22 1.68 1.62 10.73
C ILE A 22 2.99 1.64 11.53
N LYS A 23 3.72 0.56 11.53
CA LYS A 23 4.99 0.54 12.34
C LYS A 23 6.06 1.44 11.71
N GLU A 24 6.75 0.95 10.70
CA GLU A 24 7.80 1.77 10.04
C GLU A 24 7.29 3.20 9.88
N HIS A 25 6.04 3.34 9.54
CA HIS A 25 5.44 4.69 9.37
C HIS A 25 5.08 5.23 10.75
N GLY A 26 4.60 4.37 11.61
CA GLY A 26 4.22 4.80 12.99
C GLY A 26 5.21 5.82 13.53
N LEU A 27 6.47 5.67 13.21
CA LEU A 27 7.49 6.64 13.72
C LEU A 27 6.86 8.05 13.74
N LYS A 28 6.09 8.37 12.74
CA LYS A 28 5.42 9.70 12.71
C LYS A 28 3.96 9.49 13.11
N LYS A 29 3.33 10.48 13.69
CA LYS A 29 1.91 10.32 14.11
C LYS A 29 1.14 9.54 13.03
N SER A 30 0.18 8.72 13.43
CA SER A 30 -0.59 7.93 12.43
C SER A 30 -0.80 8.76 11.16
N ASN A 31 0.05 8.57 10.19
CA ASN A 31 -0.06 9.37 8.94
C ASN A 31 -0.38 8.46 7.74
N LEU A 32 -1.22 7.50 7.91
CA LEU A 32 -1.58 6.61 6.77
C LEU A 32 -2.90 5.88 7.05
N GLN A 33 -3.68 5.65 6.03
CA GLN A 33 -4.98 4.93 6.23
C GLN A 33 -5.36 4.24 4.92
N LEU A 34 -4.86 3.05 4.70
CA LEU A 34 -5.18 2.32 3.44
C LEU A 34 -6.42 1.43 3.66
N ARG A 35 -7.43 1.61 2.85
CA ARG A 35 -8.66 0.78 3.00
C ARG A 35 -8.42 -0.59 2.38
N ASP A 36 -9.44 -1.41 2.29
CA ASP A 36 -9.26 -2.76 1.70
C ASP A 36 -9.24 -2.65 0.17
N GLN A 37 -10.10 -1.85 -0.39
CA GLN A 37 -10.13 -1.69 -1.88
C GLN A 37 -8.80 -1.12 -2.36
N ALA A 38 -8.24 -0.18 -1.66
CA ALA A 38 -6.95 0.42 -2.10
C ALA A 38 -5.89 -0.69 -2.24
N ILE A 39 -5.73 -1.50 -1.23
CA ILE A 39 -4.72 -2.59 -1.30
C ILE A 39 -5.06 -3.53 -2.47
N LEU A 40 -6.24 -4.10 -2.45
CA LEU A 40 -6.63 -5.04 -3.55
C LEU A 40 -6.29 -4.42 -4.91
N ASP A 41 -6.78 -3.24 -5.17
CA ASP A 41 -6.49 -2.59 -6.49
C ASP A 41 -4.99 -2.59 -6.75
N ILE A 42 -4.20 -2.17 -5.81
CA ILE A 42 -2.73 -2.14 -6.03
C ILE A 42 -2.24 -3.51 -6.53
N ILE A 43 -2.06 -4.45 -5.65
CA ILE A 43 -1.57 -5.80 -6.08
C ILE A 43 -2.35 -6.26 -7.32
N ARG A 44 -3.64 -6.15 -7.29
CA ARG A 44 -4.46 -6.59 -8.46
C ARG A 44 -3.85 -6.05 -9.76
N TYR A 45 -3.37 -4.83 -9.75
CA TYR A 45 -2.76 -4.27 -10.99
C TYR A 45 -1.36 -4.82 -11.16
N TYR A 46 -0.63 -4.95 -10.08
CA TYR A 46 0.76 -5.48 -10.16
C TYR A 46 0.74 -7.01 -10.18
N THR A 47 0.41 -7.62 -9.08
CA THR A 47 0.38 -9.11 -9.03
C THR A 47 1.67 -9.66 -9.65
N ARG A 48 2.64 -8.81 -9.89
CA ARG A 48 3.92 -9.29 -10.49
C ARG A 48 4.84 -9.81 -9.39
N GLU A 49 5.97 -10.35 -9.76
CA GLU A 49 6.91 -10.88 -8.73
C GLU A 49 6.24 -11.98 -7.92
N ALA A 50 6.74 -13.19 -8.00
CA ALA A 50 6.11 -14.31 -7.23
C ALA A 50 6.68 -14.32 -5.80
N GLY A 51 6.33 -13.34 -5.02
CA GLY A 51 6.84 -13.28 -3.62
C GLY A 51 6.22 -12.07 -2.91
N VAL A 52 5.90 -12.21 -1.65
CA VAL A 52 5.29 -11.07 -0.91
C VAL A 52 6.35 -10.01 -0.64
N ARG A 53 7.55 -10.40 -0.31
CA ARG A 53 8.62 -9.40 -0.02
C ARG A 53 8.52 -8.24 -1.02
N SER A 54 8.42 -8.53 -2.27
CA SER A 54 8.32 -7.45 -3.29
C SER A 54 7.04 -6.65 -3.05
N LEU A 55 5.92 -7.31 -3.01
CA LEU A 55 4.64 -6.59 -2.78
C LEU A 55 4.81 -5.67 -1.57
N GLU A 56 5.21 -6.22 -0.45
CA GLU A 56 5.41 -5.38 0.75
C GLU A 56 6.28 -4.18 0.39
N ARG A 57 7.26 -4.36 -0.44
CA ARG A 57 8.14 -3.21 -0.82
C ARG A 57 7.31 -2.19 -1.61
N GLN A 58 6.60 -2.63 -2.61
CA GLN A 58 5.78 -1.67 -3.41
C GLN A 58 4.76 -0.99 -2.49
N LEU A 59 4.18 -1.73 -1.59
CA LEU A 59 3.18 -1.13 -0.65
C LEU A 59 3.89 -0.13 0.26
N ALA A 60 4.97 -0.54 0.88
CA ALA A 60 5.71 0.41 1.75
C ALA A 60 5.99 1.68 0.95
N ALA A 61 6.27 1.53 -0.32
CA ALA A 61 6.56 2.71 -1.17
C ALA A 61 5.33 3.63 -1.24
N ILE A 62 4.21 3.13 -1.70
CA ILE A 62 2.99 3.98 -1.80
C ILE A 62 2.62 4.51 -0.40
N CYS A 63 2.70 3.68 0.60
CA CYS A 63 2.34 4.12 1.98
C CYS A 63 3.21 5.31 2.39
N ARG A 64 4.46 5.07 2.69
CA ARG A 64 5.36 6.19 3.10
C ARG A 64 5.29 7.30 2.07
N LYS A 65 5.43 6.98 0.81
CA LYS A 65 5.36 8.03 -0.24
C LYS A 65 4.21 8.96 0.11
N ALA A 66 3.13 8.38 0.57
CA ALA A 66 1.97 9.20 0.99
C ALA A 66 2.33 9.92 2.28
N ALA A 67 3.06 9.28 3.15
CA ALA A 67 3.45 9.95 4.43
C ALA A 67 4.30 11.19 4.13
N LYS A 68 5.40 11.01 3.47
CA LYS A 68 6.27 12.19 3.15
C LYS A 68 5.43 13.28 2.47
N ALA A 69 4.53 12.90 1.62
CA ALA A 69 3.69 13.90 0.92
C ALA A 69 3.01 14.80 1.96
N ILE A 70 3.17 14.49 3.21
CA ILE A 70 2.52 15.32 4.27
C ILE A 70 3.02 16.77 4.16
N VAL A 71 3.94 17.01 3.27
CA VAL A 71 4.46 18.40 3.11
C VAL A 71 3.31 19.39 3.02
N ALA A 72 2.17 18.93 2.57
CA ALA A 72 0.99 19.84 2.46
C ALA A 72 0.71 20.47 3.82
N GLU A 73 -0.16 21.45 3.87
CA GLU A 73 -0.48 22.10 5.16
C GLU A 73 -1.07 21.08 6.12
N GLU A 74 -2.30 21.23 6.51
CA GLU A 74 -2.93 20.27 7.45
C GLU A 74 -3.25 18.96 6.71
N ARG A 75 -2.93 17.84 7.30
CA ARG A 75 -3.22 16.54 6.64
C ARG A 75 -3.00 15.40 7.64
N LYS A 76 -4.01 15.06 8.39
CA LYS A 76 -3.87 13.96 9.39
C LYS A 76 -4.42 12.65 8.80
N ARG A 77 -3.80 11.54 9.11
CA ARG A 77 -4.29 10.24 8.59
C ARG A 77 -4.56 10.35 7.08
N ILE A 78 -3.64 9.94 6.26
CA ILE A 78 -3.85 10.02 4.79
C ILE A 78 -4.66 8.82 4.32
N THR A 79 -5.91 9.02 4.01
CA THR A 79 -6.76 7.89 3.53
C THR A 79 -6.46 7.62 2.05
N VAL A 80 -6.19 6.39 1.72
CA VAL A 80 -5.88 6.05 0.29
C VAL A 80 -7.08 5.35 -0.34
N THR A 81 -7.63 5.93 -1.38
CA THR A 81 -8.81 5.31 -2.05
C THR A 81 -8.35 4.56 -3.30
N GLU A 82 -9.22 3.79 -3.90
CA GLU A 82 -8.82 3.03 -5.11
C GLU A 82 -8.34 3.99 -6.19
N LYS A 83 -8.63 5.26 -6.04
CA LYS A 83 -8.19 6.25 -7.06
C LYS A 83 -6.88 6.90 -6.59
N ASN A 84 -6.84 7.33 -5.37
CA ASN A 84 -5.59 7.98 -4.85
C ASN A 84 -4.38 7.07 -5.12
N LEU A 85 -4.56 5.78 -4.97
CA LEU A 85 -3.41 4.85 -5.22
C LEU A 85 -2.70 5.27 -6.51
N GLN A 86 -3.44 5.68 -7.51
CA GLN A 86 -2.81 6.10 -8.78
C GLN A 86 -1.99 7.37 -8.53
N ASP A 87 -2.56 8.33 -7.87
CA ASP A 87 -1.80 9.59 -7.59
C ASP A 87 -0.44 9.23 -6.98
N PHE A 88 -0.41 8.26 -6.11
CA PHE A 88 0.88 7.86 -5.50
C PHE A 88 1.65 6.96 -6.47
N ILE A 89 1.26 5.72 -6.56
CA ILE A 89 1.96 4.78 -7.49
C ILE A 89 2.06 5.43 -8.89
N GLY A 90 0.95 5.87 -9.42
CA GLY A 90 0.98 6.50 -10.77
C GLY A 90 1.43 5.46 -11.80
N LYS A 91 0.78 5.43 -12.94
CA LYS A 91 1.15 4.44 -13.98
C LYS A 91 0.70 3.04 -13.54
N ARG A 92 1.12 2.02 -14.23
CA ARG A 92 0.70 0.64 -13.86
C ARG A 92 1.48 -0.37 -14.70
N ILE A 93 0.95 -1.56 -14.85
CA ILE A 93 1.64 -2.60 -15.66
C ILE A 93 0.65 -3.22 -16.65
N PHE A 94 -0.25 -4.04 -16.18
CA PHE A 94 -1.24 -4.65 -17.10
C PHE A 94 -2.24 -3.58 -17.56
N ARG A 95 -2.44 -3.46 -18.84
CA ARG A 95 -3.39 -2.44 -19.36
C ARG A 95 -4.82 -2.99 -19.32
N TYR A 96 -5.46 -2.90 -18.18
CA TYR A 96 -6.85 -3.42 -18.08
C TYR A 96 -6.85 -4.93 -18.32
N ALA A 2 9.09 -22.08 3.45
CA ALA A 2 9.11 -21.21 2.25
C ALA A 2 8.18 -21.78 1.18
N GLY A 3 6.99 -21.25 1.09
CA GLY A 3 6.03 -21.77 0.07
C GLY A 3 4.64 -21.16 0.31
N TYR A 4 4.51 -19.87 0.17
CA TYR A 4 3.19 -19.21 0.41
C TYR A 4 2.34 -19.33 -0.86
N THR A 5 1.08 -19.63 -0.70
CA THR A 5 0.18 -19.75 -1.89
C THR A 5 -0.76 -18.53 -1.95
N GLU A 6 -1.56 -18.44 -2.98
CA GLU A 6 -2.48 -17.29 -3.09
C GLU A 6 -3.22 -17.09 -1.77
N ILE A 7 -3.67 -18.16 -1.16
CA ILE A 7 -4.39 -18.04 0.13
C ILE A 7 -3.50 -17.30 1.14
N GLU A 8 -2.32 -17.79 1.35
CA GLU A 8 -1.41 -17.11 2.32
C GLU A 8 -1.31 -15.62 1.96
N LYS A 9 -1.00 -15.33 0.73
CA LYS A 9 -0.89 -13.89 0.31
C LYS A 9 -2.11 -13.13 0.82
N LEU A 10 -3.29 -13.68 0.70
CA LEU A 10 -4.50 -12.97 1.18
C LEU A 10 -4.43 -12.81 2.69
N GLU A 11 -4.05 -13.85 3.39
CA GLU A 11 -3.98 -13.76 4.87
C GLU A 11 -3.01 -12.65 5.29
N ILE A 12 -1.80 -12.68 4.78
CA ILE A 12 -0.83 -11.62 5.16
C ILE A 12 -1.22 -10.29 4.53
N VAL A 13 -1.20 -10.21 3.23
CA VAL A 13 -1.57 -8.92 2.54
C VAL A 13 -2.72 -8.24 3.27
N LYS A 14 -3.68 -8.99 3.74
CA LYS A 14 -4.84 -8.34 4.43
C LYS A 14 -4.51 -8.02 5.90
N ASP A 15 -3.81 -8.89 6.59
CA ASP A 15 -3.52 -8.63 8.03
C ASP A 15 -2.33 -7.67 8.23
N HIS A 16 -1.31 -7.78 7.45
CA HIS A 16 -0.11 -6.90 7.64
C HIS A 16 -0.37 -5.45 7.21
N LEU A 17 -1.09 -5.25 6.13
CA LEU A 17 -1.32 -3.84 5.64
C LEU A 17 -1.52 -2.86 6.79
N LEU A 18 -2.20 -3.23 7.84
CA LEU A 18 -2.42 -2.25 8.95
C LEU A 18 -1.18 -2.15 9.86
N PRO A 19 -0.88 -3.16 10.62
CA PRO A 19 0.29 -3.13 11.56
C PRO A 19 1.63 -2.88 10.85
N LYS A 20 1.93 -3.64 9.84
CA LYS A 20 3.22 -3.44 9.12
C LYS A 20 3.44 -1.95 8.84
N GLN A 21 2.77 -1.42 7.85
CA GLN A 21 2.94 0.02 7.51
C GLN A 21 2.81 0.88 8.76
N ILE A 22 1.73 0.74 9.50
CA ILE A 22 1.54 1.57 10.72
C ILE A 22 2.84 1.62 11.55
N LYS A 23 3.56 0.53 11.63
CA LYS A 23 4.80 0.54 12.47
C LYS A 23 5.86 1.44 11.82
N GLU A 24 6.57 0.94 10.84
CA GLU A 24 7.62 1.76 10.18
C GLU A 24 7.08 3.17 9.95
N HIS A 25 5.84 3.28 9.60
CA HIS A 25 5.23 4.62 9.37
C HIS A 25 4.85 5.23 10.72
N GLY A 26 4.36 4.42 11.61
CA GLY A 26 3.97 4.92 12.97
C GLY A 26 4.99 5.93 13.46
N LEU A 27 6.25 5.71 13.18
CA LEU A 27 7.29 6.67 13.64
C LEU A 27 6.76 8.10 13.54
N LYS A 28 6.03 8.40 12.50
CA LYS A 28 5.46 9.77 12.35
C LYS A 28 4.03 9.74 12.88
N LYS A 29 3.49 10.88 13.23
CA LYS A 29 2.09 10.90 13.74
C LYS A 29 1.20 10.02 12.87
N SER A 30 0.13 9.50 13.40
CA SER A 30 -0.77 8.62 12.60
C SER A 30 -0.93 9.22 11.20
N ASN A 31 -0.14 8.76 10.26
CA ASN A 31 -0.22 9.32 8.88
C ASN A 31 -0.49 8.20 7.87
N LEU A 32 -1.51 7.41 8.08
CA LEU A 32 -1.80 6.31 7.10
C LEU A 32 -3.24 5.84 7.29
N GLN A 33 -4.06 5.98 6.28
CA GLN A 33 -5.49 5.52 6.40
C GLN A 33 -5.93 4.92 5.06
N LEU A 34 -5.63 3.66 4.83
CA LEU A 34 -6.04 3.02 3.55
C LEU A 34 -7.22 2.08 3.79
N ARG A 35 -7.78 1.56 2.73
CA ARG A 35 -8.94 0.63 2.88
C ARG A 35 -8.66 -0.64 2.07
N ASP A 36 -9.22 -1.75 2.48
CA ASP A 36 -8.98 -3.02 1.73
C ASP A 36 -9.19 -2.78 0.23
N GLN A 37 -10.22 -2.07 -0.13
CA GLN A 37 -10.48 -1.80 -1.57
C GLN A 37 -9.22 -1.20 -2.21
N ALA A 38 -8.62 -0.24 -1.56
CA ALA A 38 -7.39 0.38 -2.14
C ALA A 38 -6.32 -0.70 -2.35
N ILE A 39 -5.92 -1.37 -1.31
CA ILE A 39 -4.88 -2.42 -1.45
C ILE A 39 -5.21 -3.31 -2.66
N LEU A 40 -6.44 -3.72 -2.79
CA LEU A 40 -6.81 -4.59 -3.94
C LEU A 40 -6.50 -3.86 -5.25
N ASP A 41 -6.82 -2.60 -5.33
CA ASP A 41 -6.55 -1.84 -6.58
C ASP A 41 -5.05 -1.91 -6.90
N ILE A 42 -4.22 -1.72 -5.90
CA ILE A 42 -2.75 -1.77 -6.16
C ILE A 42 -2.37 -3.13 -6.74
N ILE A 43 -2.32 -4.14 -5.91
CA ILE A 43 -1.94 -5.50 -6.41
C ILE A 43 -2.69 -5.80 -7.72
N ARG A 44 -3.94 -5.41 -7.81
CA ARG A 44 -4.72 -5.67 -9.04
C ARG A 44 -4.06 -4.96 -10.23
N TYR A 45 -3.59 -3.76 -10.02
CA TYR A 45 -2.94 -3.01 -11.14
C TYR A 45 -1.65 -3.72 -11.52
N TYR A 46 -0.92 -4.21 -10.55
CA TYR A 46 0.35 -4.91 -10.85
C TYR A 46 0.07 -6.40 -11.09
N THR A 47 -0.31 -7.11 -10.08
CA THR A 47 -0.58 -8.56 -10.24
C THR A 47 0.73 -9.27 -10.58
N ARG A 48 1.82 -8.55 -10.59
CA ARG A 48 3.13 -9.18 -10.91
C ARG A 48 3.58 -10.03 -9.72
N GLU A 49 3.90 -11.27 -9.96
CA GLU A 49 4.35 -12.16 -8.85
C GLU A 49 5.86 -12.05 -8.71
N ALA A 50 6.36 -12.01 -7.50
CA ALA A 50 7.82 -11.91 -7.29
C ALA A 50 8.13 -12.05 -5.80
N GLY A 51 7.50 -12.97 -5.14
CA GLY A 51 7.75 -13.15 -3.68
C GLY A 51 7.05 -12.04 -2.90
N VAL A 52 6.41 -12.38 -1.81
CA VAL A 52 5.70 -11.35 -1.01
C VAL A 52 6.67 -10.21 -0.65
N ARG A 53 7.88 -10.55 -0.34
CA ARG A 53 8.88 -9.48 0.02
C ARG A 53 8.70 -8.27 -0.89
N SER A 54 8.77 -8.47 -2.18
CA SER A 54 8.61 -7.33 -3.11
C SER A 54 7.22 -6.70 -2.94
N LEU A 55 6.21 -7.52 -2.92
CA LEU A 55 4.84 -6.97 -2.75
C LEU A 55 4.84 -6.03 -1.55
N GLU A 56 5.19 -6.53 -0.39
CA GLU A 56 5.24 -5.66 0.81
C GLU A 56 6.03 -4.39 0.49
N ARG A 57 7.08 -4.52 -0.27
CA ARG A 57 7.89 -3.31 -0.63
C ARG A 57 7.03 -2.34 -1.44
N GLN A 58 6.22 -2.85 -2.33
CA GLN A 58 5.36 -1.95 -3.15
C GLN A 58 4.37 -1.21 -2.24
N LEU A 59 3.69 -1.92 -1.37
CA LEU A 59 2.71 -1.26 -0.47
C LEU A 59 3.47 -0.32 0.47
N ALA A 60 4.60 -0.74 0.95
CA ALA A 60 5.39 0.14 1.86
C ALA A 60 5.79 1.40 1.07
N ALA A 61 6.11 1.22 -0.18
CA ALA A 61 6.53 2.39 -1.02
C ALA A 61 5.38 3.40 -1.13
N ILE A 62 4.23 2.99 -1.58
CA ILE A 62 3.09 3.95 -1.72
C ILE A 62 2.69 4.49 -0.34
N CYS A 63 2.58 3.63 0.63
CA CYS A 63 2.18 4.09 1.99
C CYS A 63 3.10 5.22 2.46
N ARG A 64 4.36 4.94 2.62
CA ARG A 64 5.30 6.01 3.09
C ARG A 64 5.37 7.13 2.06
N LYS A 65 5.56 6.81 0.80
CA LYS A 65 5.61 7.89 -0.23
C LYS A 65 4.53 8.89 0.11
N ALA A 66 3.42 8.40 0.56
CA ALA A 66 2.30 9.29 0.96
C ALA A 66 2.65 9.93 2.30
N ALA A 67 3.27 9.18 3.19
CA ALA A 67 3.63 9.76 4.52
C ALA A 67 4.59 10.94 4.33
N LYS A 68 5.71 10.71 3.70
CA LYS A 68 6.68 11.82 3.49
C LYS A 68 6.06 12.91 2.62
N ALA A 69 5.32 12.53 1.62
CA ALA A 69 4.69 13.54 0.72
C ALA A 69 3.77 14.44 1.54
N ILE A 70 3.72 14.26 2.83
CA ILE A 70 2.84 15.11 3.67
C ILE A 70 3.25 16.58 3.53
N VAL A 71 4.27 16.86 2.77
CA VAL A 71 4.71 18.27 2.59
C VAL A 71 3.52 19.13 2.19
N ALA A 72 2.42 18.51 1.85
CA ALA A 72 1.22 19.30 1.45
C ALA A 72 0.48 19.79 2.70
N GLU A 73 -0.24 20.87 2.58
CA GLU A 73 -0.98 21.41 3.76
C GLU A 73 -2.37 20.77 3.83
N GLU A 74 -2.55 19.79 4.66
CA GLU A 74 -3.87 19.13 4.78
C GLU A 74 -3.97 18.38 6.11
N ARG A 75 -5.15 18.04 6.54
CA ARG A 75 -5.30 17.32 7.83
C ARG A 75 -4.34 16.12 7.86
N LYS A 76 -4.12 15.55 9.02
CA LYS A 76 -3.20 14.39 9.11
C LYS A 76 -3.91 13.12 8.63
N ARG A 77 -3.36 11.98 8.93
CA ARG A 77 -4.00 10.71 8.48
C ARG A 77 -4.33 10.78 6.99
N ILE A 78 -3.40 10.39 6.16
CA ILE A 78 -3.65 10.44 4.69
C ILE A 78 -4.60 9.31 4.29
N THR A 79 -5.70 9.64 3.66
CA THR A 79 -6.66 8.58 3.25
C THR A 79 -6.31 8.07 1.85
N VAL A 80 -6.27 6.78 1.67
CA VAL A 80 -5.92 6.22 0.33
C VAL A 80 -7.15 5.51 -0.26
N THR A 81 -7.28 5.52 -1.55
CA THR A 81 -8.45 4.85 -2.20
C THR A 81 -8.01 4.19 -3.51
N GLU A 82 -8.89 4.05 -4.45
CA GLU A 82 -8.52 3.42 -5.75
C GLU A 82 -8.04 4.49 -6.72
N LYS A 83 -8.71 5.61 -6.76
CA LYS A 83 -8.29 6.70 -7.70
C LYS A 83 -7.00 7.33 -7.17
N ASN A 84 -6.91 7.52 -5.88
CA ASN A 84 -5.68 8.13 -5.31
C ASN A 84 -4.46 7.30 -5.70
N LEU A 85 -4.61 6.00 -5.72
CA LEU A 85 -3.47 5.11 -6.10
C LEU A 85 -2.69 5.75 -7.25
N GLN A 86 -3.39 6.23 -8.25
CA GLN A 86 -2.69 6.87 -9.39
C GLN A 86 -1.98 8.13 -8.91
N ASP A 87 -2.62 8.90 -8.07
CA ASP A 87 -1.98 10.15 -7.56
C ASP A 87 -0.65 9.80 -6.90
N PHE A 88 -0.59 8.71 -6.19
CA PHE A 88 0.69 8.31 -5.53
C PHE A 88 1.60 7.64 -6.55
N ILE A 89 1.24 6.47 -7.00
CA ILE A 89 2.08 5.76 -7.99
C ILE A 89 1.91 6.42 -9.36
N GLY A 90 0.70 6.56 -9.82
CA GLY A 90 0.47 7.19 -11.16
C GLY A 90 1.03 6.29 -12.26
N LYS A 91 2.21 5.76 -12.07
CA LYS A 91 2.80 4.86 -13.11
C LYS A 91 2.02 3.55 -13.14
N ARG A 92 1.85 2.97 -14.30
CA ARG A 92 1.10 1.69 -14.41
C ARG A 92 1.74 0.81 -15.48
N ILE A 93 1.40 -0.45 -15.48
CA ILE A 93 1.99 -1.38 -16.51
C ILE A 93 0.86 -2.20 -17.14
N PHE A 94 -0.02 -2.74 -16.33
CA PHE A 94 -1.14 -3.55 -16.90
C PHE A 94 -2.26 -2.62 -17.37
N ARG A 95 -3.08 -3.09 -18.28
CA ARG A 95 -4.20 -2.23 -18.78
C ARG A 95 -5.53 -2.74 -18.22
N TYR A 96 -5.70 -2.65 -16.92
CA TYR A 96 -6.97 -3.12 -16.31
C TYR A 96 -7.18 -4.60 -16.62
N ALA A 2 8.39 -23.07 1.24
CA ALA A 2 8.62 -22.29 -0.02
C ALA A 2 7.51 -22.61 -1.02
N GLY A 3 6.37 -22.00 -0.87
CA GLY A 3 5.25 -22.26 -1.82
C GLY A 3 4.08 -21.33 -1.50
N TYR A 4 4.32 -20.06 -1.37
CA TYR A 4 3.21 -19.11 -1.07
C TYR A 4 2.35 -18.90 -2.31
N THR A 5 1.10 -19.28 -2.24
CA THR A 5 0.20 -19.11 -3.43
C THR A 5 -0.73 -17.90 -3.19
N GLU A 6 -1.65 -17.68 -4.08
CA GLU A 6 -2.59 -16.53 -3.92
C GLU A 6 -3.14 -16.48 -2.49
N ILE A 7 -3.69 -17.57 -2.02
CA ILE A 7 -4.26 -17.59 -0.65
C ILE A 7 -3.28 -16.93 0.33
N GLU A 8 -2.06 -17.40 0.38
CA GLU A 8 -1.08 -16.79 1.32
C GLU A 8 -1.05 -15.27 1.11
N LYS A 9 -0.83 -14.84 -0.10
CA LYS A 9 -0.78 -13.37 -0.37
C LYS A 9 -1.99 -12.69 0.28
N LEU A 10 -3.14 -13.27 0.19
CA LEU A 10 -4.35 -12.63 0.81
C LEU A 10 -4.19 -12.61 2.33
N GLU A 11 -3.76 -13.70 2.91
CA GLU A 11 -3.60 -13.74 4.38
C GLU A 11 -2.66 -12.61 4.83
N ILE A 12 -1.50 -12.52 4.23
CA ILE A 12 -0.54 -11.45 4.63
C ILE A 12 -0.98 -10.09 4.08
N VAL A 13 -0.96 -9.92 2.79
CA VAL A 13 -1.37 -8.60 2.19
C VAL A 13 -2.57 -8.03 2.94
N LYS A 14 -3.50 -8.85 3.35
CA LYS A 14 -4.69 -8.32 4.05
C LYS A 14 -4.40 -8.08 5.55
N ASP A 15 -3.68 -8.95 6.19
CA ASP A 15 -3.42 -8.78 7.66
C ASP A 15 -2.30 -7.76 7.93
N HIS A 16 -1.26 -7.76 7.15
CA HIS A 16 -0.13 -6.82 7.43
C HIS A 16 -0.45 -5.37 7.04
N LEU A 17 -1.16 -5.15 5.96
CA LEU A 17 -1.46 -3.75 5.53
C LEU A 17 -1.76 -2.84 6.73
N LEU A 18 -2.42 -3.33 7.73
CA LEU A 18 -2.75 -2.45 8.89
C LEU A 18 -1.50 -2.15 9.74
N PRO A 19 -0.94 -3.15 10.39
CA PRO A 19 0.27 -2.95 11.26
C PRO A 19 1.54 -2.60 10.47
N LYS A 20 1.83 -3.33 9.44
CA LYS A 20 3.08 -3.05 8.65
C LYS A 20 3.22 -1.54 8.39
N GLN A 21 2.21 -0.92 7.84
CA GLN A 21 2.30 0.53 7.56
C GLN A 21 2.22 1.35 8.85
N ILE A 22 1.19 1.14 9.63
CA ILE A 22 1.03 1.93 10.89
C ILE A 22 2.35 1.97 11.68
N LYS A 23 3.09 0.90 11.70
CA LYS A 23 4.36 0.90 12.49
C LYS A 23 5.40 1.81 11.83
N GLU A 24 6.08 1.32 10.83
CA GLU A 24 7.11 2.15 10.15
C GLU A 24 6.58 3.57 9.97
N HIS A 25 5.33 3.70 9.66
CA HIS A 25 4.73 5.05 9.46
C HIS A 25 4.37 5.64 10.82
N GLY A 26 3.89 4.82 11.72
CA GLY A 26 3.52 5.30 13.08
C GLY A 26 4.57 6.29 13.59
N LEU A 27 5.82 6.02 13.32
CA LEU A 27 6.91 6.94 13.81
C LEU A 27 6.43 8.39 13.68
N LYS A 28 5.73 8.71 12.63
CA LYS A 28 5.21 10.10 12.47
C LYS A 28 3.78 10.15 12.99
N LYS A 29 3.24 11.32 13.19
CA LYS A 29 1.84 11.41 13.70
C LYS A 29 0.94 10.45 12.92
N SER A 30 -0.14 10.03 13.50
CA SER A 30 -1.06 9.08 12.79
C SER A 30 -1.23 9.54 11.34
N ASN A 31 -0.45 8.99 10.45
CA ASN A 31 -0.55 9.40 9.01
C ASN A 31 -0.90 8.18 8.14
N LEU A 32 -2.05 7.60 8.34
CA LEU A 32 -2.43 6.42 7.51
C LEU A 32 -3.94 6.18 7.57
N GLN A 33 -4.62 6.26 6.45
CA GLN A 33 -6.09 6.02 6.43
C GLN A 33 -6.46 5.30 5.14
N LEU A 34 -5.99 4.09 4.97
CA LEU A 34 -6.30 3.34 3.72
C LEU A 34 -7.48 2.39 3.96
N ARG A 35 -7.97 1.77 2.93
CA ARG A 35 -9.11 0.82 3.06
C ARG A 35 -8.71 -0.52 2.48
N ASP A 36 -9.46 -1.55 2.72
CA ASP A 36 -9.11 -2.89 2.16
C ASP A 36 -9.21 -2.84 0.63
N GLN A 37 -10.21 -2.19 0.12
CA GLN A 37 -10.37 -2.10 -1.37
C GLN A 37 -9.11 -1.48 -1.98
N ALA A 38 -8.56 -0.48 -1.34
CA ALA A 38 -7.34 0.17 -1.90
C ALA A 38 -6.21 -0.87 -2.02
N ILE A 39 -5.70 -1.34 -0.92
CA ILE A 39 -4.61 -2.35 -0.98
C ILE A 39 -4.95 -3.43 -2.00
N LEU A 40 -6.19 -3.83 -2.07
CA LEU A 40 -6.60 -4.88 -3.05
C LEU A 40 -6.46 -4.36 -4.47
N ASP A 41 -6.81 -3.12 -4.69
CA ASP A 41 -6.71 -2.55 -6.07
C ASP A 41 -5.25 -2.53 -6.52
N ILE A 42 -4.38 -1.93 -5.75
CA ILE A 42 -2.96 -1.86 -6.15
C ILE A 42 -2.42 -3.27 -6.47
N ILE A 43 -2.49 -4.18 -5.55
CA ILE A 43 -1.96 -5.55 -5.84
C ILE A 43 -2.71 -6.15 -7.03
N ARG A 44 -4.02 -6.09 -7.03
CA ARG A 44 -4.79 -6.67 -8.16
C ARG A 44 -4.27 -6.07 -9.48
N TYR A 45 -3.95 -4.81 -9.49
CA TYR A 45 -3.44 -4.18 -10.73
C TYR A 45 -2.09 -4.80 -11.10
N TYR A 46 -1.27 -5.06 -10.12
CA TYR A 46 0.07 -5.64 -10.39
C TYR A 46 0.01 -7.17 -10.29
N THR A 47 -0.07 -7.69 -9.10
CA THR A 47 -0.10 -9.17 -8.94
C THR A 47 1.06 -9.78 -9.73
N ARG A 48 1.95 -8.95 -10.21
CA ARG A 48 3.12 -9.47 -10.99
C ARG A 48 4.22 -9.93 -10.02
N GLU A 49 5.42 -10.07 -10.49
CA GLU A 49 6.53 -10.53 -9.61
C GLU A 49 6.14 -11.85 -8.93
N ALA A 50 7.05 -12.46 -8.24
CA ALA A 50 6.74 -13.76 -7.56
C ALA A 50 7.45 -13.81 -6.20
N GLY A 51 7.32 -12.78 -5.41
CA GLY A 51 7.97 -12.76 -4.07
C GLY A 51 7.19 -11.86 -3.13
N VAL A 52 6.71 -12.39 -2.04
CA VAL A 52 5.93 -11.56 -1.09
C VAL A 52 6.76 -10.36 -0.64
N ARG A 53 8.01 -10.56 -0.33
CA ARG A 53 8.86 -9.41 0.10
C ARG A 53 8.66 -8.24 -0.86
N SER A 54 8.58 -8.51 -2.13
CA SER A 54 8.38 -7.41 -3.11
C SER A 54 7.00 -6.80 -2.90
N LEU A 55 5.99 -7.61 -2.81
CA LEU A 55 4.63 -7.07 -2.59
C LEU A 55 4.68 -6.10 -1.40
N GLU A 56 5.16 -6.55 -0.29
CA GLU A 56 5.25 -5.65 0.90
C GLU A 56 6.04 -4.39 0.50
N ARG A 57 7.06 -4.54 -0.28
CA ARG A 57 7.86 -3.35 -0.69
C ARG A 57 6.98 -2.40 -1.51
N GLN A 58 6.14 -2.92 -2.35
CA GLN A 58 5.27 -2.04 -3.18
C GLN A 58 4.29 -1.28 -2.29
N LEU A 59 3.66 -1.94 -1.36
CA LEU A 59 2.70 -1.24 -0.47
C LEU A 59 3.48 -0.32 0.48
N ALA A 60 4.60 -0.77 0.96
CA ALA A 60 5.41 0.08 1.86
C ALA A 60 5.87 1.31 1.08
N ALA A 61 6.19 1.12 -0.17
CA ALA A 61 6.66 2.27 -1.00
C ALA A 61 5.54 3.28 -1.20
N ILE A 62 4.40 2.86 -1.69
CA ILE A 62 3.28 3.82 -1.90
C ILE A 62 2.84 4.40 -0.56
N CYS A 63 2.71 3.58 0.44
CA CYS A 63 2.27 4.06 1.78
C CYS A 63 3.18 5.20 2.25
N ARG A 64 4.42 4.92 2.50
CA ARG A 64 5.34 6.00 2.98
C ARG A 64 5.45 7.09 1.91
N LYS A 65 5.62 6.73 0.67
CA LYS A 65 5.70 7.77 -0.40
C LYS A 65 4.64 8.81 -0.10
N ALA A 66 3.50 8.35 0.34
CA ALA A 66 2.40 9.30 0.69
C ALA A 66 2.74 9.97 2.02
N ALA A 67 3.31 9.25 2.94
CA ALA A 67 3.66 9.85 4.26
C ALA A 67 4.67 10.98 4.05
N LYS A 68 5.86 10.66 3.58
CA LYS A 68 6.88 11.71 3.36
C LYS A 68 6.30 12.81 2.47
N ALA A 69 5.54 12.46 1.47
CA ALA A 69 4.95 13.49 0.58
C ALA A 69 4.13 14.47 1.41
N ILE A 70 3.98 14.22 2.68
CA ILE A 70 3.18 15.15 3.53
C ILE A 70 4.03 16.38 3.87
N VAL A 71 4.97 16.72 3.02
CA VAL A 71 5.82 17.91 3.29
C VAL A 71 4.93 19.09 3.72
N ALA A 72 3.66 19.02 3.43
CA ALA A 72 2.74 20.12 3.83
C ALA A 72 2.20 19.85 5.23
N GLU A 73 1.03 20.35 5.53
CA GLU A 73 0.45 20.13 6.89
C GLU A 73 -1.00 20.64 6.92
N GLU A 74 -1.62 20.74 5.78
CA GLU A 74 -3.03 21.23 5.73
C GLU A 74 -3.99 20.03 5.70
N ARG A 75 -3.56 18.89 6.15
CA ARG A 75 -4.45 17.70 6.12
C ARG A 75 -3.79 16.54 6.88
N LYS A 76 -4.24 16.27 8.08
CA LYS A 76 -3.63 15.14 8.85
C LYS A 76 -4.25 13.83 8.40
N ARG A 77 -3.63 12.72 8.72
CA ARG A 77 -4.19 11.40 8.30
C ARG A 77 -4.36 11.38 6.77
N ILE A 78 -3.59 10.59 6.08
CA ILE A 78 -3.71 10.55 4.59
C ILE A 78 -4.67 9.43 4.20
N THR A 79 -5.71 9.76 3.46
CA THR A 79 -6.68 8.72 3.02
C THR A 79 -6.20 8.11 1.70
N VAL A 80 -6.25 6.81 1.58
CA VAL A 80 -5.80 6.16 0.31
C VAL A 80 -6.97 5.43 -0.34
N THR A 81 -7.68 6.09 -1.21
CA THR A 81 -8.82 5.44 -1.90
C THR A 81 -8.33 4.76 -3.18
N GLU A 82 -9.21 4.21 -3.97
CA GLU A 82 -8.78 3.53 -5.22
C GLU A 82 -8.28 4.58 -6.22
N LYS A 83 -8.74 5.80 -6.10
CA LYS A 83 -8.30 6.86 -7.04
C LYS A 83 -7.01 7.51 -6.50
N ASN A 84 -6.81 7.45 -5.22
CA ASN A 84 -5.58 8.05 -4.64
C ASN A 84 -4.36 7.25 -5.09
N LEU A 85 -4.49 5.95 -5.17
CA LEU A 85 -3.35 5.10 -5.61
C LEU A 85 -2.64 5.77 -6.78
N GLN A 86 -3.26 5.78 -7.94
CA GLN A 86 -2.63 6.42 -9.13
C GLN A 86 -1.95 7.73 -8.71
N ASP A 87 -2.57 8.47 -7.84
CA ASP A 87 -1.96 9.75 -7.38
C ASP A 87 -0.60 9.49 -6.74
N PHE A 88 -0.47 8.43 -5.99
CA PHE A 88 0.84 8.13 -5.35
C PHE A 88 1.75 7.46 -6.37
N ILE A 89 1.26 6.44 -7.01
CA ILE A 89 2.09 5.73 -8.02
C ILE A 89 2.06 6.51 -9.34
N GLY A 90 1.01 6.37 -10.10
CA GLY A 90 0.91 7.10 -11.41
C GLY A 90 0.31 6.18 -12.47
N LYS A 91 1.05 5.18 -12.89
CA LYS A 91 0.52 4.25 -13.93
C LYS A 91 0.59 2.81 -13.39
N ARG A 92 0.54 1.85 -14.27
CA ARG A 92 0.60 0.42 -13.83
C ARG A 92 1.12 -0.45 -14.98
N ILE A 93 0.63 -1.65 -15.08
CA ILE A 93 1.08 -2.56 -16.17
C ILE A 93 -0.12 -3.28 -16.78
N PHE A 94 -1.01 -3.78 -15.96
CA PHE A 94 -2.20 -4.49 -16.48
C PHE A 94 -3.25 -3.47 -16.94
N ARG A 95 -3.22 -3.09 -18.20
CA ARG A 95 -4.21 -2.10 -18.71
C ARG A 95 -5.24 -2.82 -19.61
N TYR A 96 -6.08 -3.62 -19.03
CA TYR A 96 -7.10 -4.34 -19.84
C TYR A 96 -6.41 -5.02 -21.03
N ALA A 2 8.61 -23.33 0.66
CA ALA A 2 8.70 -22.76 -0.71
C ALA A 2 7.43 -23.09 -1.49
N GLY A 3 6.50 -22.17 -1.55
CA GLY A 3 5.24 -22.43 -2.31
C GLY A 3 4.16 -21.45 -1.84
N TYR A 4 4.19 -20.25 -2.35
CA TYR A 4 3.17 -19.24 -1.94
C TYR A 4 1.87 -19.50 -2.71
N THR A 5 0.75 -19.40 -2.04
CA THR A 5 -0.56 -19.63 -2.71
C THR A 5 -1.44 -18.39 -2.55
N GLU A 6 -2.32 -18.15 -3.48
CA GLU A 6 -3.21 -16.95 -3.38
C GLU A 6 -3.75 -16.83 -1.95
N ILE A 7 -4.11 -17.94 -1.35
CA ILE A 7 -4.65 -17.89 0.04
C ILE A 7 -3.62 -17.25 0.96
N GLU A 8 -2.47 -17.84 1.10
CA GLU A 8 -1.43 -17.26 2.00
C GLU A 8 -1.30 -15.76 1.73
N LYS A 9 -0.98 -15.39 0.52
CA LYS A 9 -0.84 -13.94 0.19
C LYS A 9 -2.08 -13.19 0.66
N LEU A 10 -3.24 -13.76 0.48
CA LEU A 10 -4.48 -13.05 0.92
C LEU A 10 -4.46 -12.89 2.45
N GLU A 11 -4.14 -13.93 3.17
CA GLU A 11 -4.10 -13.83 4.65
C GLU A 11 -3.17 -12.70 5.08
N ILE A 12 -1.92 -12.76 4.70
CA ILE A 12 -0.96 -11.70 5.10
C ILE A 12 -1.35 -10.36 4.46
N VAL A 13 -1.32 -10.28 3.16
CA VAL A 13 -1.68 -9.00 2.48
C VAL A 13 -2.85 -8.31 3.20
N LYS A 14 -3.81 -9.07 3.65
CA LYS A 14 -4.97 -8.43 4.33
C LYS A 14 -4.65 -8.11 5.81
N ASP A 15 -3.96 -8.97 6.49
CA ASP A 15 -3.69 -8.72 7.95
C ASP A 15 -2.50 -7.77 8.15
N HIS A 16 -1.45 -7.91 7.39
CA HIS A 16 -0.24 -7.04 7.60
C HIS A 16 -0.50 -5.58 7.18
N LEU A 17 -1.23 -5.36 6.12
CA LEU A 17 -1.46 -3.95 5.66
C LEU A 17 -1.63 -2.99 6.83
N LEU A 18 -2.29 -3.41 7.88
CA LEU A 18 -2.52 -2.47 9.02
C LEU A 18 -1.21 -2.24 9.80
N PRO A 19 -0.70 -3.23 10.49
CA PRO A 19 0.55 -3.10 11.30
C PRO A 19 1.80 -2.85 10.45
N LYS A 20 1.99 -3.60 9.41
CA LYS A 20 3.21 -3.42 8.56
C LYS A 20 3.47 -1.93 8.31
N GLN A 21 2.65 -1.30 7.52
CA GLN A 21 2.87 0.14 7.22
C GLN A 21 2.74 1.00 8.49
N ILE A 22 1.66 0.85 9.21
CA ILE A 22 1.47 1.68 10.43
C ILE A 22 2.74 1.67 11.30
N LYS A 23 3.43 0.57 11.39
CA LYS A 23 4.66 0.54 12.24
C LYS A 23 5.73 1.48 11.67
N GLU A 24 6.45 1.01 10.68
CA GLU A 24 7.52 1.88 10.07
C GLU A 24 6.98 3.30 9.92
N HIS A 25 5.74 3.43 9.56
CA HIS A 25 5.14 4.78 9.40
C HIS A 25 4.74 5.30 10.78
N GLY A 26 4.24 4.43 11.62
CA GLY A 26 3.83 4.83 13.00
C GLY A 26 4.84 5.82 13.58
N LEU A 27 6.10 5.64 13.29
CA LEU A 27 7.14 6.56 13.84
C LEU A 27 6.56 7.99 13.85
N LYS A 28 5.84 8.35 12.83
CA LYS A 28 5.22 9.71 12.79
C LYS A 28 3.75 9.59 13.21
N LYS A 29 3.13 10.67 13.60
CA LYS A 29 1.70 10.57 14.02
C LYS A 29 0.92 9.73 13.02
N SER A 30 -0.15 9.11 13.45
CA SER A 30 -0.96 8.27 12.51
C SER A 30 -1.08 8.98 11.17
N ASN A 31 -0.22 8.65 10.24
CA ASN A 31 -0.25 9.31 8.90
C ASN A 31 -0.50 8.28 7.80
N LEU A 32 -1.43 7.39 8.00
CA LEU A 32 -1.71 6.38 6.93
C LEU A 32 -3.09 5.77 7.14
N GLN A 33 -3.88 5.70 6.10
CA GLN A 33 -5.24 5.11 6.22
C GLN A 33 -5.54 4.32 4.94
N LEU A 34 -5.03 3.11 4.84
CA LEU A 34 -5.27 2.29 3.63
C LEU A 34 -6.52 1.44 3.82
N ARG A 35 -7.41 1.46 2.87
CA ARG A 35 -8.67 0.66 2.99
C ARG A 35 -8.51 -0.64 2.19
N ASP A 36 -9.16 -1.69 2.60
CA ASP A 36 -9.03 -2.98 1.87
C ASP A 36 -9.22 -2.75 0.37
N GLN A 37 -10.30 -2.11 -0.02
CA GLN A 37 -10.53 -1.85 -1.47
C GLN A 37 -9.30 -1.19 -2.07
N ALA A 38 -8.73 -0.24 -1.38
CA ALA A 38 -7.53 0.46 -1.92
C ALA A 38 -6.46 -0.57 -2.30
N ILE A 39 -5.84 -1.18 -1.32
CA ILE A 39 -4.79 -2.18 -1.62
C ILE A 39 -5.28 -3.12 -2.73
N LEU A 40 -6.49 -3.58 -2.65
CA LEU A 40 -7.02 -4.48 -3.71
C LEU A 40 -6.67 -3.90 -5.08
N ASP A 41 -7.02 -2.67 -5.30
CA ASP A 41 -6.71 -2.03 -6.61
C ASP A 41 -5.20 -2.02 -6.83
N ILE A 42 -4.44 -1.76 -5.81
CA ILE A 42 -2.95 -1.74 -5.96
C ILE A 42 -2.47 -3.10 -6.47
N ILE A 43 -2.49 -4.11 -5.64
CA ILE A 43 -2.03 -5.45 -6.08
C ILE A 43 -2.72 -5.80 -7.40
N ARG A 44 -4.00 -5.54 -7.52
CA ARG A 44 -4.71 -5.86 -8.78
C ARG A 44 -3.99 -5.20 -9.95
N TYR A 45 -3.51 -4.00 -9.77
CA TYR A 45 -2.81 -3.31 -10.87
C TYR A 45 -1.46 -4.00 -11.12
N TYR A 46 -0.80 -4.39 -10.08
CA TYR A 46 0.52 -5.08 -10.24
C TYR A 46 0.32 -6.58 -10.41
N THR A 47 -0.08 -7.26 -9.37
CA THR A 47 -0.28 -8.73 -9.48
C THR A 47 1.01 -9.36 -10.00
N ARG A 48 2.06 -8.59 -10.10
CA ARG A 48 3.35 -9.12 -10.59
C ARG A 48 3.94 -10.07 -9.54
N GLU A 49 4.26 -11.28 -9.94
CA GLU A 49 4.83 -12.26 -8.97
C GLU A 49 6.32 -11.98 -8.78
N ALA A 50 6.82 -12.17 -7.58
CA ALA A 50 8.27 -11.93 -7.32
C ALA A 50 8.53 -12.04 -5.82
N GLY A 51 7.80 -12.91 -5.15
CA GLY A 51 8.01 -13.07 -3.68
C GLY A 51 7.13 -12.05 -2.95
N VAL A 52 6.65 -12.41 -1.78
CA VAL A 52 5.78 -11.46 -1.02
C VAL A 52 6.63 -10.31 -0.48
N ARG A 53 7.81 -10.60 -0.02
CA ARG A 53 8.69 -9.52 0.53
C ARG A 53 8.69 -8.34 -0.44
N SER A 54 8.73 -8.60 -1.71
CA SER A 54 8.73 -7.50 -2.71
C SER A 54 7.38 -6.79 -2.67
N LEU A 55 6.31 -7.54 -2.74
CA LEU A 55 4.96 -6.92 -2.70
C LEU A 55 4.88 -6.01 -1.48
N GLU A 56 5.36 -6.47 -0.36
CA GLU A 56 5.33 -5.63 0.87
C GLU A 56 6.16 -4.37 0.62
N ARG A 57 7.27 -4.52 -0.05
CA ARG A 57 8.12 -3.33 -0.34
C ARG A 57 7.34 -2.34 -1.22
N GLN A 58 6.59 -2.84 -2.15
CA GLN A 58 5.79 -1.94 -3.04
C GLN A 58 4.76 -1.18 -2.20
N LEU A 59 3.97 -1.88 -1.43
CA LEU A 59 2.95 -1.19 -0.59
C LEU A 59 3.67 -0.26 0.39
N ALA A 60 4.77 -0.69 0.93
CA ALA A 60 5.51 0.19 1.87
C ALA A 60 5.94 1.43 1.10
N ALA A 61 6.30 1.25 -0.14
CA ALA A 61 6.74 2.41 -0.97
C ALA A 61 5.60 3.43 -1.13
N ILE A 62 4.50 3.03 -1.70
CA ILE A 62 3.37 4.00 -1.88
C ILE A 62 2.92 4.52 -0.52
N CYS A 63 2.81 3.65 0.46
CA CYS A 63 2.36 4.09 1.81
C CYS A 63 3.23 5.26 2.29
N ARG A 64 4.47 5.01 2.60
CA ARG A 64 5.34 6.11 3.09
C ARG A 64 5.41 7.22 2.05
N LYS A 65 5.59 6.88 0.80
CA LYS A 65 5.65 7.93 -0.26
C LYS A 65 4.55 8.94 0.06
N ALA A 66 3.43 8.46 0.50
CA ALA A 66 2.30 9.37 0.86
C ALA A 66 2.63 10.03 2.20
N ALA A 67 3.23 9.31 3.11
CA ALA A 67 3.57 9.91 4.42
C ALA A 67 4.50 11.11 4.22
N LYS A 68 5.45 10.98 3.32
CA LYS A 68 6.40 12.11 3.07
C LYS A 68 5.67 13.23 2.32
N ALA A 69 4.83 12.88 1.39
CA ALA A 69 4.09 13.92 0.62
C ALA A 69 3.48 14.94 1.58
N ILE A 70 3.50 14.66 2.85
CA ILE A 70 2.92 15.61 3.85
C ILE A 70 3.40 17.03 3.53
N VAL A 71 4.41 17.16 2.72
CA VAL A 71 4.91 18.52 2.37
C VAL A 71 3.75 19.43 2.01
N ALA A 72 2.59 18.86 1.77
CA ALA A 72 1.40 19.69 1.41
C ALA A 72 0.73 20.19 2.70
N GLU A 73 -0.52 20.55 2.62
CA GLU A 73 -1.24 21.03 3.82
C GLU A 73 -1.45 19.87 4.80
N GLU A 74 -1.71 20.16 6.05
CA GLU A 74 -1.93 19.06 7.04
C GLU A 74 -3.23 18.34 6.73
N ARG A 75 -3.17 17.33 5.90
CA ARG A 75 -4.42 16.58 5.55
C ARG A 75 -4.67 15.49 6.60
N LYS A 76 -4.05 15.60 7.75
CA LYS A 76 -4.25 14.58 8.81
C LYS A 76 -4.03 13.18 8.22
N ARG A 77 -4.50 12.16 8.88
CA ARG A 77 -4.32 10.78 8.35
C ARG A 77 -4.59 10.75 6.86
N ILE A 78 -3.64 10.32 6.07
CA ILE A 78 -3.85 10.28 4.60
C ILE A 78 -4.66 9.04 4.22
N THR A 79 -5.81 9.23 3.63
CA THR A 79 -6.66 8.06 3.23
C THR A 79 -6.32 7.67 1.79
N VAL A 80 -6.05 6.42 1.55
CA VAL A 80 -5.72 5.97 0.16
C VAL A 80 -6.86 5.11 -0.38
N THR A 81 -7.30 5.39 -1.59
CA THR A 81 -8.42 4.61 -2.19
C THR A 81 -8.00 4.11 -3.57
N GLU A 82 -8.94 3.89 -4.45
CA GLU A 82 -8.59 3.40 -5.81
C GLU A 82 -8.12 4.58 -6.67
N LYS A 83 -8.69 5.74 -6.46
CA LYS A 83 -8.26 6.93 -7.26
C LYS A 83 -6.93 7.46 -6.72
N ASN A 84 -6.86 7.72 -5.45
CA ASN A 84 -5.59 8.23 -4.86
C ASN A 84 -4.42 7.38 -5.35
N LEU A 85 -4.61 6.09 -5.45
CA LEU A 85 -3.52 5.19 -5.90
C LEU A 85 -2.77 5.86 -7.07
N GLN A 86 -3.47 6.30 -8.07
CA GLN A 86 -2.79 6.95 -9.22
C GLN A 86 -2.05 8.20 -8.74
N ASP A 87 -2.62 8.93 -7.84
CA ASP A 87 -1.96 10.16 -7.32
C ASP A 87 -0.60 9.81 -6.71
N PHE A 88 -0.52 8.71 -6.01
CA PHE A 88 0.79 8.31 -5.40
C PHE A 88 1.65 7.64 -6.46
N ILE A 89 1.23 6.50 -6.92
CA ILE A 89 2.02 5.77 -7.95
C ILE A 89 1.83 6.46 -9.32
N GLY A 90 0.61 6.53 -9.78
CA GLY A 90 0.37 7.18 -11.11
C GLY A 90 0.99 6.34 -12.22
N LYS A 91 2.17 5.84 -12.01
CA LYS A 91 2.84 5.01 -13.06
C LYS A 91 2.59 3.53 -12.77
N ARG A 92 1.74 2.90 -13.55
CA ARG A 92 1.44 1.46 -13.34
C ARG A 92 2.18 0.63 -14.39
N ILE A 93 1.75 -0.59 -14.61
CA ILE A 93 2.43 -1.45 -15.64
C ILE A 93 1.37 -2.26 -16.39
N PHE A 94 0.45 -2.86 -15.70
CA PHE A 94 -0.59 -3.68 -16.39
C PHE A 94 -1.65 -2.74 -16.97
N ARG A 95 -1.29 -1.92 -17.92
CA ARG A 95 -2.28 -1.00 -18.53
C ARG A 95 -3.29 -1.80 -19.36
N TYR A 96 -4.37 -2.22 -18.76
CA TYR A 96 -5.40 -3.00 -19.51
C TYR A 96 -6.78 -2.71 -18.93
N ALA A 2 8.76 -19.24 2.24
CA ALA A 2 9.51 -20.14 1.32
C ALA A 2 8.55 -21.11 0.64
N GLY A 3 7.33 -20.70 0.44
CA GLY A 3 6.33 -21.62 -0.21
C GLY A 3 4.92 -21.10 0.05
N TYR A 4 4.71 -19.81 -0.09
CA TYR A 4 3.35 -19.24 0.15
C TYR A 4 2.49 -19.44 -1.10
N THR A 5 1.19 -19.36 -0.94
CA THR A 5 0.29 -19.53 -2.11
C THR A 5 -0.71 -18.37 -2.15
N GLU A 6 -1.59 -18.37 -3.11
CA GLU A 6 -2.60 -17.26 -3.21
C GLU A 6 -3.27 -17.08 -1.85
N ILE A 7 -3.71 -18.14 -1.24
CA ILE A 7 -4.38 -18.02 0.09
C ILE A 7 -3.46 -17.29 1.06
N GLU A 8 -2.26 -17.79 1.25
CA GLU A 8 -1.31 -17.11 2.18
C GLU A 8 -1.31 -15.61 1.88
N LYS A 9 -0.83 -15.23 0.73
CA LYS A 9 -0.80 -13.78 0.37
C LYS A 9 -2.09 -13.10 0.81
N LEU A 10 -3.21 -13.76 0.66
CA LEU A 10 -4.49 -13.12 1.07
C LEU A 10 -4.52 -12.83 2.57
N GLU A 11 -4.42 -13.85 3.39
CA GLU A 11 -4.46 -13.62 4.87
C GLU A 11 -3.43 -12.56 5.30
N ILE A 12 -2.20 -12.66 4.85
CA ILE A 12 -1.19 -11.64 5.27
C ILE A 12 -1.47 -10.30 4.59
N VAL A 13 -1.41 -10.25 3.29
CA VAL A 13 -1.66 -8.96 2.58
C VAL A 13 -2.79 -8.19 3.26
N LYS A 14 -3.81 -8.86 3.71
CA LYS A 14 -4.93 -8.13 4.35
C LYS A 14 -4.60 -7.80 5.81
N ASP A 15 -3.95 -8.68 6.52
CA ASP A 15 -3.66 -8.42 7.96
C ASP A 15 -2.42 -7.52 8.13
N HIS A 16 -1.31 -7.89 7.52
CA HIS A 16 -0.05 -7.10 7.69
C HIS A 16 -0.24 -5.62 7.29
N LEU A 17 -0.97 -5.33 6.25
CA LEU A 17 -1.12 -3.91 5.82
C LEU A 17 -1.27 -2.98 7.04
N LEU A 18 -1.96 -3.42 8.05
CA LEU A 18 -2.17 -2.54 9.24
C LEU A 18 -0.83 -2.27 9.97
N PRO A 19 -0.26 -3.27 10.61
CA PRO A 19 1.02 -3.09 11.37
C PRO A 19 2.21 -2.70 10.47
N LYS A 20 2.35 -3.36 9.34
CA LYS A 20 3.49 -3.03 8.44
C LYS A 20 3.58 -1.52 8.22
N GLN A 21 2.77 -0.99 7.35
CA GLN A 21 2.80 0.47 7.07
C GLN A 21 2.78 1.27 8.37
N ILE A 22 1.84 0.99 9.24
CA ILE A 22 1.76 1.74 10.53
C ILE A 22 3.14 1.81 11.20
N LYS A 23 3.92 0.76 11.14
CA LYS A 23 5.25 0.81 11.81
C LYS A 23 6.15 1.86 11.16
N GLU A 24 6.76 1.53 10.07
CA GLU A 24 7.65 2.51 9.38
C GLU A 24 6.98 3.88 9.36
N HIS A 25 5.69 3.89 9.15
CA HIS A 25 4.94 5.18 9.11
C HIS A 25 4.67 5.65 10.55
N GLY A 26 4.36 4.72 11.41
CA GLY A 26 4.09 5.08 12.84
C GLY A 26 5.09 6.12 13.31
N LEU A 27 6.32 6.02 12.88
CA LEU A 27 7.36 6.99 13.31
C LEU A 27 6.74 8.38 13.42
N LYS A 28 5.88 8.74 12.50
CA LYS A 28 5.22 10.07 12.56
C LYS A 28 3.80 9.89 13.08
N LYS A 29 3.13 10.96 13.41
CA LYS A 29 1.73 10.83 13.92
C LYS A 29 0.94 9.87 13.03
N SER A 30 -0.09 9.27 13.56
CA SER A 30 -0.90 8.32 12.74
C SER A 30 -1.19 8.96 11.38
N ASN A 31 -0.36 8.69 10.40
CA ASN A 31 -0.58 9.29 9.05
C ASN A 31 -0.90 8.20 8.03
N LEU A 32 -1.95 7.45 8.26
CA LEU A 32 -2.31 6.38 7.29
C LEU A 32 -3.77 5.95 7.48
N GLN A 33 -4.55 6.00 6.43
CA GLN A 33 -5.98 5.59 6.53
C GLN A 33 -6.42 4.99 5.20
N LEU A 34 -5.88 3.85 4.85
CA LEU A 34 -6.25 3.21 3.55
C LEU A 34 -7.25 2.09 3.80
N ARG A 35 -7.74 1.50 2.74
CA ARG A 35 -8.72 0.39 2.88
C ARG A 35 -8.29 -0.78 1.99
N ASP A 36 -8.68 -1.98 2.34
CA ASP A 36 -8.29 -3.16 1.52
C ASP A 36 -8.53 -2.85 0.03
N GLN A 37 -9.64 -2.26 -0.29
CA GLN A 37 -9.94 -1.95 -1.72
C GLN A 37 -8.72 -1.30 -2.37
N ALA A 38 -8.05 -0.42 -1.68
CA ALA A 38 -6.85 0.24 -2.27
C ALA A 38 -5.80 -0.80 -2.63
N ILE A 39 -5.13 -1.35 -1.65
CA ILE A 39 -4.08 -2.38 -1.95
C ILE A 39 -4.63 -3.38 -2.97
N LEU A 40 -5.83 -3.87 -2.76
CA LEU A 40 -6.41 -4.86 -3.71
C LEU A 40 -6.29 -4.32 -5.14
N ASP A 41 -6.86 -3.17 -5.40
CA ASP A 41 -6.80 -2.60 -6.76
C ASP A 41 -5.34 -2.56 -7.24
N ILE A 42 -4.46 -2.04 -6.45
CA ILE A 42 -3.02 -1.96 -6.86
C ILE A 42 -2.56 -3.33 -7.40
N ILE A 43 -2.22 -4.24 -6.52
CA ILE A 43 -1.75 -5.57 -6.98
C ILE A 43 -2.67 -6.10 -8.10
N ARG A 44 -3.95 -5.98 -7.92
CA ARG A 44 -4.89 -6.46 -8.97
C ARG A 44 -4.47 -5.90 -10.33
N TYR A 45 -4.10 -4.64 -10.37
CA TYR A 45 -3.69 -4.03 -11.67
C TYR A 45 -2.24 -4.40 -11.97
N TYR A 46 -1.40 -4.40 -10.96
CA TYR A 46 0.04 -4.73 -11.19
C TYR A 46 0.24 -6.25 -11.12
N THR A 47 0.15 -6.81 -9.94
CA THR A 47 0.35 -8.28 -9.80
C THR A 47 1.75 -8.65 -10.31
N ARG A 48 2.43 -7.71 -10.91
CA ARG A 48 3.79 -7.99 -11.44
C ARG A 48 4.76 -8.21 -10.27
N GLU A 49 4.65 -9.32 -9.59
CA GLU A 49 5.57 -9.59 -8.45
C GLU A 49 5.90 -11.08 -8.41
N ALA A 50 6.93 -11.44 -7.68
CA ALA A 50 7.32 -12.88 -7.58
C ALA A 50 7.81 -13.18 -6.17
N GLY A 51 7.15 -12.65 -5.18
CA GLY A 51 7.57 -12.89 -3.77
C GLY A 51 6.83 -11.92 -2.85
N VAL A 52 6.24 -12.42 -1.81
CA VAL A 52 5.49 -11.53 -0.87
C VAL A 52 6.43 -10.43 -0.36
N ARG A 53 7.63 -10.80 0.00
CA ARG A 53 8.59 -9.77 0.52
C ARG A 53 8.54 -8.53 -0.37
N SER A 54 8.78 -8.68 -1.64
CA SER A 54 8.74 -7.51 -2.55
C SER A 54 7.33 -6.92 -2.54
N LEU A 55 6.32 -7.75 -2.54
CA LEU A 55 4.92 -7.23 -2.54
C LEU A 55 4.79 -6.25 -1.37
N GLU A 56 5.08 -6.69 -0.18
CA GLU A 56 4.99 -5.79 0.99
C GLU A 56 5.82 -4.54 0.72
N ARG A 57 6.96 -4.69 0.09
CA ARG A 57 7.80 -3.50 -0.20
C ARG A 57 7.03 -2.54 -1.11
N GLN A 58 6.31 -3.05 -2.06
CA GLN A 58 5.53 -2.18 -2.97
C GLN A 58 4.48 -1.40 -2.17
N LEU A 59 3.73 -2.08 -1.34
CA LEU A 59 2.69 -1.39 -0.54
C LEU A 59 3.38 -0.42 0.43
N ALA A 60 4.40 -0.87 1.10
CA ALA A 60 5.11 0.04 2.04
C ALA A 60 5.62 1.24 1.26
N ALA A 61 6.07 1.02 0.05
CA ALA A 61 6.61 2.14 -0.78
C ALA A 61 5.52 3.19 -1.02
N ILE A 62 4.39 2.81 -1.54
CA ILE A 62 3.32 3.82 -1.80
C ILE A 62 2.80 4.39 -0.47
N CYS A 63 2.56 3.54 0.50
CA CYS A 63 2.05 4.03 1.80
C CYS A 63 2.96 5.13 2.35
N ARG A 64 4.22 4.83 2.58
CA ARG A 64 5.13 5.87 3.12
C ARG A 64 5.27 7.00 2.10
N LYS A 65 5.45 6.69 0.84
CA LYS A 65 5.57 7.77 -0.17
C LYS A 65 4.51 8.82 0.15
N ALA A 66 3.36 8.36 0.55
CA ALA A 66 2.27 9.30 0.93
C ALA A 66 2.59 9.92 2.28
N ALA A 67 3.14 9.15 3.18
CA ALA A 67 3.48 9.70 4.53
C ALA A 67 4.46 10.85 4.38
N LYS A 68 5.42 10.72 3.50
CA LYS A 68 6.41 11.82 3.30
C LYS A 68 5.73 13.01 2.62
N ALA A 69 4.87 12.75 1.68
CA ALA A 69 4.18 13.87 0.97
C ALA A 69 3.59 14.83 2.02
N ILE A 70 3.57 14.44 3.26
CA ILE A 70 3.01 15.33 4.32
C ILE A 70 3.65 16.71 4.21
N VAL A 71 4.85 16.78 3.69
CA VAL A 71 5.53 18.10 3.57
C VAL A 71 4.56 19.13 2.99
N ALA A 72 3.60 18.68 2.22
CA ALA A 72 2.62 19.64 1.63
C ALA A 72 1.72 20.20 2.73
N GLU A 73 0.48 20.49 2.42
CA GLU A 73 -0.43 21.04 3.45
C GLU A 73 -0.58 20.04 4.60
N GLU A 74 -0.58 20.51 5.82
CA GLU A 74 -0.71 19.59 6.98
C GLU A 74 -1.88 18.62 6.74
N ARG A 75 -1.61 17.47 6.21
CA ARG A 75 -2.70 16.48 5.96
C ARG A 75 -2.85 15.55 7.16
N LYS A 76 -3.95 15.61 7.85
CA LYS A 76 -4.16 14.73 9.03
C LYS A 76 -4.67 13.36 8.57
N ARG A 77 -4.00 12.31 8.94
CA ARG A 77 -4.45 10.95 8.53
C ARG A 77 -4.71 10.93 7.03
N ILE A 78 -3.76 10.47 6.26
CA ILE A 78 -3.95 10.44 4.78
C ILE A 78 -4.94 9.32 4.43
N THR A 79 -6.06 9.67 3.88
CA THR A 79 -7.07 8.64 3.50
C THR A 79 -6.75 8.11 2.10
N VAL A 80 -6.89 6.83 1.88
CA VAL A 80 -6.59 6.27 0.53
C VAL A 80 -7.72 5.33 0.10
N THR A 81 -8.15 5.42 -1.14
CA THR A 81 -9.25 4.55 -1.63
C THR A 81 -8.80 3.84 -2.91
N GLU A 82 -9.06 4.44 -4.05
CA GLU A 82 -8.64 3.78 -5.33
C GLU A 82 -8.18 4.85 -6.32
N LYS A 83 -8.71 6.05 -6.23
CA LYS A 83 -8.28 7.13 -7.16
C LYS A 83 -6.95 7.71 -6.69
N ASN A 84 -6.89 8.13 -5.45
CA ASN A 84 -5.62 8.70 -4.91
C ASN A 84 -4.45 7.81 -5.30
N LEU A 85 -4.64 6.51 -5.26
CA LEU A 85 -3.53 5.58 -5.61
C LEU A 85 -2.73 6.13 -6.79
N GLN A 86 -3.40 6.46 -7.87
CA GLN A 86 -2.67 7.02 -9.05
C GLN A 86 -1.91 8.28 -8.60
N ASP A 87 -2.52 9.07 -7.77
CA ASP A 87 -1.84 10.31 -7.30
C ASP A 87 -0.51 9.97 -6.63
N PHE A 88 -0.47 8.89 -5.89
CA PHE A 88 0.81 8.51 -5.21
C PHE A 88 1.74 7.86 -6.23
N ILE A 89 1.28 6.84 -6.90
CA ILE A 89 2.13 6.16 -7.91
C ILE A 89 2.22 7.02 -9.16
N GLY A 90 1.09 7.29 -9.79
CA GLY A 90 1.10 8.12 -11.03
C GLY A 90 0.37 7.37 -12.15
N LYS A 91 1.08 6.50 -12.85
CA LYS A 91 0.43 5.74 -13.96
C LYS A 91 0.41 4.25 -13.59
N ARG A 92 -0.04 3.41 -14.50
CA ARG A 92 -0.09 1.95 -14.22
C ARG A 92 0.52 1.18 -15.38
N ILE A 93 0.17 -0.07 -15.54
CA ILE A 93 0.74 -0.89 -16.66
C ILE A 93 -0.37 -1.70 -17.31
N PHE A 94 -1.08 -2.48 -16.54
CA PHE A 94 -2.17 -3.31 -17.12
C PHE A 94 -3.37 -2.42 -17.45
N ARG A 95 -3.76 -2.37 -18.70
CA ARG A 95 -4.91 -1.52 -19.10
C ARG A 95 -6.21 -2.28 -18.87
N TYR A 96 -6.56 -2.55 -17.64
CA TYR A 96 -7.81 -3.30 -17.35
C TYR A 96 -7.88 -4.54 -18.25
N ALA A 2 6.27 -24.37 -0.72
CA ALA A 2 5.87 -24.89 0.62
C ALA A 2 4.38 -24.67 0.84
N GLY A 3 3.97 -23.43 0.89
CA GLY A 3 2.52 -23.13 1.09
C GLY A 3 2.23 -21.70 0.65
N TYR A 4 3.07 -21.15 -0.18
CA TYR A 4 2.82 -19.76 -0.67
C TYR A 4 1.81 -19.78 -1.81
N THR A 5 0.55 -19.94 -1.49
CA THR A 5 -0.50 -19.98 -2.56
C THR A 5 -1.35 -18.71 -2.49
N GLU A 6 -2.63 -18.83 -2.71
CA GLU A 6 -3.51 -17.63 -2.66
C GLU A 6 -3.86 -17.30 -1.20
N ILE A 7 -4.12 -18.29 -0.40
CA ILE A 7 -4.46 -18.04 1.03
C ILE A 7 -3.30 -17.35 1.74
N GLU A 8 -2.09 -17.77 1.45
CA GLU A 8 -0.92 -17.14 2.13
C GLU A 8 -0.93 -15.63 1.90
N LYS A 9 -0.73 -15.20 0.69
CA LYS A 9 -0.72 -13.73 0.40
C LYS A 9 -2.00 -13.08 0.97
N LEU A 10 -3.12 -13.74 0.88
CA LEU A 10 -4.37 -13.12 1.41
C LEU A 10 -4.25 -12.94 2.93
N GLU A 11 -3.80 -13.95 3.62
CA GLU A 11 -3.67 -13.85 5.11
C GLU A 11 -2.76 -12.67 5.48
N ILE A 12 -1.59 -12.60 4.92
CA ILE A 12 -0.67 -11.48 5.26
C ILE A 12 -1.17 -10.18 4.63
N VAL A 13 -1.20 -10.12 3.32
CA VAL A 13 -1.65 -8.87 2.64
C VAL A 13 -2.84 -8.23 3.37
N LYS A 14 -3.76 -9.01 3.85
CA LYS A 14 -4.94 -8.41 4.54
C LYS A 14 -4.63 -8.07 6.01
N ASP A 15 -3.90 -8.90 6.70
CA ASP A 15 -3.62 -8.61 8.15
C ASP A 15 -2.48 -7.59 8.33
N HIS A 16 -1.44 -7.69 7.55
CA HIS A 16 -0.27 -6.77 7.73
C HIS A 16 -0.57 -5.35 7.26
N LEU A 17 -1.31 -5.17 6.20
CA LEU A 17 -1.58 -3.79 5.69
C LEU A 17 -1.80 -2.80 6.83
N LEU A 18 -2.44 -3.19 7.89
CA LEU A 18 -2.69 -2.22 9.00
C LEU A 18 -1.40 -1.93 9.78
N PRO A 19 -0.86 -2.88 10.47
CA PRO A 19 0.39 -2.67 11.29
C PRO A 19 1.65 -2.44 10.43
N LYS A 20 1.87 -3.25 9.44
CA LYS A 20 3.09 -3.10 8.60
C LYS A 20 3.33 -1.62 8.24
N GLN A 21 2.33 -0.95 7.73
CA GLN A 21 2.51 0.48 7.34
C GLN A 21 2.47 1.38 8.58
N ILE A 22 1.47 1.25 9.39
CA ILE A 22 1.37 2.12 10.60
C ILE A 22 2.70 2.15 11.36
N LYS A 23 3.39 1.04 11.44
CA LYS A 23 4.68 1.04 12.19
C LYS A 23 5.71 1.96 11.53
N GLU A 24 6.36 1.49 10.50
CA GLU A 24 7.37 2.34 9.80
C GLU A 24 6.82 3.76 9.64
N HIS A 25 5.54 3.86 9.36
CA HIS A 25 4.92 5.20 9.18
C HIS A 25 4.62 5.78 10.56
N GLY A 26 4.19 4.95 11.47
CA GLY A 26 3.86 5.41 12.85
C GLY A 26 4.92 6.41 13.32
N LEU A 27 6.16 6.19 12.98
CA LEU A 27 7.23 7.13 13.43
C LEU A 27 6.71 8.56 13.39
N LYS A 28 5.93 8.90 12.40
CA LYS A 28 5.36 10.27 12.31
C LYS A 28 3.92 10.22 12.83
N LYS A 29 3.37 11.34 13.21
CA LYS A 29 1.97 11.33 13.73
C LYS A 29 1.09 10.45 12.83
N SER A 30 0.00 9.95 13.35
CA SER A 30 -0.89 9.08 12.52
C SER A 30 -1.05 9.71 11.14
N ASN A 31 -0.23 9.32 10.20
CA ASN A 31 -0.32 9.91 8.84
C ASN A 31 -0.60 8.82 7.79
N LEU A 32 -1.57 7.99 8.03
CA LEU A 32 -1.89 6.92 7.03
C LEU A 32 -3.31 6.38 7.25
N GLN A 33 -4.07 6.27 6.20
CA GLN A 33 -5.45 5.72 6.33
C GLN A 33 -5.83 5.01 5.03
N LEU A 34 -5.41 3.78 4.88
CA LEU A 34 -5.73 3.03 3.62
C LEU A 34 -6.86 2.04 3.88
N ARG A 35 -7.42 1.50 2.84
CA ARG A 35 -8.54 0.52 3.00
C ARG A 35 -8.17 -0.78 2.28
N ASP A 36 -9.09 -1.68 2.16
CA ASP A 36 -8.79 -2.97 1.47
C ASP A 36 -8.84 -2.77 -0.06
N GLN A 37 -9.83 -2.06 -0.54
CA GLN A 37 -9.94 -1.84 -2.00
C GLN A 37 -8.65 -1.20 -2.53
N ALA A 38 -8.09 -0.28 -1.79
CA ALA A 38 -6.83 0.39 -2.25
C ALA A 38 -5.77 -0.67 -2.61
N ILE A 39 -5.22 -1.32 -1.62
CA ILE A 39 -4.18 -2.35 -1.90
C ILE A 39 -4.67 -3.31 -2.98
N LEU A 40 -5.85 -3.86 -2.81
CA LEU A 40 -6.38 -4.81 -3.83
C LEU A 40 -6.20 -4.20 -5.23
N ASP A 41 -6.64 -2.99 -5.41
CA ASP A 41 -6.49 -2.34 -6.75
C ASP A 41 -5.03 -2.38 -7.18
N ILE A 42 -4.13 -2.00 -6.32
CA ILE A 42 -2.69 -2.02 -6.71
C ILE A 42 -2.34 -3.36 -7.34
N ILE A 43 -2.11 -4.37 -6.54
CA ILE A 43 -1.75 -5.71 -7.10
C ILE A 43 -2.67 -6.06 -8.27
N ARG A 44 -3.94 -5.74 -8.17
CA ARG A 44 -4.88 -6.07 -9.28
C ARG A 44 -4.38 -5.47 -10.60
N TYR A 45 -3.92 -4.25 -10.59
CA TYR A 45 -3.44 -3.63 -11.86
C TYR A 45 -2.02 -4.11 -12.15
N TYR A 46 -1.20 -4.23 -11.14
CA TYR A 46 0.20 -4.66 -11.36
C TYR A 46 0.27 -6.18 -11.50
N THR A 47 -0.28 -6.91 -10.57
CA THR A 47 -0.22 -8.40 -10.64
C THR A 47 1.22 -8.84 -10.41
N ARG A 48 2.15 -8.15 -11.03
CA ARG A 48 3.58 -8.50 -10.85
C ARG A 48 3.88 -8.78 -9.37
N GLU A 49 4.82 -9.63 -9.08
CA GLU A 49 5.14 -9.93 -7.66
C GLU A 49 6.36 -10.84 -7.58
N ALA A 50 6.35 -11.93 -8.31
CA ALA A 50 7.52 -12.86 -8.26
C ALA A 50 7.88 -13.16 -6.80
N GLY A 51 6.97 -12.92 -5.90
CA GLY A 51 7.26 -13.18 -4.46
C GLY A 51 6.49 -12.18 -3.60
N VAL A 52 6.20 -12.53 -2.38
CA VAL A 52 5.44 -11.59 -1.50
C VAL A 52 6.40 -10.54 -0.91
N ARG A 53 7.58 -10.95 -0.54
CA ARG A 53 8.55 -9.97 0.04
C ARG A 53 8.54 -8.68 -0.77
N SER A 54 8.86 -8.76 -2.03
CA SER A 54 8.86 -7.54 -2.88
C SER A 54 7.46 -6.92 -2.85
N LEU A 55 6.44 -7.73 -2.95
CA LEU A 55 5.06 -7.17 -2.93
C LEU A 55 4.94 -6.24 -1.72
N GLU A 56 5.14 -6.77 -0.54
CA GLU A 56 5.05 -5.92 0.68
C GLU A 56 5.91 -4.67 0.46
N ARG A 57 7.05 -4.81 -0.15
CA ARG A 57 7.91 -3.61 -0.38
C ARG A 57 7.17 -2.61 -1.27
N GLN A 58 6.45 -3.09 -2.25
CA GLN A 58 5.70 -2.17 -3.14
C GLN A 58 4.64 -1.42 -2.32
N LEU A 59 3.86 -2.12 -1.55
CA LEU A 59 2.82 -1.44 -0.74
C LEU A 59 3.50 -0.49 0.25
N ALA A 60 4.55 -0.94 0.87
CA ALA A 60 5.28 -0.05 1.84
C ALA A 60 5.78 1.18 1.08
N ALA A 61 6.22 0.99 -0.13
CA ALA A 61 6.74 2.14 -0.93
C ALA A 61 5.63 3.18 -1.15
N ILE A 62 4.50 2.78 -1.68
CA ILE A 62 3.41 3.77 -1.93
C ILE A 62 2.90 4.32 -0.60
N CYS A 63 2.66 3.48 0.36
CA CYS A 63 2.15 3.96 1.68
C CYS A 63 3.07 5.06 2.21
N ARG A 64 4.30 4.74 2.52
CA ARG A 64 5.22 5.77 3.05
C ARG A 64 5.36 6.90 2.04
N LYS A 65 5.52 6.59 0.78
CA LYS A 65 5.65 7.67 -0.24
C LYS A 65 4.60 8.73 0.10
N ALA A 66 3.44 8.29 0.49
CA ALA A 66 2.37 9.24 0.88
C ALA A 66 2.73 9.87 2.23
N ALA A 67 3.30 9.09 3.13
CA ALA A 67 3.67 9.64 4.46
C ALA A 67 4.66 10.79 4.27
N LYS A 68 5.60 10.64 3.38
CA LYS A 68 6.61 11.72 3.14
C LYS A 68 5.88 13.00 2.73
N ALA A 69 4.87 12.88 1.93
CA ALA A 69 4.12 14.10 1.50
C ALA A 69 3.57 14.84 2.72
N ILE A 70 3.82 14.33 3.90
CA ILE A 70 3.32 15.01 5.12
C ILE A 70 3.65 16.51 5.04
N VAL A 71 4.67 16.86 4.31
CA VAL A 71 5.03 18.30 4.20
C VAL A 71 4.00 19.02 3.30
N ALA A 72 3.34 18.29 2.44
CA ALA A 72 2.33 18.92 1.56
C ALA A 72 1.09 19.26 2.39
N GLU A 73 -0.07 19.23 1.79
CA GLU A 73 -1.32 19.57 2.54
C GLU A 73 -1.95 18.28 3.06
N GLU A 74 -2.42 18.29 4.28
CA GLU A 74 -3.06 17.07 4.85
C GLU A 74 -4.00 17.47 5.98
N ARG A 75 -3.54 18.25 6.92
CA ARG A 75 -4.40 18.69 8.04
C ARG A 75 -5.04 17.46 8.70
N LYS A 76 -4.68 16.28 8.29
CA LYS A 76 -5.27 15.06 8.90
C LYS A 76 -4.66 13.81 8.27
N ARG A 77 -4.91 12.65 8.84
CA ARG A 77 -4.34 11.40 8.26
C ARG A 77 -4.54 11.39 6.75
N ILE A 78 -3.65 10.77 6.02
CA ILE A 78 -3.78 10.72 4.54
C ILE A 78 -4.63 9.50 4.14
N THR A 79 -5.75 9.73 3.52
CA THR A 79 -6.62 8.59 3.10
C THR A 79 -6.14 8.06 1.75
N VAL A 80 -6.07 6.75 1.60
CA VAL A 80 -5.61 6.17 0.31
C VAL A 80 -6.71 5.30 -0.29
N THR A 81 -7.35 5.76 -1.32
CA THR A 81 -8.43 4.97 -1.97
C THR A 81 -8.05 4.67 -3.42
N GLU A 82 -8.78 3.81 -4.08
CA GLU A 82 -8.44 3.49 -5.49
C GLU A 82 -8.19 4.78 -6.27
N LYS A 83 -8.87 5.85 -5.89
CA LYS A 83 -8.66 7.14 -6.60
C LYS A 83 -7.28 7.69 -6.22
N ASN A 84 -7.08 8.04 -4.98
CA ASN A 84 -5.76 8.57 -4.55
C ASN A 84 -4.66 7.67 -5.12
N LEU A 85 -4.90 6.38 -5.15
CA LEU A 85 -3.88 5.44 -5.70
C LEU A 85 -3.20 6.05 -6.92
N GLN A 86 -3.96 6.63 -7.81
CA GLN A 86 -3.35 7.25 -9.02
C GLN A 86 -2.46 8.41 -8.60
N ASP A 87 -2.88 9.19 -7.64
CA ASP A 87 -2.07 10.35 -7.19
C ASP A 87 -0.71 9.85 -6.69
N PHE A 88 -0.69 8.74 -5.99
CA PHE A 88 0.61 8.22 -5.48
C PHE A 88 1.34 7.48 -6.61
N ILE A 89 0.86 6.32 -6.98
CA ILE A 89 1.52 5.55 -8.06
C ILE A 89 1.66 6.43 -9.30
N GLY A 90 0.63 7.14 -9.68
CA GLY A 90 0.71 8.03 -10.87
C GLY A 90 -0.22 7.50 -11.96
N LYS A 91 0.04 6.32 -12.46
CA LYS A 91 -0.83 5.76 -13.53
C LYS A 91 -0.70 4.23 -13.57
N ARG A 92 -1.67 3.57 -14.12
CA ARG A 92 -1.60 2.07 -14.18
C ARG A 92 -0.74 1.66 -15.38
N ILE A 93 -0.04 0.56 -15.26
CA ILE A 93 0.82 0.11 -16.39
C ILE A 93 0.09 -0.98 -17.20
N PHE A 94 -0.77 -1.73 -16.57
CA PHE A 94 -1.51 -2.80 -17.30
C PHE A 94 -2.88 -2.26 -17.74
N ARG A 95 -3.30 -2.60 -18.94
CA ARG A 95 -4.61 -2.13 -19.44
C ARG A 95 -5.67 -3.21 -19.18
N TYR A 96 -6.05 -3.42 -17.96
CA TYR A 96 -7.07 -4.46 -17.65
C TYR A 96 -8.33 -4.20 -18.48
N ALA A 2 10.08 -18.90 1.88
CA ALA A 2 9.99 -20.34 2.24
C ALA A 2 9.09 -21.06 1.23
N GLY A 3 7.82 -21.10 1.48
CA GLY A 3 6.89 -21.79 0.53
C GLY A 3 5.46 -21.29 0.76
N TYR A 4 5.24 -20.01 0.65
CA TYR A 4 3.87 -19.47 0.85
C TYR A 4 3.00 -19.77 -0.37
N THR A 5 1.72 -19.90 -0.18
CA THR A 5 0.81 -20.20 -1.33
C THR A 5 -0.24 -19.11 -1.45
N GLU A 6 -1.13 -19.23 -2.40
CA GLU A 6 -2.20 -18.19 -2.56
C GLU A 6 -2.85 -17.91 -1.20
N ILE A 7 -3.26 -18.93 -0.51
CA ILE A 7 -3.91 -18.73 0.82
C ILE A 7 -3.00 -17.86 1.69
N GLU A 8 -1.78 -18.28 1.90
CA GLU A 8 -0.85 -17.47 2.74
C GLU A 8 -0.91 -16.02 2.30
N LYS A 9 -0.58 -15.75 1.07
CA LYS A 9 -0.61 -14.35 0.56
C LYS A 9 -1.91 -13.67 1.01
N LEU A 10 -3.03 -14.33 0.85
CA LEU A 10 -4.31 -13.69 1.26
C LEU A 10 -4.28 -13.36 2.76
N GLU A 11 -3.98 -14.31 3.59
CA GLU A 11 -3.94 -14.05 5.06
C GLU A 11 -3.08 -12.82 5.35
N ILE A 12 -1.82 -12.88 5.02
CA ILE A 12 -0.91 -11.72 5.31
C ILE A 12 -1.36 -10.48 4.53
N VAL A 13 -1.34 -10.56 3.22
CA VAL A 13 -1.72 -9.38 2.38
C VAL A 13 -2.90 -8.64 3.01
N LYS A 14 -3.85 -9.33 3.56
CA LYS A 14 -5.01 -8.63 4.17
C LYS A 14 -4.66 -8.10 5.55
N ASP A 15 -3.92 -8.84 6.34
CA ASP A 15 -3.57 -8.37 7.70
C ASP A 15 -2.38 -7.40 7.65
N HIS A 16 -1.23 -7.89 7.30
CA HIS A 16 0.01 -7.06 7.25
C HIS A 16 -0.28 -5.65 6.70
N LEU A 17 -1.10 -5.53 5.71
CA LEU A 17 -1.35 -4.17 5.15
C LEU A 17 -1.64 -3.14 6.24
N LEU A 18 -2.35 -3.50 7.29
CA LEU A 18 -2.66 -2.49 8.34
C LEU A 18 -1.47 -2.27 9.30
N PRO A 19 -0.98 -3.30 9.95
CA PRO A 19 0.14 -3.16 10.92
C PRO A 19 1.49 -2.86 10.24
N LYS A 20 1.84 -3.59 9.22
CA LYS A 20 3.14 -3.36 8.54
C LYS A 20 3.27 -1.88 8.15
N GLN A 21 2.21 -1.29 7.69
CA GLN A 21 2.27 0.14 7.27
C GLN A 21 2.17 1.06 8.51
N ILE A 22 1.24 0.79 9.39
CA ILE A 22 1.09 1.66 10.59
C ILE A 22 2.38 1.71 11.42
N LYS A 23 3.07 0.62 11.54
CA LYS A 23 4.32 0.63 12.38
C LYS A 23 5.41 1.49 11.73
N GLU A 24 6.12 0.94 10.78
CA GLU A 24 7.21 1.71 10.11
C GLU A 24 6.77 3.16 9.90
N HIS A 25 5.54 3.34 9.52
CA HIS A 25 5.01 4.71 9.30
C HIS A 25 4.59 5.32 10.64
N GLY A 26 4.02 4.51 11.50
CA GLY A 26 3.58 4.99 12.85
C GLY A 26 4.61 5.96 13.41
N LEU A 27 5.87 5.70 13.19
CA LEU A 27 6.93 6.60 13.74
C LEU A 27 6.45 8.05 13.68
N LYS A 28 5.78 8.42 12.62
CA LYS A 28 5.26 9.82 12.52
C LYS A 28 3.82 9.85 13.06
N LYS A 29 3.32 11.00 13.38
CA LYS A 29 1.92 11.07 13.92
C LYS A 29 1.00 10.21 13.06
N SER A 30 -0.13 9.84 13.59
CA SER A 30 -1.08 8.99 12.80
C SER A 30 -1.18 9.53 11.38
N ASN A 31 -0.41 8.97 10.48
CA ASN A 31 -0.45 9.46 9.07
C ASN A 31 -0.62 8.29 8.10
N LEU A 32 -1.67 7.52 8.27
CA LEU A 32 -1.89 6.36 7.35
C LEU A 32 -3.36 5.92 7.40
N GLN A 33 -4.09 6.11 6.33
CA GLN A 33 -5.52 5.68 6.29
C GLN A 33 -5.74 4.91 5.00
N LEU A 34 -5.11 3.77 4.86
CA LEU A 34 -5.26 2.96 3.61
C LEU A 34 -6.44 2.00 3.77
N ARG A 35 -7.35 2.01 2.84
CA ARG A 35 -8.53 1.10 2.94
C ARG A 35 -8.21 -0.22 2.23
N ASP A 36 -8.84 -1.29 2.62
CA ASP A 36 -8.57 -2.61 1.97
C ASP A 36 -8.91 -2.53 0.48
N GLN A 37 -10.04 -1.98 0.15
CA GLN A 37 -10.44 -1.88 -1.28
C GLN A 37 -9.26 -1.37 -2.11
N ALA A 38 -8.60 -0.34 -1.66
CA ALA A 38 -7.43 0.20 -2.42
C ALA A 38 -6.33 -0.88 -2.49
N ILE A 39 -5.90 -1.37 -1.37
CA ILE A 39 -4.84 -2.42 -1.37
C ILE A 39 -5.14 -3.46 -2.45
N LEU A 40 -6.39 -3.80 -2.61
CA LEU A 40 -6.77 -4.80 -3.65
C LEU A 40 -6.61 -4.19 -5.05
N ASP A 41 -6.97 -2.95 -5.20
CA ASP A 41 -6.86 -2.30 -6.53
C ASP A 41 -5.39 -2.29 -6.99
N ILE A 42 -4.52 -1.72 -6.20
CA ILE A 42 -3.08 -1.66 -6.60
C ILE A 42 -2.64 -3.05 -7.11
N ILE A 43 -2.58 -4.02 -6.25
CA ILE A 43 -2.16 -5.38 -6.70
C ILE A 43 -2.91 -5.75 -7.98
N ARG A 44 -4.17 -5.41 -8.07
CA ARG A 44 -4.95 -5.74 -9.28
C ARG A 44 -4.25 -5.18 -10.53
N TYR A 45 -3.72 -3.99 -10.46
CA TYR A 45 -3.02 -3.42 -11.64
C TYR A 45 -1.61 -4.01 -11.74
N TYR A 46 -0.96 -4.18 -10.63
CA TYR A 46 0.42 -4.75 -10.65
C TYR A 46 0.34 -6.26 -10.84
N THR A 47 -0.18 -6.96 -9.88
CA THR A 47 -0.28 -8.44 -10.01
C THR A 47 1.08 -9.03 -10.36
N ARG A 48 2.11 -8.22 -10.38
CA ARG A 48 3.47 -8.74 -10.71
C ARG A 48 3.97 -9.61 -9.56
N GLU A 49 3.63 -10.88 -9.56
CA GLU A 49 4.08 -11.77 -8.46
C GLU A 49 5.61 -11.81 -8.41
N ALA A 50 6.17 -11.97 -7.25
CA ALA A 50 7.65 -12.02 -7.12
C ALA A 50 8.03 -12.04 -5.64
N GLY A 51 7.61 -13.06 -4.93
CA GLY A 51 7.94 -13.13 -3.48
C GLY A 51 7.19 -12.03 -2.73
N VAL A 52 6.59 -12.35 -1.63
CA VAL A 52 5.83 -11.31 -0.86
C VAL A 52 6.76 -10.15 -0.51
N ARG A 53 7.98 -10.43 -0.16
CA ARG A 53 8.93 -9.33 0.21
C ARG A 53 8.75 -8.16 -0.75
N SER A 54 8.74 -8.43 -2.03
CA SER A 54 8.57 -7.32 -3.02
C SER A 54 7.17 -6.71 -2.89
N LEU A 55 6.17 -7.54 -2.90
CA LEU A 55 4.78 -7.00 -2.78
C LEU A 55 4.72 -6.06 -1.58
N GLU A 56 5.15 -6.52 -0.44
CA GLU A 56 5.14 -5.65 0.76
C GLU A 56 5.92 -4.38 0.46
N ARG A 57 7.01 -4.48 -0.26
CA ARG A 57 7.81 -3.27 -0.58
C ARG A 57 6.97 -2.32 -1.44
N GLN A 58 6.20 -2.85 -2.35
CA GLN A 58 5.36 -1.97 -3.21
C GLN A 58 4.34 -1.22 -2.35
N LEU A 59 3.62 -1.93 -1.52
CA LEU A 59 2.61 -1.26 -0.65
C LEU A 59 3.33 -0.34 0.33
N ALA A 60 4.41 -0.80 0.90
CA ALA A 60 5.16 0.07 1.84
C ALA A 60 5.56 1.33 1.09
N ALA A 61 5.92 1.18 -0.15
CA ALA A 61 6.34 2.35 -0.98
C ALA A 61 5.17 3.35 -1.08
N ILE A 62 4.08 2.98 -1.69
CA ILE A 62 2.95 3.94 -1.83
C ILE A 62 2.60 4.52 -0.45
N CYS A 63 2.58 3.70 0.56
CA CYS A 63 2.24 4.19 1.92
C CYS A 63 3.22 5.30 2.33
N ARG A 64 4.42 4.94 2.71
CA ARG A 64 5.41 5.98 3.12
C ARG A 64 5.45 7.09 2.08
N LYS A 65 5.61 6.74 0.82
CA LYS A 65 5.65 7.80 -0.24
C LYS A 65 4.56 8.82 0.09
N ALA A 66 3.44 8.33 0.55
CA ALA A 66 2.35 9.24 0.94
C ALA A 66 2.76 9.97 2.23
N ALA A 67 3.42 9.28 3.12
CA ALA A 67 3.85 9.93 4.40
C ALA A 67 4.80 11.09 4.08
N LYS A 68 5.66 10.93 3.12
CA LYS A 68 6.60 12.02 2.76
C LYS A 68 5.83 13.22 2.23
N ALA A 69 4.81 12.97 1.45
CA ALA A 69 4.00 14.10 0.89
C ALA A 69 3.66 15.09 2.01
N ILE A 70 3.80 14.68 3.24
CA ILE A 70 3.48 15.60 4.37
C ILE A 70 4.37 16.84 4.27
N VAL A 71 5.51 16.72 3.67
CA VAL A 71 6.42 17.90 3.55
C VAL A 71 5.76 18.96 2.66
N ALA A 72 4.92 18.55 1.75
CA ALA A 72 4.24 19.53 0.86
C ALA A 72 3.03 20.12 1.57
N GLU A 73 3.06 20.18 2.88
CA GLU A 73 1.91 20.75 3.63
C GLU A 73 0.60 20.12 3.12
N GLU A 74 0.14 19.10 3.78
CA GLU A 74 -1.12 18.43 3.34
C GLU A 74 -2.07 18.30 4.54
N ARG A 75 -2.09 17.15 5.16
CA ARG A 75 -3.00 16.96 6.33
C ARG A 75 -2.58 15.69 7.07
N LYS A 76 -3.19 15.42 8.20
CA LYS A 76 -2.82 14.20 8.97
C LYS A 76 -3.66 13.02 8.47
N ARG A 77 -3.31 11.83 8.86
CA ARG A 77 -4.08 10.63 8.41
C ARG A 77 -4.31 10.70 6.90
N ILE A 78 -3.32 10.36 6.12
CA ILE A 78 -3.49 10.40 4.64
C ILE A 78 -4.46 9.31 4.21
N THR A 79 -5.57 9.68 3.64
CA THR A 79 -6.56 8.66 3.19
C THR A 79 -6.25 8.23 1.76
N VAL A 80 -6.14 6.95 1.53
CA VAL A 80 -5.84 6.45 0.16
C VAL A 80 -7.10 5.81 -0.45
N THR A 81 -7.22 5.85 -1.74
CA THR A 81 -8.43 5.25 -2.39
C THR A 81 -8.06 4.83 -3.82
N GLU A 82 -8.97 4.18 -4.50
CA GLU A 82 -8.68 3.75 -5.90
C GLU A 82 -8.34 4.97 -6.75
N LYS A 83 -8.73 6.14 -6.30
CA LYS A 83 -8.42 7.38 -7.09
C LYS A 83 -7.08 7.94 -6.63
N ASN A 84 -6.97 8.29 -5.38
CA ASN A 84 -5.68 8.84 -4.86
C ASN A 84 -4.51 7.98 -5.36
N LEU A 85 -4.70 6.69 -5.40
CA LEU A 85 -3.61 5.79 -5.87
C LEU A 85 -2.89 6.42 -7.06
N GLN A 86 -3.60 6.74 -8.10
CA GLN A 86 -2.95 7.37 -9.29
C GLN A 86 -2.14 8.58 -8.83
N ASP A 87 -2.66 9.34 -7.91
CA ASP A 87 -1.93 10.55 -7.42
C ASP A 87 -0.57 10.12 -6.84
N PHE A 88 -0.54 9.02 -6.13
CA PHE A 88 0.75 8.56 -5.54
C PHE A 88 1.56 7.83 -6.61
N ILE A 89 1.09 6.69 -7.04
CA ILE A 89 1.81 5.92 -8.08
C ILE A 89 1.76 6.68 -9.40
N GLY A 90 0.57 6.95 -9.91
CA GLY A 90 0.47 7.68 -11.20
C GLY A 90 1.08 6.83 -12.31
N LYS A 91 0.48 6.83 -13.47
CA LYS A 91 1.03 6.03 -14.59
C LYS A 91 1.05 4.55 -14.19
N ARG A 92 0.04 3.81 -14.55
CA ARG A 92 0.01 2.36 -14.19
C ARG A 92 1.02 1.60 -15.04
N ILE A 93 1.26 0.35 -14.73
CA ILE A 93 2.24 -0.45 -15.52
C ILE A 93 1.50 -1.32 -16.54
N PHE A 94 0.63 -2.17 -16.08
CA PHE A 94 -0.13 -3.04 -17.03
C PHE A 94 -1.11 -2.20 -17.84
N ARG A 95 -1.42 -2.62 -19.04
CA ARG A 95 -2.39 -1.86 -19.88
C ARG A 95 -3.53 -2.79 -20.31
N TYR A 96 -4.58 -2.84 -19.53
CA TYR A 96 -5.74 -3.72 -19.88
C TYR A 96 -7.04 -2.92 -19.75
N ALA A 2 8.98 -20.49 -0.96
CA ALA A 2 8.19 -21.59 -1.58
C ALA A 2 7.35 -22.28 -0.52
N GLY A 3 6.14 -21.83 -0.31
CA GLY A 3 5.26 -22.46 0.71
C GLY A 3 3.99 -21.64 0.83
N TYR A 4 4.07 -20.37 0.50
CA TYR A 4 2.87 -19.51 0.59
C TYR A 4 2.09 -19.57 -0.73
N THR A 5 0.85 -19.94 -0.68
CA THR A 5 0.03 -20.02 -1.93
C THR A 5 -0.82 -18.76 -2.07
N GLU A 6 -1.61 -18.67 -3.10
CA GLU A 6 -2.47 -17.47 -3.28
C GLU A 6 -3.31 -17.24 -2.02
N ILE A 7 -3.89 -18.27 -1.48
CA ILE A 7 -4.70 -18.10 -0.24
C ILE A 7 -3.86 -17.39 0.82
N GLU A 8 -2.71 -17.91 1.12
CA GLU A 8 -1.84 -17.26 2.14
C GLU A 8 -1.69 -15.78 1.79
N LYS A 9 -1.33 -15.49 0.57
CA LYS A 9 -1.17 -14.07 0.15
C LYS A 9 -2.38 -13.26 0.63
N LEU A 10 -3.57 -13.73 0.38
CA LEU A 10 -4.77 -12.98 0.83
C LEU A 10 -4.73 -12.81 2.35
N GLU A 11 -4.45 -13.86 3.06
CA GLU A 11 -4.40 -13.77 4.55
C GLU A 11 -3.42 -12.68 4.97
N ILE A 12 -2.15 -12.89 4.74
CA ILE A 12 -1.14 -11.87 5.14
C ILE A 12 -1.49 -10.52 4.51
N VAL A 13 -1.51 -10.44 3.21
CA VAL A 13 -1.84 -9.14 2.54
C VAL A 13 -2.94 -8.40 3.30
N LYS A 14 -3.92 -9.11 3.80
CA LYS A 14 -5.03 -8.41 4.52
C LYS A 14 -4.65 -8.09 5.97
N ASP A 15 -3.99 -8.98 6.65
CA ASP A 15 -3.65 -8.73 8.09
C ASP A 15 -2.41 -7.83 8.25
N HIS A 16 -1.41 -8.02 7.43
CA HIS A 16 -0.17 -7.19 7.59
C HIS A 16 -0.37 -5.75 7.14
N LEU A 17 -1.11 -5.51 6.09
CA LEU A 17 -1.29 -4.11 5.61
C LEU A 17 -1.42 -3.12 6.77
N LEU A 18 -2.07 -3.50 7.84
CA LEU A 18 -2.24 -2.56 8.98
C LEU A 18 -0.89 -2.30 9.70
N PRO A 19 -0.36 -3.29 10.39
CA PRO A 19 0.93 -3.12 11.13
C PRO A 19 2.13 -2.86 10.22
N LYS A 20 2.22 -3.56 9.12
CA LYS A 20 3.38 -3.35 8.20
C LYS A 20 3.68 -1.86 8.02
N GLN A 21 2.74 -1.12 7.51
CA GLN A 21 2.98 0.35 7.29
C GLN A 21 2.80 1.12 8.61
N ILE A 22 1.72 0.90 9.30
CA ILE A 22 1.49 1.63 10.58
C ILE A 22 2.76 1.61 11.45
N LYS A 23 3.47 0.52 11.48
CA LYS A 23 4.70 0.47 12.34
C LYS A 23 5.79 1.41 11.80
N GLU A 24 6.52 0.97 10.80
CA GLU A 24 7.59 1.84 10.23
C GLU A 24 7.07 3.27 10.11
N HIS A 25 5.83 3.42 9.74
CA HIS A 25 5.24 4.78 9.62
C HIS A 25 4.85 5.26 11.01
N GLY A 26 4.34 4.37 11.82
CA GLY A 26 3.94 4.74 13.21
C GLY A 26 4.95 5.71 13.81
N LEU A 27 6.21 5.52 13.52
CA LEU A 27 7.26 6.42 14.09
C LEU A 27 6.70 7.85 14.14
N LYS A 28 5.98 8.26 13.13
CA LYS A 28 5.40 9.63 13.12
C LYS A 28 3.91 9.51 13.48
N LYS A 29 3.26 10.59 13.77
CA LYS A 29 1.82 10.52 14.12
C LYS A 29 1.09 9.65 13.10
N SER A 30 0.04 8.97 13.50
CA SER A 30 -0.70 8.10 12.54
C SER A 30 -0.83 8.82 11.21
N ASN A 31 0.07 8.56 10.29
CA ASN A 31 0.02 9.24 8.97
C ASN A 31 -0.31 8.25 7.86
N LEU A 32 -1.14 7.27 8.13
CA LEU A 32 -1.49 6.29 7.08
C LEU A 32 -2.87 5.67 7.37
N GLN A 33 -3.73 5.64 6.40
CA GLN A 33 -5.08 5.04 6.62
C GLN A 33 -5.64 4.52 5.30
N LEU A 34 -5.17 3.38 4.85
CA LEU A 34 -5.68 2.83 3.56
C LEU A 34 -6.82 1.85 3.85
N ARG A 35 -7.43 1.34 2.81
CA ARG A 35 -8.54 0.35 2.99
C ARG A 35 -8.25 -0.90 2.18
N ASP A 36 -9.14 -1.86 2.20
CA ASP A 36 -8.91 -3.11 1.43
C ASP A 36 -9.05 -2.82 -0.06
N GLN A 37 -10.00 -2.01 -0.45
CA GLN A 37 -10.17 -1.70 -1.88
C GLN A 37 -8.86 -1.17 -2.46
N ALA A 38 -8.24 -0.23 -1.80
CA ALA A 38 -6.95 0.33 -2.31
C ALA A 38 -5.95 -0.81 -2.49
N ILE A 39 -5.60 -1.49 -1.43
CA ILE A 39 -4.62 -2.60 -1.55
C ILE A 39 -4.99 -3.49 -2.74
N LEU A 40 -6.18 -4.01 -2.76
CA LEU A 40 -6.60 -4.88 -3.90
C LEU A 40 -6.30 -4.19 -5.24
N ASP A 41 -6.53 -2.91 -5.30
CA ASP A 41 -6.27 -2.18 -6.58
C ASP A 41 -4.78 -2.25 -6.94
N ILE A 42 -3.92 -1.75 -6.10
CA ILE A 42 -2.46 -1.77 -6.43
C ILE A 42 -2.01 -3.19 -6.79
N ILE A 43 -2.17 -4.14 -5.92
CA ILE A 43 -1.74 -5.53 -6.24
C ILE A 43 -2.43 -6.00 -7.52
N ARG A 44 -3.68 -5.68 -7.68
CA ARG A 44 -4.41 -6.12 -8.90
C ARG A 44 -3.77 -5.51 -10.14
N TYR A 45 -3.37 -4.26 -10.09
CA TYR A 45 -2.73 -3.62 -11.26
C TYR A 45 -1.26 -4.03 -11.32
N TYR A 46 -0.63 -4.11 -10.18
CA TYR A 46 0.81 -4.48 -10.14
C TYR A 46 0.98 -5.97 -9.90
N THR A 47 0.06 -6.77 -10.36
CA THR A 47 0.21 -8.24 -10.17
C THR A 47 1.65 -8.64 -10.49
N ARG A 48 2.35 -7.79 -11.20
CA ARG A 48 3.76 -8.08 -11.56
C ARG A 48 4.56 -8.30 -10.26
N GLU A 49 4.61 -9.51 -9.77
CA GLU A 49 5.37 -9.76 -8.52
C GLU A 49 5.72 -11.25 -8.43
N ALA A 50 6.73 -11.58 -7.66
CA ALA A 50 7.13 -13.01 -7.52
C ALA A 50 7.60 -13.26 -6.09
N GLY A 51 6.75 -13.00 -5.13
CA GLY A 51 7.15 -13.20 -3.70
C GLY A 51 6.44 -12.16 -2.83
N VAL A 52 6.22 -12.47 -1.59
CA VAL A 52 5.53 -11.50 -0.69
C VAL A 52 6.50 -10.39 -0.26
N ARG A 53 7.72 -10.75 0.03
CA ARG A 53 8.72 -9.72 0.46
C ARG A 53 8.60 -8.48 -0.43
N SER A 54 8.83 -8.64 -1.71
CA SER A 54 8.73 -7.47 -2.62
C SER A 54 7.33 -6.89 -2.55
N LEU A 55 6.33 -7.72 -2.50
CA LEU A 55 4.93 -7.21 -2.41
C LEU A 55 4.85 -6.21 -1.27
N GLU A 56 5.18 -6.65 -0.08
CA GLU A 56 5.15 -5.74 1.09
C GLU A 56 5.93 -4.48 0.75
N ARG A 57 7.03 -4.61 0.06
CA ARG A 57 7.83 -3.42 -0.31
C ARG A 57 7.00 -2.47 -1.18
N GLN A 58 6.25 -3.02 -2.11
CA GLN A 58 5.42 -2.15 -2.99
C GLN A 58 4.40 -1.38 -2.14
N LEU A 59 3.71 -2.07 -1.26
CA LEU A 59 2.72 -1.37 -0.40
C LEU A 59 3.44 -0.38 0.50
N ALA A 60 4.50 -0.80 1.13
CA ALA A 60 5.25 0.14 2.01
C ALA A 60 5.67 1.35 1.17
N ALA A 61 6.03 1.12 -0.06
CA ALA A 61 6.46 2.24 -0.94
C ALA A 61 5.32 3.26 -1.10
N ILE A 62 4.19 2.84 -1.61
CA ILE A 62 3.07 3.80 -1.80
C ILE A 62 2.71 4.45 -0.45
N CYS A 63 2.63 3.68 0.60
CA CYS A 63 2.28 4.25 1.92
C CYS A 63 3.24 5.40 2.27
N ARG A 64 4.47 5.09 2.56
CA ARG A 64 5.44 6.16 2.93
C ARG A 64 5.47 7.22 1.83
N LYS A 65 5.53 6.81 0.58
CA LYS A 65 5.55 7.82 -0.52
C LYS A 65 4.50 8.88 -0.17
N ALA A 66 3.39 8.43 0.35
CA ALA A 66 2.32 9.38 0.75
C ALA A 66 2.77 10.13 2.01
N ALA A 67 3.44 9.44 2.92
CA ALA A 67 3.90 10.12 4.16
C ALA A 67 4.85 11.27 3.80
N LYS A 68 5.71 11.06 2.84
CA LYS A 68 6.66 12.14 2.44
C LYS A 68 5.91 13.22 1.67
N ALA A 69 4.99 12.82 0.83
CA ALA A 69 4.21 13.83 0.04
C ALA A 69 3.44 14.76 0.98
N ILE A 70 3.64 14.60 2.27
CA ILE A 70 2.92 15.48 3.24
C ILE A 70 3.46 16.90 3.13
N VAL A 71 3.90 17.31 1.98
CA VAL A 71 4.43 18.69 1.80
C VAL A 71 3.43 19.69 2.37
N ALA A 72 2.25 19.25 2.71
CA ALA A 72 1.23 20.18 3.26
C ALA A 72 1.75 20.81 4.54
N GLU A 73 0.88 21.06 5.49
CA GLU A 73 1.33 21.68 6.77
C GLU A 73 0.77 20.88 7.95
N GLU A 74 -0.54 20.74 8.02
CA GLU A 74 -1.14 19.98 9.15
C GLU A 74 -2.43 19.30 8.67
N ARG A 75 -2.54 18.01 8.86
CA ARG A 75 -3.76 17.29 8.43
C ARG A 75 -3.86 15.96 9.17
N LYS A 76 -5.04 15.40 9.26
CA LYS A 76 -5.20 14.10 9.98
C LYS A 76 -4.46 13.00 9.21
N ARG A 77 -4.65 11.77 9.59
CA ARG A 77 -3.96 10.65 8.89
C ARG A 77 -4.25 10.72 7.38
N ILE A 78 -3.37 10.20 6.58
CA ILE A 78 -3.60 10.25 5.10
C ILE A 78 -4.49 9.07 4.69
N THR A 79 -5.66 9.34 4.18
CA THR A 79 -6.58 8.25 3.77
C THR A 79 -6.29 7.87 2.32
N VAL A 80 -6.15 6.60 2.03
CA VAL A 80 -5.87 6.17 0.64
C VAL A 80 -7.15 5.62 0.00
N THR A 81 -7.21 5.58 -1.31
CA THR A 81 -8.42 5.05 -1.98
C THR A 81 -8.07 4.62 -3.41
N GLU A 82 -8.86 3.79 -4.01
CA GLU A 82 -8.55 3.33 -5.40
C GLU A 82 -8.23 4.55 -6.27
N LYS A 83 -8.74 5.70 -5.90
CA LYS A 83 -8.47 6.92 -6.70
C LYS A 83 -7.17 7.57 -6.22
N ASN A 84 -7.08 7.85 -4.94
CA ASN A 84 -5.84 8.47 -4.39
C ASN A 84 -4.62 7.70 -4.92
N LEU A 85 -4.72 6.39 -5.00
CA LEU A 85 -3.58 5.59 -5.51
C LEU A 85 -2.93 6.30 -6.71
N GLN A 86 -3.73 6.82 -7.60
CA GLN A 86 -3.17 7.53 -8.77
C GLN A 86 -2.35 8.73 -8.29
N ASP A 87 -2.93 9.57 -7.49
CA ASP A 87 -2.19 10.76 -6.99
C ASP A 87 -0.80 10.33 -6.48
N PHE A 88 -0.72 9.19 -5.84
CA PHE A 88 0.60 8.73 -5.33
C PHE A 88 1.39 8.08 -6.47
N ILE A 89 0.99 6.91 -6.88
CA ILE A 89 1.71 6.21 -7.98
C ILE A 89 1.60 7.04 -9.28
N GLY A 90 0.40 7.29 -9.74
CA GLY A 90 0.23 8.09 -10.99
C GLY A 90 -0.32 7.18 -12.09
N LYS A 91 0.47 6.90 -13.09
CA LYS A 91 0.00 6.01 -14.20
C LYS A 91 0.28 4.56 -13.84
N ARG A 92 -0.60 3.67 -14.22
CA ARG A 92 -0.38 2.22 -13.90
C ARG A 92 0.34 1.54 -15.06
N ILE A 93 0.52 0.25 -14.98
CA ILE A 93 1.23 -0.48 -16.07
C ILE A 93 0.19 -1.20 -16.94
N PHE A 94 -0.74 -1.87 -16.35
CA PHE A 94 -1.78 -2.60 -17.14
C PHE A 94 -2.92 -1.64 -17.46
N ARG A 95 -2.72 -0.72 -18.37
CA ARG A 95 -3.81 0.23 -18.71
C ARG A 95 -4.83 -0.47 -19.63
N TYR A 96 -5.81 -1.09 -19.06
CA TYR A 96 -6.84 -1.79 -19.88
C TYR A 96 -8.04 -0.85 -20.11
N ALA A 2 9.26 -20.48 1.73
CA ALA A 2 9.52 -20.57 0.26
C ALA A 2 8.38 -21.36 -0.41
N GLY A 3 7.16 -21.01 -0.13
CA GLY A 3 6.01 -21.73 -0.75
C GLY A 3 4.71 -21.00 -0.43
N TYR A 4 4.71 -19.69 -0.57
CA TYR A 4 3.47 -18.93 -0.28
C TYR A 4 2.50 -19.05 -1.45
N THR A 5 1.24 -19.26 -1.19
CA THR A 5 0.24 -19.39 -2.29
C THR A 5 -0.79 -18.26 -2.18
N GLU A 6 -1.79 -18.28 -3.02
CA GLU A 6 -2.83 -17.21 -2.97
C GLU A 6 -3.31 -17.04 -1.52
N ILE A 7 -3.61 -18.12 -0.86
CA ILE A 7 -4.09 -18.03 0.55
C ILE A 7 -3.11 -17.18 1.35
N GLU A 8 -1.87 -17.58 1.42
CA GLU A 8 -0.86 -16.80 2.19
C GLU A 8 -0.99 -15.32 1.82
N LYS A 9 -0.85 -15.01 0.56
CA LYS A 9 -0.97 -13.57 0.13
C LYS A 9 -2.16 -12.92 0.83
N LEU A 10 -3.27 -13.60 0.90
CA LEU A 10 -4.45 -12.99 1.57
C LEU A 10 -4.18 -12.86 3.07
N GLU A 11 -3.61 -13.88 3.67
CA GLU A 11 -3.32 -13.82 5.12
C GLU A 11 -2.39 -12.65 5.43
N ILE A 12 -1.33 -12.50 4.69
CA ILE A 12 -0.39 -11.37 4.96
C ILE A 12 -0.97 -10.07 4.41
N VAL A 13 -1.13 -9.96 3.12
CA VAL A 13 -1.68 -8.70 2.53
C VAL A 13 -2.80 -8.15 3.41
N LYS A 14 -3.62 -8.99 3.95
CA LYS A 14 -4.72 -8.46 4.82
C LYS A 14 -4.19 -8.18 6.23
N ASP A 15 -3.53 -9.13 6.84
CA ASP A 15 -3.00 -8.92 8.21
C ASP A 15 -1.94 -7.80 8.19
N HIS A 16 -0.79 -8.09 7.65
CA HIS A 16 0.30 -7.07 7.60
C HIS A 16 -0.28 -5.69 7.27
N LEU A 17 -1.28 -5.64 6.44
CA LEU A 17 -1.88 -4.33 6.04
C LEU A 17 -1.90 -3.35 7.23
N LEU A 18 -2.20 -3.81 8.41
CA LEU A 18 -2.26 -2.86 9.56
C LEU A 18 -0.84 -2.57 10.11
N PRO A 19 -0.20 -3.53 10.75
CA PRO A 19 1.16 -3.33 11.33
C PRO A 19 2.23 -2.95 10.30
N LYS A 20 2.34 -3.69 9.24
CA LYS A 20 3.38 -3.38 8.21
C LYS A 20 3.49 -1.87 7.99
N GLN A 21 2.40 -1.22 7.65
CA GLN A 21 2.46 0.25 7.40
C GLN A 21 2.43 1.01 8.73
N ILE A 22 1.51 0.68 9.59
CA ILE A 22 1.40 1.40 10.89
C ILE A 22 2.75 1.48 11.60
N LYS A 23 3.56 0.47 11.54
CA LYS A 23 4.87 0.54 12.26
C LYS A 23 5.78 1.60 11.64
N GLU A 24 6.45 1.28 10.56
CA GLU A 24 7.37 2.27 9.92
C GLU A 24 6.67 3.62 9.88
N HIS A 25 5.40 3.62 9.63
CA HIS A 25 4.63 4.89 9.57
C HIS A 25 4.28 5.32 10.99
N GLY A 26 3.98 4.36 11.83
CA GLY A 26 3.62 4.66 13.25
C GLY A 26 4.52 5.76 13.81
N LEU A 27 5.78 5.76 13.43
CA LEU A 27 6.70 6.81 13.96
C LEU A 27 5.93 8.13 14.04
N LYS A 28 5.10 8.40 13.07
CA LYS A 28 4.26 9.62 13.09
C LYS A 28 2.79 9.17 13.20
N LYS A 29 2.32 8.96 14.40
CA LYS A 29 0.92 8.49 14.61
C LYS A 29 -0.04 9.19 13.63
N SER A 30 -1.24 8.70 13.53
CA SER A 30 -2.23 9.33 12.61
C SER A 30 -1.60 9.52 11.23
N ASN A 31 -1.20 8.44 10.59
CA ASN A 31 -0.58 8.58 9.25
C ASN A 31 -0.97 7.39 8.36
N LEU A 32 -2.17 6.91 8.48
CA LEU A 32 -2.59 5.76 7.62
C LEU A 32 -4.12 5.65 7.58
N GLN A 33 -4.71 5.92 6.44
CA GLN A 33 -6.19 5.83 6.32
C GLN A 33 -6.53 5.18 4.96
N LEU A 34 -6.07 3.98 4.76
CA LEU A 34 -6.35 3.27 3.48
C LEU A 34 -7.49 2.28 3.67
N ARG A 35 -7.91 1.66 2.60
CA ARG A 35 -9.02 0.66 2.70
C ARG A 35 -8.62 -0.59 1.91
N ASP A 36 -9.04 -1.74 2.37
CA ASP A 36 -8.69 -3.00 1.65
C ASP A 36 -8.87 -2.80 0.14
N GLN A 37 -9.93 -2.14 -0.24
CA GLN A 37 -10.18 -1.90 -1.69
C GLN A 37 -8.97 -1.21 -2.32
N ALA A 38 -8.38 -0.28 -1.61
CA ALA A 38 -7.21 0.45 -2.16
C ALA A 38 -6.12 -0.56 -2.55
N ILE A 39 -5.37 -1.06 -1.60
CA ILE A 39 -4.29 -2.03 -1.91
C ILE A 39 -4.81 -3.07 -2.91
N LEU A 40 -6.02 -3.55 -2.72
CA LEU A 40 -6.56 -4.56 -3.68
C LEU A 40 -6.43 -4.02 -5.09
N ASP A 41 -7.10 -2.94 -5.39
CA ASP A 41 -7.04 -2.36 -6.76
C ASP A 41 -5.57 -2.29 -7.22
N ILE A 42 -4.70 -1.78 -6.39
CA ILE A 42 -3.26 -1.69 -6.78
C ILE A 42 -2.81 -3.03 -7.37
N ILE A 43 -2.64 -4.02 -6.54
CA ILE A 43 -2.20 -5.35 -7.04
C ILE A 43 -3.06 -5.77 -8.23
N ARG A 44 -4.36 -5.75 -8.07
CA ARG A 44 -5.26 -6.15 -9.19
C ARG A 44 -4.79 -5.50 -10.49
N TYR A 45 -4.36 -4.26 -10.43
CA TYR A 45 -3.91 -3.57 -11.66
C TYR A 45 -2.51 -4.09 -12.04
N TYR A 46 -1.69 -4.31 -11.06
CA TYR A 46 -0.31 -4.81 -11.36
C TYR A 46 -0.29 -6.33 -11.36
N THR A 47 -0.41 -6.96 -10.22
CA THR A 47 -0.39 -8.44 -10.18
C THR A 47 0.83 -8.94 -10.98
N ARG A 48 1.72 -8.04 -11.31
CA ARG A 48 2.93 -8.44 -12.09
C ARG A 48 4.09 -8.71 -11.12
N GLU A 49 4.07 -9.82 -10.45
CA GLU A 49 5.17 -10.14 -9.50
C GLU A 49 5.15 -11.63 -9.16
N ALA A 50 6.17 -12.11 -8.50
CA ALA A 50 6.22 -13.56 -8.13
C ALA A 50 6.82 -13.69 -6.72
N GLY A 51 6.64 -12.68 -5.90
CA GLY A 51 7.19 -12.75 -4.51
C GLY A 51 6.39 -11.83 -3.61
N VAL A 52 6.01 -12.29 -2.45
CA VAL A 52 5.22 -11.43 -1.53
C VAL A 52 6.13 -10.38 -0.89
N ARG A 53 7.31 -10.78 -0.47
CA ARG A 53 8.24 -9.81 0.16
C ARG A 53 8.27 -8.52 -0.67
N SER A 54 8.43 -8.64 -1.96
CA SER A 54 8.46 -7.43 -2.82
C SER A 54 7.08 -6.80 -2.85
N LEU A 55 6.05 -7.60 -3.00
CA LEU A 55 4.68 -7.03 -3.03
C LEU A 55 4.50 -6.13 -1.82
N GLU A 56 4.64 -6.68 -0.64
CA GLU A 56 4.50 -5.85 0.58
C GLU A 56 5.42 -4.64 0.48
N ARG A 57 6.61 -4.82 -0.04
CA ARG A 57 7.55 -3.67 -0.16
C ARG A 57 6.92 -2.59 -1.06
N GLN A 58 6.26 -2.99 -2.10
CA GLN A 58 5.61 -2.00 -3.00
C GLN A 58 4.54 -1.23 -2.22
N LEU A 59 3.72 -1.94 -1.49
CA LEU A 59 2.66 -1.24 -0.70
C LEU A 59 3.32 -0.35 0.35
N ALA A 60 4.26 -0.88 1.09
CA ALA A 60 4.95 -0.05 2.11
C ALA A 60 5.53 1.18 1.41
N ALA A 61 6.03 0.99 0.23
CA ALA A 61 6.63 2.13 -0.53
C ALA A 61 5.57 3.21 -0.78
N ILE A 62 4.48 2.88 -1.41
CA ILE A 62 3.44 3.91 -1.69
C ILE A 62 2.94 4.51 -0.37
N CYS A 63 2.71 3.69 0.62
CA CYS A 63 2.22 4.20 1.93
C CYS A 63 3.14 5.31 2.44
N ARG A 64 4.34 4.98 2.80
CA ARG A 64 5.28 6.02 3.32
C ARG A 64 5.53 7.08 2.24
N LYS A 65 5.76 6.69 1.03
CA LYS A 65 6.00 7.69 -0.05
C LYS A 65 4.98 8.81 0.14
N ALA A 66 3.78 8.44 0.49
CA ALA A 66 2.73 9.46 0.73
C ALA A 66 3.00 10.14 2.08
N ALA A 67 3.43 9.39 3.06
CA ALA A 67 3.72 10.01 4.39
C ALA A 67 4.62 11.23 4.19
N LYS A 68 5.57 11.14 3.30
CA LYS A 68 6.48 12.30 3.06
C LYS A 68 5.70 13.45 2.41
N ALA A 69 4.81 13.13 1.50
CA ALA A 69 4.02 14.19 0.84
C ALA A 69 3.33 15.06 1.89
N ILE A 70 3.39 14.67 3.13
CA ILE A 70 2.74 15.48 4.21
C ILE A 70 3.14 16.94 4.06
N VAL A 71 4.15 17.21 3.27
CA VAL A 71 4.58 18.63 3.08
C VAL A 71 3.45 19.44 2.46
N ALA A 72 2.56 18.80 1.76
CA ALA A 72 1.42 19.53 1.14
C ALA A 72 0.58 20.20 2.23
N GLU A 73 -0.64 20.52 1.93
CA GLU A 73 -1.51 21.17 2.96
C GLU A 73 -1.50 20.33 4.23
N GLU A 74 -1.16 20.93 5.34
CA GLU A 74 -1.13 20.16 6.62
C GLU A 74 -2.49 19.50 6.85
N ARG A 75 -2.52 18.20 6.90
CA ARG A 75 -3.82 17.49 7.12
C ARG A 75 -3.56 16.16 7.83
N LYS A 76 -2.35 15.68 7.79
CA LYS A 76 -2.03 14.40 8.47
C LYS A 76 -3.02 13.31 8.01
N ARG A 77 -2.81 12.09 8.44
CA ARG A 77 -3.73 11.00 8.04
C ARG A 77 -3.78 10.91 6.51
N ILE A 78 -3.06 9.99 5.94
CA ILE A 78 -3.08 9.86 4.45
C ILE A 78 -4.23 8.95 4.03
N THR A 79 -5.24 9.50 3.42
CA THR A 79 -6.40 8.67 2.99
C THR A 79 -6.11 8.09 1.60
N VAL A 80 -6.30 6.81 1.43
CA VAL A 80 -6.03 6.19 0.10
C VAL A 80 -7.28 5.45 -0.39
N THR A 81 -7.80 5.84 -1.52
CA THR A 81 -9.02 5.17 -2.07
C THR A 81 -8.60 4.29 -3.25
N GLU A 82 -9.16 4.53 -4.41
CA GLU A 82 -8.80 3.72 -5.60
C GLU A 82 -8.12 4.62 -6.65
N LYS A 83 -8.18 5.91 -6.44
CA LYS A 83 -7.54 6.85 -7.40
C LYS A 83 -6.31 7.49 -6.75
N ASN A 84 -6.28 7.54 -5.45
CA ASN A 84 -5.11 8.15 -4.75
C ASN A 84 -3.87 7.30 -5.02
N LEU A 85 -4.00 6.00 -5.01
CA LEU A 85 -2.82 5.13 -5.27
C LEU A 85 -2.17 5.56 -6.58
N GLN A 86 -2.96 5.89 -7.56
CA GLN A 86 -2.39 6.32 -8.86
C GLN A 86 -1.58 7.61 -8.68
N ASP A 87 -2.05 8.51 -7.87
CA ASP A 87 -1.30 9.78 -7.64
C ASP A 87 0.04 9.49 -6.98
N PHE A 88 0.06 8.59 -6.04
CA PHE A 88 1.35 8.26 -5.35
C PHE A 88 2.22 7.42 -6.27
N ILE A 89 1.66 6.45 -6.92
CA ILE A 89 2.46 5.57 -7.82
C ILE A 89 2.68 6.29 -9.16
N GLY A 90 1.63 6.78 -9.78
CA GLY A 90 1.78 7.49 -11.08
C GLY A 90 2.23 6.51 -12.16
N LYS A 91 1.68 5.32 -12.18
CA LYS A 91 2.07 4.33 -13.23
C LYS A 91 0.86 3.44 -13.56
N ARG A 92 0.89 2.80 -14.70
CA ARG A 92 -0.26 1.92 -15.08
C ARG A 92 0.19 1.00 -16.22
N ILE A 93 0.11 -0.29 -16.03
CA ILE A 93 0.53 -1.25 -17.09
C ILE A 93 -0.69 -1.99 -17.62
N PHE A 94 -1.57 -2.43 -16.75
CA PHE A 94 -2.79 -3.16 -17.22
C PHE A 94 -3.89 -2.15 -17.55
N ARG A 95 -3.87 -1.59 -18.73
CA ARG A 95 -4.93 -0.60 -19.10
C ARG A 95 -6.22 -1.36 -19.43
N TYR A 96 -7.02 -1.67 -18.46
CA TYR A 96 -8.29 -2.40 -18.73
C TYR A 96 -7.97 -3.68 -19.50
N ALA A 2 6.50 -23.91 4.72
CA ALA A 2 7.11 -23.21 3.55
C ALA A 2 6.26 -23.44 2.31
N GLY A 3 5.59 -22.42 1.84
CA GLY A 3 4.72 -22.58 0.63
C GLY A 3 3.61 -21.54 0.65
N TYR A 4 3.93 -20.30 0.43
CA TYR A 4 2.89 -19.24 0.44
C TYR A 4 2.09 -19.30 -0.86
N THR A 5 0.81 -19.15 -0.79
CA THR A 5 -0.03 -19.20 -2.04
C THR A 5 -1.13 -18.15 -1.96
N GLU A 6 -2.09 -18.22 -2.84
CA GLU A 6 -3.20 -17.23 -2.82
C GLU A 6 -3.73 -17.09 -1.38
N ILE A 7 -4.02 -18.18 -0.74
CA ILE A 7 -4.54 -18.12 0.66
C ILE A 7 -3.53 -17.39 1.54
N GLU A 8 -2.30 -17.86 1.57
CA GLU A 8 -1.28 -17.19 2.41
C GLU A 8 -1.24 -15.70 2.07
N LYS A 9 -1.05 -15.37 0.82
CA LYS A 9 -1.01 -13.95 0.41
C LYS A 9 -2.21 -13.20 1.01
N LEU A 10 -3.37 -13.80 0.99
CA LEU A 10 -4.56 -13.12 1.55
C LEU A 10 -4.38 -12.95 3.06
N GLU A 11 -3.90 -13.97 3.73
CA GLU A 11 -3.70 -13.87 5.21
C GLU A 11 -2.76 -12.71 5.53
N ILE A 12 -1.59 -12.70 4.96
CA ILE A 12 -0.62 -11.59 5.25
C ILE A 12 -1.12 -10.29 4.63
N VAL A 13 -1.23 -10.24 3.33
CA VAL A 13 -1.69 -8.99 2.66
C VAL A 13 -2.81 -8.34 3.46
N LYS A 14 -3.70 -9.11 4.02
CA LYS A 14 -4.81 -8.49 4.80
C LYS A 14 -4.33 -8.15 6.21
N ASP A 15 -3.55 -9.01 6.83
CA ASP A 15 -3.07 -8.71 8.21
C ASP A 15 -2.00 -7.61 8.16
N HIS A 16 -0.82 -7.93 7.68
CA HIS A 16 0.28 -6.93 7.60
C HIS A 16 -0.27 -5.56 7.18
N LEU A 17 -1.25 -5.56 6.31
CA LEU A 17 -1.82 -4.26 5.81
C LEU A 17 -1.86 -3.21 6.93
N LEU A 18 -2.22 -3.57 8.12
CA LEU A 18 -2.30 -2.54 9.20
C LEU A 18 -0.91 -2.25 9.80
N PRO A 19 -0.33 -3.17 10.54
CA PRO A 19 1.00 -2.96 11.18
C PRO A 19 2.13 -2.66 10.18
N LYS A 20 2.25 -3.42 9.13
CA LYS A 20 3.35 -3.18 8.15
C LYS A 20 3.51 -1.68 7.88
N GLN A 21 2.47 -1.04 7.44
CA GLN A 21 2.56 0.42 7.12
C GLN A 21 2.44 1.24 8.41
N ILE A 22 1.47 0.96 9.24
CA ILE A 22 1.29 1.75 10.49
C ILE A 22 2.59 1.82 11.29
N LYS A 23 3.36 0.78 11.35
CA LYS A 23 4.61 0.83 12.15
C LYS A 23 5.65 1.76 11.52
N GLU A 24 6.38 1.29 10.55
CA GLU A 24 7.42 2.14 9.90
C GLU A 24 6.88 3.54 9.73
N HIS A 25 5.63 3.66 9.37
CA HIS A 25 5.02 5.00 9.18
C HIS A 25 4.58 5.53 10.56
N GLY A 26 4.10 4.66 11.40
CA GLY A 26 3.66 5.06 12.76
C GLY A 26 4.62 6.10 13.34
N LEU A 27 5.89 5.97 13.06
CA LEU A 27 6.88 6.95 13.60
C LEU A 27 6.24 8.34 13.64
N LYS A 28 5.47 8.68 12.64
CA LYS A 28 4.78 10.00 12.64
C LYS A 28 3.35 9.78 13.14
N LYS A 29 2.73 10.80 13.68
CA LYS A 29 1.33 10.63 14.19
C LYS A 29 0.52 9.81 13.18
N SER A 30 -0.52 9.15 13.63
CA SER A 30 -1.35 8.33 12.69
C SER A 30 -1.52 9.08 11.36
N ASN A 31 -0.68 8.79 10.41
CA ASN A 31 -0.77 9.50 9.09
C ASN A 31 -0.93 8.49 7.95
N LEU A 32 -1.88 7.60 8.05
CA LEU A 32 -2.08 6.61 6.96
C LEU A 32 -3.48 5.99 7.05
N GLN A 33 -4.19 5.96 5.96
CA GLN A 33 -5.56 5.36 5.96
C GLN A 33 -5.79 4.64 4.64
N LEU A 34 -5.40 3.39 4.55
CA LEU A 34 -5.58 2.61 3.29
C LEU A 34 -6.88 1.81 3.36
N ARG A 35 -7.68 1.88 2.33
CA ARG A 35 -8.95 1.10 2.33
C ARG A 35 -8.70 -0.29 1.76
N ASP A 36 -9.56 -1.23 2.03
CA ASP A 36 -9.36 -2.61 1.49
C ASP A 36 -9.40 -2.58 -0.04
N GLN A 37 -10.32 -1.83 -0.60
CA GLN A 37 -10.41 -1.76 -2.09
C GLN A 37 -9.07 -1.28 -2.67
N ALA A 38 -8.44 -0.34 -2.04
CA ALA A 38 -7.14 0.17 -2.57
C ALA A 38 -6.12 -0.97 -2.62
N ILE A 39 -5.63 -1.39 -1.48
CA ILE A 39 -4.63 -2.50 -1.45
C ILE A 39 -5.06 -3.61 -2.41
N LEU A 40 -6.33 -3.91 -2.46
CA LEU A 40 -6.81 -4.99 -3.37
C LEU A 40 -6.58 -4.56 -4.83
N ASP A 41 -6.82 -3.32 -5.13
CA ASP A 41 -6.65 -2.83 -6.53
C ASP A 41 -5.16 -2.80 -6.90
N ILE A 42 -4.37 -2.00 -6.22
CA ILE A 42 -2.92 -1.92 -6.56
C ILE A 42 -2.34 -3.31 -6.80
N ILE A 43 -2.73 -4.29 -6.03
CA ILE A 43 -2.18 -5.66 -6.23
C ILE A 43 -2.84 -6.30 -7.45
N ARG A 44 -4.12 -6.09 -7.63
CA ARG A 44 -4.83 -6.72 -8.79
C ARG A 44 -4.35 -6.11 -10.12
N TYR A 45 -4.12 -4.82 -10.16
CA TYR A 45 -3.69 -4.20 -11.44
C TYR A 45 -2.21 -4.48 -11.69
N TYR A 46 -1.41 -4.45 -10.65
CA TYR A 46 0.05 -4.70 -10.83
C TYR A 46 0.32 -6.20 -10.88
N THR A 47 0.02 -6.92 -9.82
CA THR A 47 0.27 -8.38 -9.82
C THR A 47 1.70 -8.64 -10.31
N ARG A 48 2.50 -7.62 -10.40
CA ARG A 48 3.90 -7.80 -10.87
C ARG A 48 4.85 -7.87 -9.67
N GLU A 49 4.47 -8.57 -8.65
CA GLU A 49 5.36 -8.69 -7.45
C GLU A 49 6.15 -9.98 -7.52
N ALA A 50 5.56 -11.05 -8.00
CA ALA A 50 6.29 -12.34 -8.10
C ALA A 50 6.96 -12.65 -6.76
N GLY A 51 6.19 -12.67 -5.70
CA GLY A 51 6.78 -12.96 -4.36
C GLY A 51 6.22 -11.97 -3.35
N VAL A 52 6.21 -12.33 -2.09
CA VAL A 52 5.67 -11.40 -1.05
C VAL A 52 6.68 -10.28 -0.79
N ARG A 53 7.95 -10.60 -0.73
CA ARG A 53 8.97 -9.55 -0.47
C ARG A 53 8.68 -8.32 -1.34
N SER A 54 8.56 -8.50 -2.62
CA SER A 54 8.28 -7.33 -3.51
C SER A 54 6.89 -6.79 -3.21
N LEU A 55 5.94 -7.65 -2.98
CA LEU A 55 4.57 -7.17 -2.67
C LEU A 55 4.64 -6.16 -1.54
N GLU A 56 5.11 -6.58 -0.40
CA GLU A 56 5.22 -5.66 0.75
C GLU A 56 6.05 -4.42 0.35
N ARG A 57 7.06 -4.60 -0.46
CA ARG A 57 7.89 -3.43 -0.87
C ARG A 57 7.04 -2.44 -1.68
N GLN A 58 6.20 -2.93 -2.54
CA GLN A 58 5.35 -2.01 -3.36
C GLN A 58 4.38 -1.26 -2.45
N LEU A 59 3.72 -1.95 -1.57
CA LEU A 59 2.76 -1.27 -0.65
C LEU A 59 3.54 -0.37 0.31
N ALA A 60 4.65 -0.83 0.78
CA ALA A 60 5.46 0.02 1.70
C ALA A 60 5.85 1.29 0.94
N ALA A 61 6.14 1.15 -0.33
CA ALA A 61 6.52 2.33 -1.15
C ALA A 61 5.36 3.33 -1.20
N ILE A 62 4.24 2.94 -1.75
CA ILE A 62 3.09 3.89 -1.82
C ILE A 62 2.73 4.38 -0.42
N CYS A 63 2.75 3.51 0.54
CA CYS A 63 2.40 3.92 1.93
C CYS A 63 3.28 5.10 2.37
N ARG A 64 4.54 4.86 2.61
CA ARG A 64 5.42 5.98 3.04
C ARG A 64 5.33 7.11 2.01
N LYS A 65 5.40 6.80 0.75
CA LYS A 65 5.31 7.88 -0.28
C LYS A 65 4.20 8.83 0.14
N ALA A 66 3.14 8.28 0.65
CA ALA A 66 2.01 9.13 1.13
C ALA A 66 2.43 9.81 2.44
N ALA A 67 3.14 9.11 3.28
CA ALA A 67 3.57 9.71 4.57
C ALA A 67 4.44 10.95 4.29
N LYS A 68 5.44 10.82 3.47
CA LYS A 68 6.31 11.99 3.17
C LYS A 68 5.46 13.15 2.67
N ALA A 69 4.46 12.87 1.89
CA ALA A 69 3.59 13.96 1.38
C ALA A 69 3.09 14.82 2.54
N ILE A 70 3.34 14.40 3.75
CA ILE A 70 2.87 15.20 4.92
C ILE A 70 3.33 16.65 4.77
N VAL A 71 4.43 16.86 4.10
CA VAL A 71 4.94 18.25 3.92
C VAL A 71 3.84 19.12 3.28
N ALA A 72 2.76 18.51 2.87
CA ALA A 72 1.66 19.29 2.24
C ALA A 72 0.92 20.09 3.31
N GLU A 73 -0.34 20.37 3.09
CA GLU A 73 -1.11 21.14 4.10
C GLU A 73 -1.44 20.24 5.30
N GLU A 74 -0.46 19.54 5.80
CA GLU A 74 -0.72 18.65 6.96
C GLU A 74 -1.90 17.73 6.66
N ARG A 75 -3.10 18.18 6.93
CA ARG A 75 -4.29 17.32 6.66
C ARG A 75 -4.33 16.16 7.65
N LYS A 76 -3.19 15.59 7.94
CA LYS A 76 -3.17 14.45 8.90
C LYS A 76 -4.05 13.31 8.38
N ARG A 77 -3.81 12.11 8.82
CA ARG A 77 -4.64 10.96 8.35
C ARG A 77 -4.78 11.03 6.82
N ILE A 78 -3.86 10.45 6.10
CA ILE A 78 -3.93 10.49 4.62
C ILE A 78 -4.77 9.31 4.11
N THR A 79 -5.90 9.59 3.51
CA THR A 79 -6.76 8.49 2.99
C THR A 79 -6.30 8.12 1.58
N VAL A 80 -6.07 6.86 1.33
CA VAL A 80 -5.60 6.44 -0.03
C VAL A 80 -6.76 5.78 -0.78
N THR A 81 -7.38 6.49 -1.69
CA THR A 81 -8.52 5.90 -2.46
C THR A 81 -8.00 5.43 -3.82
N GLU A 82 -8.75 4.61 -4.50
CA GLU A 82 -8.28 4.12 -5.83
C GLU A 82 -7.78 5.29 -6.67
N LYS A 83 -8.32 6.46 -6.45
CA LYS A 83 -7.86 7.64 -7.23
C LYS A 83 -6.49 8.08 -6.72
N ASN A 84 -6.42 8.53 -5.49
CA ASN A 84 -5.12 8.97 -4.92
C ASN A 84 -4.01 7.99 -5.34
N LEU A 85 -4.31 6.73 -5.40
CA LEU A 85 -3.29 5.72 -5.80
C LEU A 85 -2.38 6.28 -6.90
N GLN A 86 -2.96 6.68 -8.01
CA GLN A 86 -2.13 7.24 -9.11
C GLN A 86 -1.35 8.46 -8.61
N ASP A 87 -1.98 9.28 -7.82
CA ASP A 87 -1.28 10.50 -7.30
C ASP A 87 0.03 10.10 -6.62
N PHE A 88 0.04 9.00 -5.89
CA PHE A 88 1.29 8.58 -5.22
C PHE A 88 2.22 7.91 -6.23
N ILE A 89 1.78 6.83 -6.80
CA ILE A 89 2.62 6.12 -7.80
C ILE A 89 2.67 6.93 -9.10
N GLY A 90 1.54 7.13 -9.73
CA GLY A 90 1.53 7.92 -11.00
C GLY A 90 0.55 7.27 -11.99
N LYS A 91 0.71 6.00 -12.25
CA LYS A 91 -0.20 5.31 -13.21
C LYS A 91 -0.26 3.82 -12.88
N ARG A 92 -0.98 3.05 -13.67
CA ARG A 92 -1.08 1.59 -13.42
C ARG A 92 -0.36 0.83 -14.53
N ILE A 93 -0.32 -0.48 -14.44
CA ILE A 93 0.37 -1.28 -15.50
C ILE A 93 -0.66 -1.81 -16.49
N PHE A 94 -1.40 -2.82 -16.12
CA PHE A 94 -2.42 -3.39 -17.05
C PHE A 94 -3.69 -2.54 -16.98
N ARG A 95 -4.10 -1.98 -18.09
CA ARG A 95 -5.34 -1.15 -18.11
C ARG A 95 -6.44 -1.88 -18.86
N TYR A 96 -7.05 -2.86 -18.24
CA TYR A 96 -8.13 -3.61 -18.92
C TYR A 96 -7.56 -4.39 -20.11
N ALA A 2 8.82 -20.59 -2.22
CA ALA A 2 8.24 -20.57 -3.58
C ALA A 2 6.93 -21.35 -3.59
N GLY A 3 6.00 -20.96 -2.77
CA GLY A 3 4.69 -21.68 -2.73
C GLY A 3 3.64 -20.81 -2.03
N TYR A 4 3.49 -19.59 -2.48
CA TYR A 4 2.49 -18.68 -1.84
C TYR A 4 1.11 -18.94 -2.46
N THR A 5 0.26 -19.65 -1.76
CA THR A 5 -1.10 -19.92 -2.31
C THR A 5 -1.94 -18.64 -2.26
N GLU A 6 -2.83 -18.46 -3.19
CA GLU A 6 -3.67 -17.24 -3.19
C GLU A 6 -4.23 -16.99 -1.79
N ILE A 7 -4.66 -18.03 -1.12
CA ILE A 7 -5.21 -17.85 0.25
C ILE A 7 -4.15 -17.25 1.17
N GLU A 8 -2.99 -17.87 1.24
CA GLU A 8 -1.92 -17.33 2.12
C GLU A 8 -1.70 -15.84 1.81
N LYS A 9 -1.40 -15.53 0.59
CA LYS A 9 -1.18 -14.11 0.21
C LYS A 9 -2.34 -13.24 0.71
N LEU A 10 -3.54 -13.74 0.61
CA LEU A 10 -4.70 -12.93 1.08
C LEU A 10 -4.64 -12.77 2.59
N GLU A 11 -4.31 -13.82 3.30
CA GLU A 11 -4.22 -13.74 4.78
C GLU A 11 -3.20 -12.68 5.19
N ILE A 12 -2.02 -12.73 4.64
CA ILE A 12 -0.98 -11.72 5.01
C ILE A 12 -1.29 -10.39 4.33
N VAL A 13 -1.23 -10.33 3.04
CA VAL A 13 -1.51 -9.06 2.31
C VAL A 13 -2.66 -8.31 2.97
N LYS A 14 -3.67 -9.01 3.43
CA LYS A 14 -4.82 -8.31 4.06
C LYS A 14 -4.53 -7.97 5.53
N ASP A 15 -3.90 -8.84 6.26
CA ASP A 15 -3.65 -8.57 7.71
C ASP A 15 -2.42 -7.67 7.93
N HIS A 16 -1.35 -7.90 7.22
CA HIS A 16 -0.12 -7.09 7.44
C HIS A 16 -0.29 -5.63 7.00
N LEU A 17 -0.97 -5.37 5.92
CA LEU A 17 -1.13 -3.96 5.43
C LEU A 17 -1.31 -2.98 6.60
N LEU A 18 -2.04 -3.36 7.62
CA LEU A 18 -2.28 -2.41 8.74
C LEU A 18 -0.99 -2.19 9.56
N PRO A 19 -0.53 -3.19 10.27
CA PRO A 19 0.70 -3.08 11.12
C PRO A 19 1.96 -2.78 10.31
N LYS A 20 2.18 -3.50 9.25
CA LYS A 20 3.42 -3.28 8.43
C LYS A 20 3.60 -1.78 8.15
N GLN A 21 2.59 -1.11 7.69
CA GLN A 21 2.72 0.33 7.38
C GLN A 21 2.60 1.18 8.66
N ILE A 22 1.59 0.96 9.45
CA ILE A 22 1.42 1.76 10.69
C ILE A 22 2.72 1.83 11.49
N LYS A 23 3.47 0.77 11.55
CA LYS A 23 4.73 0.81 12.36
C LYS A 23 5.75 1.77 11.71
N GLU A 24 6.44 1.33 10.70
CA GLU A 24 7.44 2.22 10.04
C GLU A 24 6.84 3.62 9.88
N HIS A 25 5.59 3.68 9.57
CA HIS A 25 4.92 4.99 9.39
C HIS A 25 4.55 5.55 10.76
N GLY A 26 4.11 4.70 11.65
CA GLY A 26 3.73 5.15 13.03
C GLY A 26 4.74 6.17 13.54
N LEU A 27 6.00 5.99 13.23
CA LEU A 27 7.04 6.95 13.71
C LEU A 27 6.47 8.37 13.66
N LYS A 28 5.73 8.69 12.64
CA LYS A 28 5.12 10.04 12.54
C LYS A 28 3.66 9.95 12.98
N LYS A 29 3.03 11.08 13.20
CA LYS A 29 1.60 11.04 13.64
C LYS A 29 0.82 10.06 12.77
N SER A 30 -0.26 9.53 13.27
CA SER A 30 -1.06 8.56 12.46
C SER A 30 -1.23 9.10 11.04
N ASN A 31 -0.36 8.72 10.14
CA ASN A 31 -0.45 9.21 8.73
C ASN A 31 -0.78 8.06 7.78
N LEU A 32 -1.86 7.37 8.03
CA LEU A 32 -2.21 6.23 7.12
C LEU A 32 -3.70 5.87 7.28
N GLN A 33 -4.47 6.02 6.23
CA GLN A 33 -5.92 5.66 6.31
C GLN A 33 -6.34 5.04 4.98
N LEU A 34 -6.24 3.75 4.84
CA LEU A 34 -6.62 3.09 3.56
C LEU A 34 -7.45 1.84 3.85
N ARG A 35 -8.26 1.44 2.91
CA ARG A 35 -9.11 0.23 3.11
C ARG A 35 -8.47 -0.96 2.39
N ASP A 36 -8.76 -2.16 2.82
CA ASP A 36 -8.17 -3.35 2.14
C ASP A 36 -8.40 -3.24 0.63
N GLN A 37 -9.55 -2.78 0.23
CA GLN A 37 -9.84 -2.64 -1.23
C GLN A 37 -8.68 -1.93 -1.93
N ALA A 38 -8.18 -0.87 -1.33
CA ALA A 38 -7.05 -0.11 -1.95
C ALA A 38 -5.96 -1.08 -2.40
N ILE A 39 -5.14 -1.53 -1.50
CA ILE A 39 -4.04 -2.47 -1.86
C ILE A 39 -4.57 -3.56 -2.79
N LEU A 40 -5.71 -4.12 -2.49
CA LEU A 40 -6.29 -5.19 -3.36
C LEU A 40 -6.24 -4.73 -4.82
N ASP A 41 -6.77 -3.58 -5.10
CA ASP A 41 -6.77 -3.07 -6.52
C ASP A 41 -5.32 -2.83 -6.98
N ILE A 42 -4.49 -2.31 -6.13
CA ILE A 42 -3.08 -2.04 -6.54
C ILE A 42 -2.45 -3.30 -7.14
N ILE A 43 -2.08 -4.25 -6.32
CA ILE A 43 -1.43 -5.50 -6.81
C ILE A 43 -2.19 -6.07 -8.02
N ARG A 44 -3.50 -6.15 -7.94
CA ARG A 44 -4.28 -6.71 -9.08
C ARG A 44 -4.05 -5.88 -10.35
N TYR A 45 -3.98 -4.58 -10.21
CA TYR A 45 -3.78 -3.71 -11.40
C TYR A 45 -2.43 -4.02 -12.04
N TYR A 46 -1.42 -4.27 -11.24
CA TYR A 46 -0.09 -4.58 -11.81
C TYR A 46 0.79 -5.22 -10.75
N THR A 47 0.44 -6.40 -10.31
CA THR A 47 1.26 -7.09 -9.27
C THR A 47 2.68 -7.32 -9.81
N ARG A 48 2.77 -7.92 -10.96
CA ARG A 48 4.11 -8.19 -11.58
C ARG A 48 5.18 -8.41 -10.51
N GLU A 49 4.98 -9.36 -9.63
CA GLU A 49 5.99 -9.62 -8.57
C GLU A 49 6.00 -11.11 -8.23
N ALA A 50 7.16 -11.72 -8.24
CA ALA A 50 7.26 -13.17 -7.92
C ALA A 50 7.72 -13.34 -6.46
N GLY A 51 7.04 -12.72 -5.54
CA GLY A 51 7.43 -12.84 -4.12
C GLY A 51 6.64 -11.84 -3.28
N VAL A 52 6.37 -12.16 -2.05
CA VAL A 52 5.60 -11.23 -1.18
C VAL A 52 6.51 -10.13 -0.65
N ARG A 53 7.69 -10.48 -0.20
CA ARG A 53 8.63 -9.46 0.34
C ARG A 53 8.58 -8.21 -0.55
N SER A 54 8.92 -8.35 -1.80
CA SER A 54 8.90 -7.18 -2.71
C SER A 54 7.50 -6.55 -2.69
N LEU A 55 6.49 -7.36 -2.74
CA LEU A 55 5.09 -6.82 -2.71
C LEU A 55 4.98 -5.85 -1.53
N GLU A 56 5.20 -6.33 -0.35
CA GLU A 56 5.11 -5.45 0.85
C GLU A 56 5.94 -4.18 0.59
N ARG A 57 7.07 -4.30 -0.04
CA ARG A 57 7.92 -3.10 -0.30
C ARG A 57 7.16 -2.12 -1.21
N GLN A 58 6.47 -2.63 -2.19
CA GLN A 58 5.71 -1.73 -3.10
C GLN A 58 4.60 -1.02 -2.32
N LEU A 59 3.90 -1.75 -1.49
CA LEU A 59 2.80 -1.13 -0.69
C LEU A 59 3.41 -0.11 0.27
N ALA A 60 4.43 -0.50 0.97
CA ALA A 60 5.08 0.46 1.92
C ALA A 60 5.56 1.66 1.12
N ALA A 61 6.06 1.42 -0.06
CA ALA A 61 6.57 2.53 -0.92
C ALA A 61 5.46 3.57 -1.16
N ILE A 62 4.31 3.15 -1.63
CA ILE A 62 3.22 4.14 -1.89
C ILE A 62 2.81 4.82 -0.58
N CYS A 63 2.54 4.06 0.44
CA CYS A 63 2.13 4.66 1.74
C CYS A 63 3.16 5.70 2.19
N ARG A 64 4.31 5.28 2.61
CA ARG A 64 5.34 6.25 3.07
C ARG A 64 5.56 7.31 1.99
N LYS A 65 5.72 6.90 0.75
CA LYS A 65 5.91 7.92 -0.32
C LYS A 65 4.95 9.06 -0.04
N ALA A 66 3.77 8.71 0.39
CA ALA A 66 2.77 9.74 0.74
C ALA A 66 3.18 10.40 2.06
N ALA A 67 3.70 9.63 2.99
CA ALA A 67 4.12 10.23 4.29
C ALA A 67 5.16 11.32 4.04
N LYS A 68 6.11 11.05 3.19
CA LYS A 68 7.16 12.07 2.90
C LYS A 68 6.49 13.40 2.56
N ALA A 69 5.42 13.35 1.81
CA ALA A 69 4.70 14.60 1.43
C ALA A 69 4.07 15.23 2.66
N ILE A 70 4.34 14.71 3.83
CA ILE A 70 3.73 15.29 5.06
C ILE A 70 3.97 16.80 5.07
N VAL A 71 4.95 17.27 4.35
CA VAL A 71 5.22 18.74 4.31
C VAL A 71 4.34 19.39 3.24
N ALA A 72 4.21 18.75 2.11
CA ALA A 72 3.37 19.34 1.02
C ALA A 72 1.93 18.85 1.17
N GLU A 73 1.06 19.21 0.26
CA GLU A 73 -0.35 18.76 0.34
C GLU A 73 -0.88 19.01 1.75
N GLU A 74 -1.96 18.37 2.12
CA GLU A 74 -2.53 18.57 3.48
C GLU A 74 -1.72 17.76 4.50
N ARG A 75 -1.75 18.16 5.74
CA ARG A 75 -0.99 17.42 6.79
C ARG A 75 -1.97 16.62 7.67
N LYS A 76 -2.50 15.54 7.16
CA LYS A 76 -3.46 14.74 7.97
C LYS A 76 -3.34 13.26 7.58
N ARG A 77 -4.26 12.46 8.03
CA ARG A 77 -4.22 11.00 7.70
C ARG A 77 -4.33 10.82 6.18
N ILE A 78 -3.34 10.22 5.57
CA ILE A 78 -3.39 10.02 4.09
C ILE A 78 -4.54 9.06 3.78
N THR A 79 -5.65 9.57 3.32
CA THR A 79 -6.80 8.69 3.00
C THR A 79 -6.60 8.08 1.62
N VAL A 80 -6.81 6.78 1.50
CA VAL A 80 -6.63 6.11 0.18
C VAL A 80 -7.75 5.10 -0.04
N THR A 81 -8.68 5.40 -0.91
CA THR A 81 -9.79 4.45 -1.19
C THR A 81 -9.38 3.50 -2.30
N GLU A 82 -9.64 3.86 -3.53
CA GLU A 82 -9.25 2.97 -4.67
C GLU A 82 -8.95 3.83 -5.90
N LYS A 83 -8.44 5.02 -5.69
CA LYS A 83 -8.13 5.91 -6.84
C LYS A 83 -6.92 6.78 -6.49
N ASN A 84 -6.94 7.37 -5.33
CA ASN A 84 -5.79 8.24 -4.92
C ASN A 84 -4.49 7.44 -5.09
N LEU A 85 -4.50 6.19 -4.74
CA LEU A 85 -3.27 5.37 -4.88
C LEU A 85 -2.73 5.53 -6.31
N GLN A 86 -3.60 5.52 -7.28
CA GLN A 86 -3.15 5.68 -8.69
C GLN A 86 -2.36 6.98 -8.81
N ASP A 87 -2.81 8.02 -8.15
CA ASP A 87 -2.09 9.31 -8.23
C ASP A 87 -0.71 9.16 -7.58
N PHE A 88 -0.63 8.44 -6.49
CA PHE A 88 0.70 8.24 -5.83
C PHE A 88 1.58 7.39 -6.73
N ILE A 89 1.01 6.39 -7.33
CA ILE A 89 1.78 5.49 -8.22
C ILE A 89 2.01 6.19 -9.57
N GLY A 90 0.95 6.53 -10.26
CA GLY A 90 1.11 7.21 -11.58
C GLY A 90 0.16 6.58 -12.61
N LYS A 91 0.45 5.37 -13.02
CA LYS A 91 -0.43 4.70 -14.03
C LYS A 91 -0.41 3.19 -13.79
N ARG A 92 -1.33 2.47 -14.38
CA ARG A 92 -1.37 1.00 -14.19
C ARG A 92 -0.65 0.31 -15.36
N ILE A 93 -0.35 -0.95 -15.22
CA ILE A 93 0.35 -1.69 -16.32
C ILE A 93 -0.67 -2.53 -17.11
N PHE A 94 -1.21 -3.55 -16.51
CA PHE A 94 -2.20 -4.39 -17.25
C PHE A 94 -3.46 -3.56 -17.55
N ARG A 95 -3.51 -2.95 -18.70
CA ARG A 95 -4.71 -2.13 -19.05
C ARG A 95 -5.62 -2.92 -19.99
N TYR A 96 -6.28 -3.92 -19.47
CA TYR A 96 -7.18 -4.74 -20.34
C TYR A 96 -8.47 -3.96 -20.60
#